data_6E7S
#
_entry.id   6E7S
#
_cell.length_a   268.430
_cell.length_b   60.633
_cell.length_c   145.391
_cell.angle_alpha   90.000
_cell.angle_beta   116.420
_cell.angle_gamma   90.000
#
_symmetry.space_group_name_H-M   'C 1 2 1'
#
loop_
_entity.id
_entity.type
_entity.pdbx_description
1 polymer 'Glutamate receptor ionotropic, NMDA 1'
2 polymer 'Glutamate receptor ionotropic, NMDA 2B'
3 branched alpha-D-mannopyranose-(1-3)-[alpha-D-mannopyranose-(1-6)]beta-D-mannopyranose-(1-4)-2-acetamido-2-deoxy-beta-D-glucopyranose-(1-4)-2-acetamido-2-deoxy-beta-D-glucopyranose
4 branched 2-acetamido-2-deoxy-beta-D-glucopyranose-(1-4)-2-acetamido-2-deoxy-beta-D-glucopyranose
5 non-polymer 2-acetamido-2-deoxy-beta-D-glucopyranose
6 non-polymer 'SODIUM ION'
7 non-polymer 'CHLORIDE ION'
8 non-polymer N-{4-[(2S)-3-{[2-(3,4-dichlorophenyl)ethyl](ethyl)amino}-2-hydroxypropoxy]phenyl}methanesulfonamide
9 water water
#
loop_
_entity_poly.entity_id
_entity_poly.type
_entity_poly.pdbx_seq_one_letter_code
_entity_poly.pdbx_strand_id
1 'polypeptide(L)'
;DPKIVNIGAVLSTKKHEQIFREAVNQANKRHFTRKIQLQATSVTHRPNAIQMALSVCEDLISSQVYAILVSHPPAPTDHL
TPTPISYTAGFYRIPVIGLTTRMSIYSDKSIHLSFLRTVPPYSHQALVWFEMMRLFNWNHVILIVSDDHEGRAAQKKLET
LLEGKESKSKKRNYENLDQLSYDNKRGPKADKVLQFEPGTKNLTALLLEAKELEARVIILSASEDDATAVYKSAAMLDMT
GAGYVWLVGEREISGSALRYAPDGIIGLQLINGKNESAHISDAVAVVAQAIHELFEMENITDPPRGCVGNTNIWKTGPLF
KRVLMSSKYPDGVTGRIEFNEDGDRKFAQYSIMNLQNRKLVQVGIFNGSYIIQNDRKIIWPGGET
;
A,C
2 'polypeptide(L)'
;PPSIGIAVILVGTSDEVAIKDAHEKDDFHHLSVVPRVELVAMNETDPKSIITRICDLMSDRKIQGVVFADDTDQEAIAQI
LDFISAQTLTPILGIHGGSSMIMADKDESSMFFQFGPSIEQQASVMLNIMEEYDWYIFSIVTTYFPGYQDFVNKIRSTIE
NSFVGWELEEVLLLDMSLDDGDSKIQNQLKKLQSPIILLYCTKEEATYIFEVANSVGLTGYGYTWIVPSLVAGDTDTVPS
EFPTGLISVSYDEWDYGLPARVRDGIAIITTAASDMLSEHSFIPEPKSSCYNTHEKRIYQSNMLNRYLINVTFEGRDLSF
SEDGYQMHPKLVIILLNKERKWERVGKWKDKSLQMKYYVWPRM
;
B,D
#
# COMPACT_ATOMS: atom_id res chain seq x y z
N ASP A 1 40.24 -46.26 -6.02
CA ASP A 1 39.41 -45.07 -5.64
C ASP A 1 40.25 -43.80 -5.63
N PRO A 2 39.95 -42.88 -6.56
CA PRO A 2 40.46 -41.52 -6.50
C PRO A 2 39.62 -40.63 -5.60
N LYS A 3 40.08 -39.40 -5.38
CA LYS A 3 39.34 -38.43 -4.58
C LYS A 3 38.39 -37.62 -5.45
N ILE A 4 37.11 -37.64 -5.10
CA ILE A 4 36.09 -36.99 -5.92
C ILE A 4 35.98 -35.52 -5.56
N VAL A 5 36.16 -34.67 -6.55
CA VAL A 5 36.07 -33.22 -6.37
C VAL A 5 34.91 -32.65 -7.17
N ASN A 6 33.89 -32.16 -6.47
CA ASN A 6 32.67 -31.71 -7.12
C ASN A 6 32.85 -30.31 -7.69
N ILE A 7 32.48 -30.14 -8.96
CA ILE A 7 32.22 -28.82 -9.51
C ILE A 7 30.71 -28.57 -9.53
N GLY A 8 30.31 -27.34 -9.25
CA GLY A 8 28.91 -26.97 -9.22
C GLY A 8 28.52 -26.10 -10.41
N ALA A 9 27.23 -26.01 -10.67
CA ALA A 9 26.73 -25.17 -11.75
C ALA A 9 25.26 -24.82 -11.53
N VAL A 10 24.95 -23.53 -11.57
CA VAL A 10 23.59 -23.06 -11.77
C VAL A 10 23.38 -22.63 -13.22
N LEU A 11 22.63 -23.42 -13.96
CA LEU A 11 22.50 -23.21 -15.40
C LEU A 11 21.03 -23.07 -15.79
N SER A 12 20.79 -22.78 -17.06
CA SER A 12 19.54 -22.14 -17.46
C SER A 12 18.48 -23.18 -17.82
N THR A 13 18.90 -24.32 -18.35
CA THR A 13 17.98 -25.41 -18.69
C THR A 13 18.57 -26.76 -18.33
N LYS A 14 17.79 -27.81 -18.52
CA LYS A 14 18.27 -29.18 -18.30
C LYS A 14 19.19 -29.63 -19.42
N LYS A 15 18.98 -29.09 -20.62
CA LYS A 15 19.88 -29.37 -21.74
C LYS A 15 21.30 -28.90 -21.44
N HIS A 16 21.39 -27.76 -20.76
CA HIS A 16 22.69 -27.19 -20.41
C HIS A 16 23.30 -27.89 -19.20
N GLU A 17 22.45 -28.44 -18.35
CA GLU A 17 22.92 -29.30 -17.26
C GLU A 17 23.63 -30.51 -17.82
N GLN A 18 23.07 -31.07 -18.90
CA GLN A 18 23.62 -32.26 -19.52
C GLN A 18 24.94 -31.92 -20.22
N ILE A 19 25.03 -30.72 -20.77
CA ILE A 19 26.25 -30.25 -21.40
C ILE A 19 27.36 -30.10 -20.36
N PHE A 20 26.98 -29.63 -19.17
CA PHE A 20 27.93 -29.47 -18.08
C PHE A 20 28.44 -30.84 -17.62
N ARG A 21 27.51 -31.74 -17.35
CA ARG A 21 27.86 -33.11 -16.99
C ARG A 21 28.86 -33.68 -17.98
N GLU A 22 28.63 -33.42 -19.26
CA GLU A 22 29.39 -34.07 -20.32
C GLU A 22 30.77 -33.44 -20.45
N ALA A 23 30.85 -32.13 -20.22
CA ALA A 23 32.13 -31.42 -20.23
C ALA A 23 33.04 -31.97 -19.14
N VAL A 24 32.46 -32.27 -17.98
CA VAL A 24 33.22 -32.76 -16.85
C VAL A 24 33.68 -34.18 -17.09
N ASN A 25 32.83 -34.98 -17.73
CA ASN A 25 33.20 -36.33 -18.13
C ASN A 25 34.42 -36.30 -19.06
N GLN A 26 34.45 -35.32 -19.95
CA GLN A 26 35.55 -35.19 -20.89
C GLN A 26 36.82 -34.70 -20.19
N ALA A 27 36.65 -33.82 -19.22
CA ALA A 27 37.77 -33.34 -18.42
C ALA A 27 38.45 -34.51 -17.70
N ASN A 28 37.64 -35.45 -17.25
CA ASN A 28 38.15 -36.62 -16.55
C ASN A 28 38.83 -37.57 -17.53
N LYS A 29 38.30 -37.66 -18.75
CA LYS A 29 38.90 -38.47 -19.79
C LYS A 29 40.22 -37.86 -20.24
N ARG A 30 40.22 -36.55 -20.40
CA ARG A 30 41.37 -35.85 -20.96
C ARG A 30 42.53 -35.81 -19.96
N HIS A 31 42.20 -35.71 -18.69
CA HIS A 31 43.20 -35.51 -17.64
C HIS A 31 43.65 -36.84 -17.05
N PHE A 32 44.78 -36.81 -16.35
CA PHE A 32 45.18 -37.90 -15.46
C PHE A 32 44.44 -37.81 -14.14
N THR A 33 43.63 -38.83 -13.84
CA THR A 33 42.65 -38.74 -12.77
C THR A 33 42.75 -39.94 -11.82
N ARG A 34 43.98 -40.31 -11.46
CA ARG A 34 44.18 -41.32 -10.44
C ARG A 34 44.13 -40.71 -9.05
N LYS A 35 44.57 -39.45 -8.93
CA LYS A 35 44.55 -38.75 -7.65
C LYS A 35 43.20 -38.08 -7.41
N ILE A 36 42.91 -37.04 -8.20
CA ILE A 36 41.62 -36.36 -8.11
C ILE A 36 40.78 -36.60 -9.36
N GLN A 37 39.47 -36.68 -9.18
CA GLN A 37 38.55 -36.84 -10.30
C GLN A 37 37.29 -35.99 -10.08
N LEU A 38 36.91 -35.23 -11.09
CA LEU A 38 35.82 -34.26 -10.95
C LEU A 38 34.47 -34.95 -10.95
N GLN A 39 33.51 -34.37 -10.24
CA GLN A 39 32.11 -34.77 -10.32
C GLN A 39 31.21 -33.56 -10.51
N ALA A 40 30.31 -33.64 -11.49
CA ALA A 40 29.45 -32.52 -11.84
C ALA A 40 28.20 -32.51 -10.97
N THR A 41 27.93 -31.36 -10.34
CA THR A 41 26.72 -31.16 -9.57
C THR A 41 26.08 -29.85 -10.00
N SER A 42 24.80 -29.90 -10.35
CA SER A 42 24.20 -28.82 -11.12
C SER A 42 22.72 -28.64 -10.79
N VAL A 43 22.18 -27.54 -11.28
CA VAL A 43 20.86 -27.06 -10.86
C VAL A 43 20.47 -25.91 -11.78
N THR A 44 19.16 -25.72 -11.97
CA THR A 44 18.68 -24.58 -12.75
C THR A 44 18.26 -23.45 -11.82
N HIS A 45 18.21 -22.23 -12.36
CA HIS A 45 17.89 -21.06 -11.56
C HIS A 45 16.53 -21.21 -10.88
N ARG A 46 16.42 -20.67 -9.68
CA ARG A 46 15.15 -20.61 -8.97
C ARG A 46 14.45 -19.28 -9.24
N PRO A 47 13.13 -19.25 -9.09
CA PRO A 47 12.29 -18.14 -9.55
C PRO A 47 12.57 -16.83 -8.82
N ASN A 48 13.10 -16.92 -7.60
CA ASN A 48 13.48 -15.72 -6.85
C ASN A 48 14.72 -15.94 -6.00
N ALA A 49 15.22 -14.87 -5.40
CA ALA A 49 16.63 -14.76 -5.07
C ALA A 49 16.94 -15.42 -3.73
N ILE A 50 15.93 -15.51 -2.87
CA ILE A 50 16.05 -16.24 -1.61
C ILE A 50 16.04 -17.75 -1.87
N GLN A 51 15.07 -18.21 -2.65
CA GLN A 51 15.01 -19.60 -3.06
C GLN A 51 16.31 -20.04 -3.70
N MET A 52 16.95 -19.13 -4.42
CA MET A 52 18.18 -19.43 -5.15
C MET A 52 19.35 -19.57 -4.18
N ALA A 53 19.45 -18.64 -3.24
CA ALA A 53 20.49 -18.70 -2.22
C ALA A 53 20.39 -20.00 -1.43
N LEU A 54 19.16 -20.41 -1.14
CA LEU A 54 18.93 -21.64 -0.39
C LEU A 54 19.35 -22.86 -1.20
N SER A 55 19.06 -22.81 -2.49
CA SER A 55 19.35 -23.94 -3.38
C SER A 55 20.86 -24.14 -3.49
N VAL A 56 21.60 -23.04 -3.47
CA VAL A 56 23.05 -23.09 -3.47
C VAL A 56 23.54 -23.86 -2.25
N CYS A 57 22.92 -23.60 -1.11
CA CYS A 57 23.30 -24.27 0.14
C CYS A 57 22.90 -25.74 0.09
N GLU A 58 21.65 -26.01 -0.26
CA GLU A 58 21.07 -27.33 -0.10
C GLU A 58 21.59 -28.28 -1.18
N ASP A 59 21.74 -27.75 -2.39
CA ASP A 59 21.99 -28.59 -3.55
C ASP A 59 23.48 -28.63 -3.90
N LEU A 60 24.16 -27.51 -3.69
CA LEU A 60 25.51 -27.33 -4.23
C LEU A 60 26.56 -27.42 -3.13
N ILE A 61 26.53 -26.48 -2.19
CA ILE A 61 27.54 -26.42 -1.14
C ILE A 61 27.44 -27.63 -0.22
N SER A 62 26.28 -28.27 -0.22
CA SER A 62 26.09 -29.52 0.52
C SER A 62 26.92 -30.64 -0.10
N SER A 63 27.28 -30.49 -1.37
CA SER A 63 28.09 -31.48 -2.05
C SER A 63 29.55 -31.04 -2.10
N GLN A 64 29.87 -30.01 -1.34
CA GLN A 64 31.26 -29.55 -1.20
C GLN A 64 31.85 -29.23 -2.56
N VAL A 65 31.20 -28.31 -3.27
CA VAL A 65 31.70 -27.87 -4.56
C VAL A 65 32.89 -26.96 -4.39
N TYR A 66 33.91 -27.14 -5.23
CA TYR A 66 35.11 -26.31 -5.19
C TYR A 66 34.88 -25.02 -5.97
N ALA A 67 33.89 -25.04 -6.87
CA ALA A 67 33.58 -23.89 -7.71
C ALA A 67 32.18 -24.02 -8.28
N ILE A 68 31.59 -22.88 -8.63
CA ILE A 68 30.24 -22.88 -9.17
C ILE A 68 30.16 -22.07 -10.45
N LEU A 69 29.87 -22.76 -11.56
CA LEU A 69 29.54 -22.09 -12.82
C LEU A 69 28.13 -21.51 -12.76
N VAL A 70 27.96 -20.30 -13.28
CA VAL A 70 26.66 -19.64 -13.27
C VAL A 70 26.38 -18.94 -14.60
N SER A 71 25.21 -19.23 -15.16
CA SER A 71 24.76 -18.56 -16.38
C SER A 71 23.74 -17.46 -16.06
N HIS A 72 23.61 -16.52 -16.97
CA HIS A 72 22.42 -15.66 -17.02
C HIS A 72 21.25 -16.40 -17.63
N PRO A 73 20.13 -16.47 -16.90
CA PRO A 73 19.00 -17.33 -17.26
C PRO A 73 18.19 -16.77 -18.42
N PRO A 74 17.02 -17.36 -18.69
CA PRO A 74 16.12 -16.92 -19.76
C PRO A 74 15.10 -15.88 -19.29
N ALA A 75 14.81 -14.91 -20.15
CA ALA A 75 13.60 -14.10 -20.00
C ALA A 75 13.47 -13.59 -18.58
N HIS A 79 15.24 -10.82 -14.63
CA HIS A 79 15.13 -10.39 -13.24
C HIS A 79 15.94 -11.29 -12.31
N LEU A 80 16.46 -12.38 -12.85
CA LEU A 80 17.23 -13.35 -12.07
C LEU A 80 18.70 -13.27 -12.42
N THR A 81 19.50 -12.71 -11.51
CA THR A 81 20.93 -12.52 -11.76
C THR A 81 21.74 -13.61 -11.06
N PRO A 82 23.04 -13.65 -11.34
CA PRO A 82 23.97 -14.54 -10.63
C PRO A 82 24.16 -14.15 -9.17
N THR A 83 23.55 -13.03 -8.76
CA THR A 83 24.01 -12.30 -7.59
C THR A 83 23.90 -13.13 -6.32
N PRO A 84 22.76 -13.82 -6.15
CA PRO A 84 22.51 -14.61 -4.94
C PRO A 84 23.44 -15.82 -4.84
N ILE A 85 24.00 -16.22 -5.97
CA ILE A 85 24.96 -17.32 -5.99
C ILE A 85 26.36 -16.81 -5.64
N SER A 86 26.66 -15.60 -6.10
CA SER A 86 27.92 -14.96 -5.76
C SER A 86 27.95 -14.58 -4.29
N TYR A 87 26.81 -14.13 -3.78
CA TYR A 87 26.69 -13.77 -2.38
C TYR A 87 26.96 -14.96 -1.47
N THR A 88 26.24 -16.05 -1.72
CA THR A 88 26.29 -17.20 -0.83
C THR A 88 27.62 -17.93 -0.95
N ALA A 89 28.05 -18.16 -2.19
CA ALA A 89 29.32 -18.83 -2.44
C ALA A 89 30.47 -18.00 -1.86
N GLY A 90 30.33 -16.67 -1.92
CA GLY A 90 31.40 -15.77 -1.50
C GLY A 90 31.49 -15.72 0.02
N PHE A 91 30.37 -15.98 0.68
CA PHE A 91 30.36 -16.17 2.13
C PHE A 91 31.46 -17.16 2.54
N TYR A 92 31.70 -18.16 1.69
CA TYR A 92 32.63 -19.23 1.99
C TYR A 92 33.91 -19.10 1.17
N ARG A 93 33.94 -18.11 0.28
CA ARG A 93 35.08 -17.91 -0.61
C ARG A 93 35.20 -19.04 -1.62
N ILE A 94 34.05 -19.62 -1.97
CA ILE A 94 33.97 -20.52 -3.12
C ILE A 94 33.85 -19.74 -4.42
N PRO A 95 34.82 -19.92 -5.33
CA PRO A 95 34.87 -19.15 -6.57
C PRO A 95 33.65 -19.38 -7.46
N VAL A 96 33.07 -18.30 -7.96
CA VAL A 96 32.00 -18.38 -8.93
C VAL A 96 32.47 -17.93 -10.30
N ILE A 97 32.11 -18.71 -11.33
CA ILE A 97 32.47 -18.38 -12.71
C ILE A 97 31.23 -17.99 -13.50
N GLY A 98 31.06 -16.69 -13.71
CA GLY A 98 29.99 -16.19 -14.57
C GLY A 98 30.24 -16.53 -16.03
N LEU A 99 29.19 -16.99 -16.71
CA LEU A 99 29.34 -17.54 -18.06
C LEU A 99 28.93 -16.53 -19.12
N THR A 100 27.95 -15.68 -18.80
CA THR A 100 27.32 -14.83 -19.81
C THR A 100 26.94 -13.46 -19.27
N THR A 101 27.23 -13.21 -18.00
CA THR A 101 26.90 -11.94 -17.38
C THR A 101 27.94 -10.89 -17.72
N ARG A 102 27.46 -9.68 -18.02
CA ARG A 102 28.28 -8.69 -18.70
C ARG A 102 28.15 -7.29 -18.07
N MET A 103 27.28 -7.19 -17.06
CA MET A 103 27.23 -5.98 -16.25
C MET A 103 28.54 -5.78 -15.49
N SER A 104 28.95 -4.52 -15.38
CA SER A 104 30.29 -4.19 -14.88
C SER A 104 30.34 -4.29 -13.36
N ILE A 105 29.18 -4.36 -12.73
CA ILE A 105 29.08 -4.39 -11.27
C ILE A 105 29.72 -5.65 -10.70
N TYR A 106 29.82 -6.69 -11.52
CA TYR A 106 30.39 -7.95 -11.07
C TYR A 106 31.92 -7.92 -11.09
N SER A 107 32.47 -6.76 -11.43
CA SER A 107 33.91 -6.56 -11.37
C SER A 107 34.33 -5.89 -10.07
N ASP A 108 33.35 -5.62 -9.21
CA ASP A 108 33.60 -4.95 -7.93
C ASP A 108 33.85 -5.97 -6.82
N LYS A 109 35.04 -5.93 -6.25
CA LYS A 109 35.49 -6.98 -5.33
C LYS A 109 34.75 -6.89 -3.99
N SER A 110 34.44 -5.67 -3.58
CA SER A 110 33.69 -5.46 -2.34
C SER A 110 32.36 -6.18 -2.39
N ILE A 111 31.80 -6.30 -3.59
CA ILE A 111 30.47 -6.86 -3.76
C ILE A 111 30.54 -8.33 -4.16
N HIS A 112 31.50 -8.65 -5.02
CA HIS A 112 31.66 -10.01 -5.53
C HIS A 112 33.06 -10.54 -5.29
N LEU A 113 33.27 -11.14 -4.11
CA LEU A 113 34.60 -11.49 -3.63
C LEU A 113 35.31 -12.44 -4.60
N SER A 114 34.62 -13.52 -4.94
CA SER A 114 35.24 -14.64 -5.63
C SER A 114 34.55 -14.90 -6.96
N PHE A 115 34.64 -13.92 -7.86
CA PHE A 115 33.88 -13.97 -9.10
C PHE A 115 34.79 -13.76 -10.30
N LEU A 116 34.92 -14.80 -11.12
CA LEU A 116 35.46 -14.66 -12.45
C LEU A 116 34.37 -14.86 -13.48
N ARG A 117 34.59 -14.39 -14.70
CA ARG A 117 33.67 -14.66 -15.80
C ARG A 117 34.42 -14.81 -17.11
N THR A 118 33.87 -15.65 -17.99
CA THR A 118 34.51 -15.95 -19.27
C THR A 118 34.00 -15.03 -20.37
N VAL A 119 33.18 -14.07 -19.99
CA VAL A 119 32.87 -12.93 -20.86
C VAL A 119 33.27 -11.63 -20.20
N PRO A 120 33.67 -10.63 -21.00
CA PRO A 120 34.04 -9.32 -20.49
C PRO A 120 32.82 -8.49 -20.08
N PRO A 121 33.00 -7.60 -19.12
CA PRO A 121 31.98 -6.59 -18.83
C PRO A 121 31.79 -5.64 -20.00
N TYR A 122 30.60 -5.04 -20.10
CA TYR A 122 30.28 -4.12 -21.18
C TYR A 122 31.33 -3.01 -21.28
N SER A 123 31.89 -2.63 -20.14
CA SER A 123 32.77 -1.47 -20.08
C SER A 123 34.03 -1.71 -20.89
N HIS A 124 34.35 -2.97 -21.13
CA HIS A 124 35.60 -3.33 -21.82
C HIS A 124 35.49 -3.08 -23.33
N GLN A 125 34.29 -2.74 -23.78
CA GLN A 125 34.08 -2.35 -25.18
C GLN A 125 34.88 -1.09 -25.49
N ALA A 126 35.20 -0.32 -24.46
CA ALA A 126 36.02 0.87 -24.63
C ALA A 126 37.36 0.52 -25.28
N LEU A 127 37.83 -0.70 -25.04
CA LEU A 127 39.08 -1.17 -25.62
C LEU A 127 38.99 -1.19 -27.14
N VAL A 128 37.80 -1.51 -27.65
CA VAL A 128 37.57 -1.58 -29.08
C VAL A 128 37.38 -0.18 -29.67
N TRP A 129 36.57 0.63 -28.99
CA TRP A 129 36.41 2.03 -29.38
C TRP A 129 37.77 2.68 -29.56
N PHE A 130 38.65 2.49 -28.59
CA PHE A 130 39.93 3.18 -28.55
C PHE A 130 40.79 2.80 -29.75
N GLU A 131 40.73 1.53 -30.14
CA GLU A 131 41.49 1.05 -31.29
C GLU A 131 40.86 1.51 -32.60
N MET A 132 39.55 1.78 -32.56
CA MET A 132 38.86 2.36 -33.69
C MET A 132 39.22 3.83 -33.84
N MET A 133 39.46 4.49 -32.71
CA MET A 133 39.77 5.91 -32.72
C MET A 133 41.16 6.14 -33.31
N ARG A 134 42.07 5.22 -33.04
CA ARG A 134 43.41 5.28 -33.61
C ARG A 134 43.37 4.89 -35.09
N LEU A 135 42.52 3.94 -35.42
CA LEU A 135 42.42 3.43 -36.78
C LEU A 135 41.88 4.50 -37.72
N PHE A 136 40.76 5.11 -37.35
CA PHE A 136 40.10 6.09 -38.20
C PHE A 136 40.45 7.51 -37.78
N ASN A 137 41.43 7.63 -36.89
CA ASN A 137 42.01 8.94 -36.55
C ASN A 137 40.93 9.91 -36.08
N TRP A 138 40.02 9.42 -35.25
CA TRP A 138 39.16 10.29 -34.44
C TRP A 138 39.89 10.73 -33.18
N ASN A 139 40.43 11.94 -33.21
CA ASN A 139 41.25 12.43 -32.11
C ASN A 139 40.41 13.24 -31.14
N HIS A 140 39.22 13.64 -31.58
CA HIS A 140 38.33 14.45 -30.76
C HIS A 140 36.92 13.85 -30.74
N VAL A 141 36.52 13.35 -29.58
CA VAL A 141 35.24 12.65 -29.46
C VAL A 141 34.41 13.24 -28.32
N ILE A 142 33.09 13.15 -28.46
CA ILE A 142 32.18 13.45 -27.36
C ILE A 142 31.64 12.14 -26.79
N LEU A 143 31.64 12.04 -25.46
CA LEU A 143 31.19 10.81 -24.79
C LEU A 143 29.88 11.05 -24.07
N ILE A 144 28.84 10.33 -24.48
CA ILE A 144 27.56 10.35 -23.78
C ILE A 144 27.31 9.04 -23.06
N VAL A 145 27.16 9.10 -21.74
CA VAL A 145 26.88 7.91 -20.95
C VAL A 145 25.73 8.15 -19.98
N SER A 146 25.05 7.06 -19.61
CA SER A 146 24.01 7.12 -18.59
C SER A 146 24.62 7.22 -17.20
N ASP A 147 24.05 8.07 -16.36
CA ASP A 147 24.50 8.23 -14.98
C ASP A 147 24.03 7.05 -14.14
N ASP A 148 24.41 5.85 -14.53
CA ASP A 148 24.36 4.69 -13.64
C ASP A 148 25.70 3.97 -13.65
N HIS A 149 25.75 2.84 -12.95
CA HIS A 149 27.01 2.15 -12.71
C HIS A 149 27.67 1.76 -14.04
N GLU A 150 26.87 1.24 -14.96
CA GLU A 150 27.38 0.74 -16.22
C GLU A 150 27.92 1.88 -17.08
N GLY A 151 27.20 2.99 -17.06
CA GLY A 151 27.61 4.16 -17.84
C GLY A 151 28.92 4.74 -17.36
N ARG A 152 29.03 4.89 -16.05
CA ARG A 152 30.24 5.46 -15.44
C ARG A 152 31.41 4.49 -15.53
N ALA A 153 31.09 3.19 -15.56
CA ALA A 153 32.10 2.15 -15.78
C ALA A 153 32.75 2.30 -17.15
N ALA A 154 31.95 2.66 -18.14
CA ALA A 154 32.45 2.82 -19.51
C ALA A 154 33.29 4.09 -19.62
N GLN A 155 32.91 5.12 -18.88
CA GLN A 155 33.66 6.38 -18.88
C GLN A 155 35.00 6.20 -18.18
N LYS A 156 34.97 5.57 -17.01
CA LYS A 156 36.19 5.29 -16.27
C LYS A 156 37.18 4.52 -17.15
N LYS A 157 36.66 3.59 -17.93
CA LYS A 157 37.50 2.67 -18.69
C LYS A 157 38.11 3.34 -19.92
N LEU A 158 37.33 4.17 -20.59
CA LEU A 158 37.79 4.85 -21.80
C LEU A 158 38.75 5.98 -21.44
N GLU A 159 38.44 6.71 -20.37
CA GLU A 159 39.27 7.81 -19.92
C GLU A 159 40.64 7.31 -19.44
N THR A 160 40.64 6.09 -18.90
CA THR A 160 41.89 5.42 -18.55
C THR A 160 42.75 5.20 -19.79
N LEU A 161 42.11 4.78 -20.88
CA LEU A 161 42.84 4.46 -22.10
C LEU A 161 43.31 5.73 -22.80
N LEU A 162 42.60 6.83 -22.56
CA LEU A 162 42.94 8.11 -23.18
C LEU A 162 44.04 8.81 -22.40
N GLU A 163 43.97 8.75 -21.08
CA GLU A 163 45.06 9.19 -20.21
C GLU A 163 45.96 8.01 -19.85
N GLY A 164 46.54 7.38 -20.86
CA GLY A 164 47.28 6.14 -20.68
C GLY A 164 48.76 6.39 -20.42
N GLY A 187 47.66 11.79 -27.71
CA GLY A 187 46.85 10.85 -28.48
C GLY A 187 45.51 11.44 -28.87
N PRO A 188 44.46 10.61 -28.89
CA PRO A 188 43.07 11.05 -28.98
C PRO A 188 42.53 11.54 -27.65
N LYS A 189 41.57 12.47 -27.70
CA LYS A 189 41.05 13.11 -26.50
C LYS A 189 39.52 13.11 -26.52
N ALA A 190 38.92 13.10 -25.34
CA ALA A 190 37.49 13.36 -25.20
C ALA A 190 37.22 14.82 -24.90
N ASP A 191 36.63 15.52 -25.86
CA ASP A 191 36.44 16.97 -25.76
C ASP A 191 35.49 17.32 -24.62
N LYS A 192 34.56 16.42 -24.34
CA LYS A 192 33.62 16.61 -23.25
C LYS A 192 32.91 15.29 -22.95
N VAL A 193 32.52 15.11 -21.69
CA VAL A 193 31.73 13.95 -21.30
C VAL A 193 30.38 14.39 -20.74
N LEU A 194 29.31 13.86 -21.29
CA LEU A 194 27.96 14.25 -20.89
C LEU A 194 27.21 13.06 -20.31
N GLN A 195 26.58 13.27 -19.15
CA GLN A 195 25.83 12.22 -18.48
C GLN A 195 24.36 12.61 -18.36
N PHE A 196 23.48 11.63 -18.49
CA PHE A 196 22.05 11.86 -18.35
C PHE A 196 21.43 10.85 -17.37
N GLU A 197 20.33 11.25 -16.75
CA GLU A 197 19.66 10.39 -15.77
C GLU A 197 18.85 9.31 -16.46
N PRO A 198 19.21 8.04 -16.22
CA PRO A 198 18.53 6.91 -16.86
C PRO A 198 17.02 6.96 -16.66
N GLY A 199 16.28 6.88 -17.76
CA GLY A 199 14.83 6.99 -17.72
C GLY A 199 14.32 8.21 -18.47
N THR A 200 15.18 9.22 -18.59
CA THR A 200 14.79 10.47 -19.22
C THR A 200 14.46 10.23 -20.70
N LYS A 201 13.43 10.92 -21.18
CA LYS A 201 12.91 10.67 -22.52
C LYS A 201 13.18 11.85 -23.44
N ASN A 202 13.26 13.05 -22.86
CA ASN A 202 13.59 14.25 -23.61
C ASN A 202 15.02 14.69 -23.34
N LEU A 203 15.94 14.26 -24.20
CA LEU A 203 17.36 14.51 -23.98
C LEU A 203 17.85 15.64 -24.89
N THR A 204 16.94 16.52 -25.28
CA THR A 204 17.25 17.62 -26.16
C THR A 204 18.25 18.57 -25.51
N ALA A 205 18.08 18.79 -24.21
CA ALA A 205 19.00 19.63 -23.45
C ALA A 205 20.42 19.08 -23.53
N LEU A 206 20.56 17.78 -23.27
CA LEU A 206 21.86 17.13 -23.27
C LEU A 206 22.51 17.20 -24.65
N LEU A 207 21.72 16.91 -25.68
CA LEU A 207 22.26 16.72 -27.02
C LEU A 207 22.55 18.06 -27.69
N LEU A 208 21.87 19.11 -27.24
CA LEU A 208 22.16 20.47 -27.70
C LEU A 208 23.50 20.95 -27.14
N GLU A 209 23.84 20.48 -25.94
CA GLU A 209 25.13 20.76 -25.34
C GLU A 209 26.25 20.12 -26.16
N ALA A 210 25.97 18.93 -26.70
CA ALA A 210 26.96 18.20 -27.50
C ALA A 210 27.02 18.76 -28.92
N LYS A 211 25.92 19.36 -29.36
CA LYS A 211 25.82 19.87 -30.72
C LYS A 211 26.69 21.12 -30.89
N GLU A 212 26.88 21.85 -29.80
CA GLU A 212 27.53 23.16 -29.85
C GLU A 212 29.04 23.01 -29.97
N LEU A 213 29.54 21.83 -29.60
CA LEU A 213 30.96 21.55 -29.67
C LEU A 213 31.37 21.18 -31.09
N GLU A 214 32.66 21.30 -31.37
CA GLU A 214 33.18 21.11 -32.72
C GLU A 214 33.20 19.62 -33.08
N ALA A 215 33.50 18.79 -32.10
CA ALA A 215 33.68 17.36 -32.32
C ALA A 215 32.38 16.71 -32.78
N ARG A 216 32.46 15.91 -33.84
CA ARG A 216 31.28 15.31 -34.43
C ARG A 216 31.34 13.79 -34.34
N VAL A 217 32.23 13.28 -33.49
CA VAL A 217 32.26 11.86 -33.17
C VAL A 217 31.69 11.60 -31.79
N ILE A 218 30.63 10.81 -31.72
CA ILE A 218 29.86 10.66 -30.50
C ILE A 218 29.83 9.20 -30.07
N ILE A 219 30.33 8.93 -28.87
CA ILE A 219 30.31 7.60 -28.30
C ILE A 219 29.23 7.49 -27.23
N LEU A 220 28.49 6.39 -27.23
CA LEU A 220 27.33 6.24 -26.36
C LEU A 220 27.46 4.98 -25.52
N SER A 221 27.25 5.13 -24.21
CA SER A 221 26.95 3.99 -23.35
C SER A 221 25.61 4.17 -22.67
N ALA A 222 24.67 3.28 -22.98
CA ALA A 222 23.32 3.35 -22.44
C ALA A 222 22.66 1.98 -22.51
N SER A 223 21.63 1.80 -21.70
CA SER A 223 20.77 0.62 -21.82
C SER A 223 19.97 0.68 -23.12
N GLU A 224 19.23 -0.38 -23.41
CA GLU A 224 18.42 -0.45 -24.63
C GLU A 224 17.49 0.75 -24.73
N ASP A 225 16.77 1.03 -23.65
CA ASP A 225 15.65 1.96 -23.71
C ASP A 225 16.15 3.40 -23.64
N ASP A 226 17.30 3.59 -23.02
CA ASP A 226 17.89 4.92 -22.88
C ASP A 226 18.56 5.34 -24.19
N ALA A 227 19.14 4.38 -24.88
CA ALA A 227 19.72 4.62 -26.20
C ALA A 227 18.65 5.01 -27.21
N THR A 228 17.47 4.40 -27.08
CA THR A 228 16.34 4.77 -27.91
C THR A 228 16.00 6.24 -27.74
N ALA A 229 15.98 6.69 -26.49
CA ALA A 229 15.70 8.09 -26.19
C ALA A 229 16.71 9.00 -26.87
N VAL A 230 17.99 8.61 -26.78
CA VAL A 230 19.07 9.42 -27.34
C VAL A 230 18.96 9.51 -28.86
N TYR A 231 18.69 8.37 -29.49
CA TYR A 231 18.62 8.30 -30.95
C TYR A 231 17.53 9.22 -31.49
N LYS A 232 16.37 9.18 -30.85
CA LYS A 232 15.26 10.03 -31.26
C LYS A 232 15.62 11.51 -31.15
N SER A 233 16.02 11.93 -29.95
CA SER A 233 16.35 13.32 -29.71
C SER A 233 17.44 13.78 -30.68
N ALA A 234 18.41 12.91 -30.94
CA ALA A 234 19.50 13.22 -31.85
C ALA A 234 18.96 13.47 -33.25
N ALA A 235 17.94 12.70 -33.63
CA ALA A 235 17.37 12.79 -34.97
C ALA A 235 16.58 14.09 -35.13
N MET A 236 15.84 14.48 -34.10
CA MET A 236 15.15 15.76 -34.08
C MET A 236 16.13 16.91 -34.28
N LEU A 237 17.28 16.83 -33.64
CA LEU A 237 18.27 17.90 -33.68
C LEU A 237 19.20 17.72 -34.88
N ASP A 238 18.86 16.77 -35.74
CA ASP A 238 19.59 16.57 -36.99
C ASP A 238 21.07 16.31 -36.73
N MET A 239 21.36 15.37 -35.85
CA MET A 239 22.73 15.05 -35.49
C MET A 239 23.11 13.65 -35.95
N THR A 240 22.24 13.04 -36.76
CA THR A 240 22.48 11.69 -37.24
C THR A 240 22.80 11.70 -38.74
N GLY A 241 23.01 12.89 -39.29
CA GLY A 241 23.24 13.05 -40.72
C GLY A 241 24.71 12.95 -41.07
N ALA A 242 25.08 13.53 -42.22
CA ALA A 242 26.47 13.52 -42.67
C ALA A 242 27.32 14.39 -41.75
N GLY A 243 28.60 14.04 -41.64
CA GLY A 243 29.52 14.75 -40.75
C GLY A 243 29.63 14.08 -39.40
N TYR A 244 28.51 13.53 -38.92
CA TYR A 244 28.44 12.95 -37.58
C TYR A 244 28.79 11.47 -37.60
N VAL A 245 29.51 11.02 -36.59
CA VAL A 245 29.81 9.60 -36.43
C VAL A 245 29.32 9.09 -35.08
N TRP A 246 28.60 7.98 -35.09
CA TRP A 246 28.08 7.41 -33.85
C TRP A 246 28.72 6.05 -33.57
N LEU A 247 29.34 5.93 -32.40
CA LEU A 247 30.08 4.74 -32.04
C LEU A 247 29.61 4.22 -30.69
N VAL A 248 29.29 2.93 -30.64
CA VAL A 248 28.30 2.42 -29.72
C VAL A 248 28.65 0.98 -29.34
N GLY A 249 27.93 0.43 -28.37
CA GLY A 249 28.22 -0.92 -27.88
C GLY A 249 27.21 -1.92 -28.38
N GLU A 250 26.98 -2.96 -27.58
CA GLU A 250 26.09 -4.05 -27.97
C GLU A 250 24.66 -3.76 -27.53
N ARG A 251 24.51 -3.24 -26.31
CA ARG A 251 23.19 -2.96 -25.77
C ARG A 251 22.48 -1.92 -26.63
N GLU A 252 23.27 -1.02 -27.23
CA GLU A 252 22.71 0.15 -27.88
C GLU A 252 22.38 -0.15 -29.35
N ILE A 253 22.57 -1.41 -29.74
CA ILE A 253 22.02 -1.92 -31.00
C ILE A 253 21.37 -3.28 -30.81
N SER A 254 20.68 -3.46 -29.67
CA SER A 254 19.96 -4.70 -29.40
C SER A 254 18.47 -4.41 -29.21
N GLY A 255 17.64 -5.37 -29.61
CA GLY A 255 16.19 -5.26 -29.45
C GLY A 255 15.68 -3.87 -29.81
N SER A 256 15.07 -3.21 -28.85
CA SER A 256 14.35 -1.95 -29.10
C SER A 256 15.29 -0.90 -29.68
N ALA A 257 16.52 -0.87 -29.17
CA ALA A 257 17.46 0.18 -29.54
C ALA A 257 17.63 0.25 -31.05
N LEU A 258 17.44 -0.89 -31.71
CA LEU A 258 17.68 -0.98 -33.14
C LEU A 258 16.56 -0.31 -33.94
N ARG A 259 15.39 -0.17 -33.31
CA ARG A 259 14.19 0.26 -34.02
C ARG A 259 14.30 1.71 -34.45
N TYR A 260 15.09 2.50 -33.72
CA TYR A 260 15.17 3.93 -33.94
C TYR A 260 16.61 4.38 -34.17
N ALA A 261 17.52 3.42 -34.30
CA ALA A 261 18.93 3.71 -34.45
C ALA A 261 19.19 4.36 -35.80
N PRO A 262 19.99 5.44 -35.82
CA PRO A 262 20.35 6.06 -37.08
C PRO A 262 21.12 5.12 -37.99
N ASP A 263 20.97 5.28 -39.30
CA ASP A 263 21.77 4.54 -40.25
C ASP A 263 23.22 5.01 -40.20
N GLY A 264 24.15 4.08 -40.36
CA GLY A 264 25.57 4.40 -40.35
C GLY A 264 26.22 4.12 -39.00
N ILE A 265 25.40 4.02 -37.97
CA ILE A 265 25.89 3.77 -36.62
C ILE A 265 26.84 2.58 -36.62
N ILE A 266 27.89 2.67 -35.79
CA ILE A 266 28.79 1.55 -35.59
C ILE A 266 28.61 0.97 -34.18
N GLY A 267 28.47 -0.35 -34.11
CA GLY A 267 28.21 -1.03 -32.85
C GLY A 267 29.02 -2.30 -32.73
N LEU A 268 28.82 -3.03 -31.64
CA LEU A 268 29.62 -4.22 -31.35
C LEU A 268 28.72 -5.39 -30.98
N GLN A 269 29.17 -6.59 -31.29
CA GLN A 269 28.61 -7.80 -30.69
C GLN A 269 29.72 -8.74 -30.22
N LEU A 270 29.68 -9.09 -28.94
CA LEU A 270 30.62 -10.06 -28.40
C LEU A 270 30.37 -11.43 -29.02
N ILE A 271 31.34 -11.92 -29.77
CA ILE A 271 31.20 -13.19 -30.46
C ILE A 271 31.08 -14.33 -29.46
N ASN A 272 30.04 -15.15 -29.62
CA ASN A 272 29.76 -16.25 -28.71
C ASN A 272 29.27 -15.75 -27.36
N GLY A 273 28.97 -14.45 -27.30
CA GLY A 273 28.63 -13.81 -26.04
C GLY A 273 27.45 -14.45 -25.34
N LYS A 274 26.64 -15.17 -26.11
CA LYS A 274 25.37 -15.67 -25.61
C LYS A 274 25.25 -17.17 -25.81
N ASN A 275 26.34 -17.79 -26.27
CA ASN A 275 26.39 -19.24 -26.41
C ASN A 275 26.74 -19.87 -25.07
N GLU A 276 25.71 -20.21 -24.29
CA GLU A 276 25.91 -20.78 -22.97
C GLU A 276 26.63 -22.12 -23.07
N SER A 277 26.32 -22.88 -24.11
CA SER A 277 26.94 -24.19 -24.30
C SER A 277 28.45 -24.05 -24.47
N ALA A 278 28.88 -23.02 -25.20
CA ALA A 278 30.29 -22.83 -25.48
C ALA A 278 31.04 -22.43 -24.22
N HIS A 279 30.41 -21.60 -23.39
CA HIS A 279 31.07 -21.02 -22.23
C HIS A 279 31.11 -22.02 -21.08
N ILE A 280 30.11 -22.89 -21.02
CA ILE A 280 30.16 -24.04 -20.13
C ILE A 280 31.36 -24.91 -20.47
N SER A 281 31.56 -25.15 -21.77
CA SER A 281 32.62 -26.04 -22.23
C SER A 281 33.99 -25.48 -21.85
N ASP A 282 34.13 -24.17 -21.94
CA ASP A 282 35.42 -23.52 -21.71
C ASP A 282 35.65 -23.31 -20.22
N ALA A 283 34.60 -22.92 -19.50
CA ALA A 283 34.69 -22.72 -18.06
C ALA A 283 35.10 -24.01 -17.37
N VAL A 284 34.59 -25.14 -17.86
CA VAL A 284 34.88 -26.43 -17.26
C VAL A 284 36.31 -26.85 -17.55
N ALA A 285 36.80 -26.48 -18.73
CA ALA A 285 38.17 -26.77 -19.13
C ALA A 285 39.16 -26.00 -18.26
N VAL A 286 38.90 -24.71 -18.07
CA VAL A 286 39.70 -23.88 -17.19
C VAL A 286 39.69 -24.42 -15.77
N VAL A 287 38.49 -24.70 -15.25
CA VAL A 287 38.32 -25.06 -13.85
C VAL A 287 38.98 -26.40 -13.55
N ALA A 288 38.87 -27.33 -14.51
CA ALA A 288 39.48 -28.64 -14.35
C ALA A 288 40.99 -28.50 -14.28
N GLN A 289 41.55 -27.70 -15.19
CA GLN A 289 42.97 -27.41 -15.19
C GLN A 289 43.42 -26.82 -13.87
N ALA A 290 42.62 -25.90 -13.34
CA ALA A 290 42.95 -25.19 -12.11
C ALA A 290 42.89 -26.13 -10.91
N ILE A 291 41.96 -27.07 -10.94
CA ILE A 291 41.79 -28.02 -9.84
C ILE A 291 42.99 -28.94 -9.75
N HIS A 292 43.44 -29.44 -10.90
CA HIS A 292 44.58 -30.33 -10.95
C HIS A 292 45.86 -29.59 -10.56
N GLU A 293 45.91 -28.31 -10.90
CA GLU A 293 47.02 -27.45 -10.50
C GLU A 293 46.97 -27.17 -9.00
N LEU A 294 45.76 -27.06 -8.46
CA LEU A 294 45.58 -26.83 -7.03
C LEU A 294 46.16 -27.99 -6.21
N PHE A 295 45.92 -29.21 -6.67
CA PHE A 295 46.27 -30.40 -5.90
C PHE A 295 47.71 -30.81 -6.16
N GLU A 296 48.45 -29.95 -6.86
CA GLU A 296 49.90 -30.05 -6.90
C GLU A 296 50.52 -29.45 -5.65
N MET A 297 49.77 -28.57 -4.99
CA MET A 297 50.27 -27.87 -3.81
C MET A 297 49.87 -28.63 -2.55
N GLU A 298 50.47 -28.26 -1.43
CA GLU A 298 50.27 -28.98 -0.18
C GLU A 298 49.19 -28.30 0.65
N ASN A 299 48.52 -29.08 1.51
CA ASN A 299 47.69 -28.51 2.55
C ASN A 299 46.41 -27.96 1.94
N ILE A 300 45.91 -28.64 0.92
CA ILE A 300 44.61 -28.34 0.35
C ILE A 300 43.50 -28.92 1.22
N THR A 301 42.60 -28.07 1.69
CA THR A 301 41.46 -28.50 2.48
C THR A 301 40.21 -28.59 1.64
N ASP A 302 39.24 -29.38 2.10
CA ASP A 302 37.94 -29.46 1.46
C ASP A 302 37.09 -28.25 1.82
N PRO A 303 36.20 -27.85 0.89
CA PRO A 303 35.14 -26.90 1.19
C PRO A 303 34.21 -27.41 2.29
N PRO A 304 33.47 -26.50 2.93
CA PRO A 304 32.47 -26.87 3.94
C PRO A 304 31.35 -27.73 3.36
N ARG A 305 31.00 -28.79 4.08
CA ARG A 305 29.89 -29.65 3.69
C ARG A 305 28.58 -29.08 4.19
N GLY A 306 27.91 -28.31 3.34
CA GLY A 306 26.62 -27.71 3.70
C GLY A 306 26.78 -26.36 4.35
N CYS A 307 25.66 -25.65 4.51
CA CYS A 307 25.69 -24.30 5.04
C CYS A 307 25.45 -24.30 6.54
N VAL A 308 24.64 -25.25 7.01
CA VAL A 308 24.15 -25.22 8.38
C VAL A 308 25.30 -25.41 9.37
N GLY A 309 25.56 -24.38 10.17
CA GLY A 309 26.50 -24.50 11.28
C GLY A 309 27.91 -24.12 10.89
N ASN A 310 28.11 -23.83 9.61
CA ASN A 310 29.41 -23.42 9.11
C ASN A 310 29.43 -21.92 8.80
N THR A 311 30.34 -21.19 9.44
CA THR A 311 30.43 -19.75 9.27
C THR A 311 31.85 -19.31 8.93
N ASN A 312 32.80 -20.24 8.98
CA ASN A 312 34.16 -19.96 8.56
C ASN A 312 34.28 -20.05 7.05
N ILE A 313 35.12 -19.21 6.47
CA ILE A 313 35.45 -19.33 5.06
C ILE A 313 36.21 -20.63 4.81
N TRP A 314 36.02 -21.16 3.61
CA TRP A 314 36.88 -22.23 3.10
C TRP A 314 38.33 -21.77 3.05
N LYS A 315 39.18 -22.42 3.84
CA LYS A 315 40.54 -21.94 4.07
C LYS A 315 41.32 -21.86 2.75
N THR A 316 41.02 -22.78 1.83
CA THR A 316 41.78 -22.91 0.60
C THR A 316 41.12 -22.12 -0.53
N GLY A 317 40.00 -21.47 -0.23
CA GLY A 317 39.25 -20.72 -1.22
C GLY A 317 40.11 -19.69 -1.92
N PRO A 318 40.81 -18.85 -1.14
CA PRO A 318 41.54 -17.73 -1.72
C PRO A 318 42.75 -18.17 -2.54
N LEU A 319 43.32 -19.32 -2.21
CA LEU A 319 44.38 -19.90 -3.02
C LEU A 319 43.83 -20.37 -4.36
N PHE A 320 42.70 -21.05 -4.33
CA PHE A 320 42.09 -21.57 -5.54
C PHE A 320 41.70 -20.44 -6.48
N LYS A 321 41.32 -19.30 -5.91
CA LYS A 321 40.99 -18.14 -6.71
C LYS A 321 42.23 -17.61 -7.42
N ARG A 322 43.33 -17.51 -6.69
CA ARG A 322 44.60 -17.09 -7.27
C ARG A 322 44.97 -18.00 -8.44
N VAL A 323 44.76 -19.30 -8.26
CA VAL A 323 45.10 -20.28 -9.29
C VAL A 323 44.21 -20.11 -10.52
N LEU A 324 42.92 -19.90 -10.28
CA LEU A 324 41.96 -19.68 -11.36
C LEU A 324 42.33 -18.43 -12.14
N MET A 325 42.60 -17.35 -11.41
CA MET A 325 42.82 -16.05 -12.01
C MET A 325 44.04 -16.09 -12.92
N SER A 326 44.98 -16.97 -12.59
CA SER A 326 46.25 -17.06 -13.31
C SER A 326 46.15 -18.09 -14.44
N SER A 327 44.97 -18.66 -14.61
CA SER A 327 44.78 -19.78 -15.52
C SER A 327 44.77 -19.30 -16.96
N LYS A 328 45.47 -20.03 -17.83
CA LYS A 328 45.47 -19.71 -19.26
C LYS A 328 45.01 -20.92 -20.06
N TYR A 329 43.92 -20.75 -20.81
CA TYR A 329 43.45 -21.78 -21.73
C TYR A 329 43.37 -21.21 -23.14
N PRO A 330 44.37 -21.54 -23.97
CA PRO A 330 44.53 -20.92 -25.28
C PRO A 330 43.62 -21.54 -26.34
N ASP A 331 43.29 -22.81 -26.17
CA ASP A 331 42.61 -23.57 -27.21
C ASP A 331 41.12 -23.67 -26.92
N GLY A 332 40.50 -22.53 -26.62
CA GLY A 332 39.13 -22.51 -26.14
C GLY A 332 38.14 -22.29 -27.26
N VAL A 333 36.93 -22.80 -27.08
CA VAL A 333 35.88 -22.64 -28.06
C VAL A 333 35.59 -21.16 -28.31
N THR A 334 35.69 -20.35 -27.26
CA THR A 334 35.37 -18.93 -27.36
C THR A 334 36.64 -18.12 -27.58
N GLY A 335 37.73 -18.80 -27.86
CA GLY A 335 39.02 -18.14 -28.08
C GLY A 335 39.98 -18.34 -26.92
N ARG A 336 40.70 -17.28 -26.57
CA ARG A 336 41.85 -17.38 -25.69
C ARG A 336 41.47 -16.95 -24.28
N ILE A 337 41.45 -17.90 -23.34
CA ILE A 337 40.96 -17.63 -22.00
C ILE A 337 42.09 -17.16 -21.10
N GLU A 338 42.10 -15.86 -20.81
CA GLU A 338 42.80 -15.35 -19.63
C GLU A 338 41.89 -14.42 -18.84
N PHE A 339 42.28 -14.13 -17.62
CA PHE A 339 41.54 -13.21 -16.76
C PHE A 339 42.44 -12.07 -16.32
N ASN A 340 41.89 -10.86 -16.29
CA ASN A 340 42.61 -9.70 -15.78
C ASN A 340 42.51 -9.65 -14.26
N GLU A 341 42.95 -8.53 -13.67
CA GLU A 341 43.10 -8.45 -12.22
C GLU A 341 41.74 -8.36 -11.51
N ASP A 342 40.69 -8.09 -12.29
CA ASP A 342 39.34 -8.06 -11.76
C ASP A 342 38.62 -9.39 -11.98
N GLY A 343 39.34 -10.33 -12.58
CA GLY A 343 38.78 -11.65 -12.86
C GLY A 343 37.88 -11.66 -14.08
N ASP A 344 37.94 -10.56 -14.85
CA ASP A 344 37.19 -10.46 -16.08
C ASP A 344 37.96 -11.09 -17.24
N ARG A 345 37.22 -11.58 -18.23
CA ARG A 345 37.83 -12.15 -19.43
C ARG A 345 38.70 -11.15 -20.18
N LYS A 346 39.88 -11.59 -20.57
CA LYS A 346 40.71 -10.83 -21.50
C LYS A 346 40.67 -11.48 -22.88
N PHE A 347 41.04 -10.71 -23.91
CA PHE A 347 41.16 -11.24 -25.26
C PHE A 347 39.81 -11.70 -25.80
N ALA A 348 38.74 -11.01 -25.41
CA ALA A 348 37.44 -11.22 -26.00
C ALA A 348 37.45 -10.77 -27.45
N GLN A 349 36.53 -11.32 -28.25
CA GLN A 349 36.45 -10.99 -29.67
C GLN A 349 35.10 -10.40 -30.03
N TYR A 350 35.10 -9.29 -30.76
CA TYR A 350 33.87 -8.58 -31.08
C TYR A 350 33.65 -8.51 -32.59
N SER A 351 32.40 -8.67 -33.00
CA SER A 351 31.96 -8.23 -34.32
C SER A 351 31.76 -6.73 -34.34
N ILE A 352 32.38 -6.06 -35.31
CA ILE A 352 32.13 -4.65 -35.55
C ILE A 352 31.01 -4.46 -36.56
N MET A 353 29.89 -3.90 -36.11
CA MET A 353 28.65 -3.91 -36.87
C MET A 353 28.34 -2.51 -37.36
N ASN A 354 27.63 -2.43 -38.49
CA ASN A 354 27.32 -1.15 -39.11
C ASN A 354 25.92 -1.20 -39.72
N LEU A 355 25.07 -0.27 -39.28
CA LEU A 355 23.67 -0.28 -39.69
C LEU A 355 23.51 0.29 -41.09
N GLN A 356 23.29 -0.60 -42.06
CA GLN A 356 23.29 -0.22 -43.46
C GLN A 356 21.95 -0.55 -44.11
N ASN A 357 21.29 0.47 -44.65
CA ASN A 357 19.91 0.32 -45.12
C ASN A 357 19.10 -0.47 -44.10
N ARG A 358 19.34 -0.20 -42.82
CA ARG A 358 18.50 -0.72 -41.75
C ARG A 358 18.79 -2.19 -41.47
N LYS A 359 19.93 -2.67 -41.97
CA LYS A 359 20.42 -4.00 -41.62
C LYS A 359 21.75 -3.90 -40.88
N LEU A 360 21.88 -4.65 -39.79
CA LEU A 360 23.16 -4.80 -39.12
C LEU A 360 24.11 -5.64 -39.97
N VAL A 361 25.16 -5.00 -40.46
CA VAL A 361 26.11 -5.66 -41.35
C VAL A 361 27.50 -5.65 -40.72
N GLN A 362 28.14 -6.82 -40.70
CA GLN A 362 29.47 -6.93 -40.11
C GLN A 362 30.53 -6.36 -41.05
N VAL A 363 31.30 -5.40 -40.55
CA VAL A 363 32.33 -4.76 -41.35
C VAL A 363 33.74 -5.11 -40.85
N GLY A 364 33.82 -5.90 -39.79
CA GLY A 364 35.10 -6.24 -39.18
C GLY A 364 34.97 -7.05 -37.91
N ILE A 365 36.10 -7.49 -37.37
CA ILE A 365 36.16 -7.99 -36.01
C ILE A 365 37.32 -7.40 -35.25
N PHE A 366 37.14 -7.21 -33.94
CA PHE A 366 38.25 -7.09 -33.01
C PHE A 366 38.63 -8.48 -32.50
N ASN A 367 39.84 -8.91 -32.84
CA ASN A 367 40.22 -10.31 -32.68
C ASN A 367 40.90 -10.55 -31.33
N GLY A 368 40.86 -9.55 -30.46
CA GLY A 368 41.43 -9.67 -29.13
C GLY A 368 42.46 -8.59 -28.85
N SER A 369 43.16 -8.17 -29.90
CA SER A 369 44.19 -7.15 -29.77
C SER A 369 44.19 -6.22 -30.99
N TYR A 370 43.48 -6.64 -32.03
CA TYR A 370 43.72 -6.12 -33.37
C TYR A 370 42.40 -6.00 -34.14
N ILE A 371 42.22 -4.87 -34.81
CA ILE A 371 41.05 -4.67 -35.66
C ILE A 371 41.30 -5.23 -37.06
N ILE A 372 40.39 -6.06 -37.53
CA ILE A 372 40.49 -6.64 -38.86
C ILE A 372 39.28 -6.29 -39.71
N GLN A 373 39.44 -5.31 -40.58
CA GLN A 373 38.36 -4.91 -41.49
C GLN A 373 38.16 -5.95 -42.58
N ASN A 374 36.92 -6.34 -42.81
CA ASN A 374 36.57 -7.26 -43.90
C ASN A 374 36.19 -6.47 -45.15
N ASP A 375 35.70 -7.19 -46.15
CA ASP A 375 35.59 -6.65 -47.51
C ASP A 375 34.27 -5.89 -47.68
N ARG A 376 33.40 -5.97 -46.69
CA ARG A 376 32.17 -5.19 -46.68
C ARG A 376 32.45 -3.75 -46.26
N LYS A 377 32.11 -2.80 -47.13
CA LYS A 377 32.48 -1.40 -46.93
C LYS A 377 31.59 -0.78 -45.86
N ILE A 378 32.21 0.00 -44.98
CA ILE A 378 31.48 0.81 -44.02
C ILE A 378 30.72 1.93 -44.73
N ILE A 379 29.45 2.08 -44.39
CA ILE A 379 28.70 3.29 -44.73
C ILE A 379 28.41 4.12 -43.49
N TRP A 380 28.89 5.35 -43.50
CA TRP A 380 28.75 6.25 -42.35
C TRP A 380 27.42 6.98 -42.41
N PRO A 381 27.06 7.67 -41.32
CA PRO A 381 25.85 8.47 -41.27
C PRO A 381 25.81 9.53 -42.36
N GLY A 382 24.76 9.50 -43.19
CA GLY A 382 24.76 10.24 -44.44
C GLY A 382 24.95 9.31 -45.63
N GLY A 383 26.12 8.69 -45.71
CA GLY A 383 26.62 8.13 -46.96
C GLY A 383 25.68 7.10 -47.55
N PRO B 1 -6.97 -1.88 20.52
CA PRO B 1 -5.94 -1.52 19.54
C PRO B 1 -5.29 -2.75 18.92
N PRO B 2 -5.20 -2.78 17.58
CA PRO B 2 -4.77 -3.98 16.86
C PRO B 2 -3.31 -4.33 17.15
N SER B 3 -2.99 -5.62 17.08
CA SER B 3 -1.66 -6.10 17.44
C SER B 3 -0.82 -6.32 16.18
N ILE B 4 0.44 -5.87 16.23
CA ILE B 4 1.41 -6.20 15.21
C ILE B 4 2.46 -7.15 15.74
N GLY B 5 2.85 -8.12 14.92
CA GLY B 5 3.86 -9.10 15.32
C GLY B 5 5.26 -8.51 15.25
N ILE B 6 6.05 -8.75 16.29
CA ILE B 6 7.47 -8.42 16.27
C ILE B 6 8.29 -9.60 16.77
N ALA B 7 9.05 -10.21 15.87
CA ALA B 7 9.99 -11.25 16.25
C ALA B 7 11.27 -10.64 16.79
N VAL B 8 11.67 -11.08 17.99
CA VAL B 8 12.98 -10.77 18.51
C VAL B 8 13.87 -12.02 18.50
N ILE B 9 14.89 -12.00 17.66
CA ILE B 9 15.74 -13.18 17.48
C ILE B 9 17.05 -13.02 18.26
N LEU B 10 17.32 -13.97 19.15
CA LEU B 10 18.49 -13.92 20.00
C LEU B 10 19.42 -15.10 19.68
N VAL B 11 20.60 -14.79 19.18
CA VAL B 11 21.61 -15.82 18.91
C VAL B 11 22.59 -15.90 20.08
N GLY B 12 22.79 -17.11 20.59
CA GLY B 12 23.76 -17.34 21.66
C GLY B 12 23.19 -16.96 23.02
N THR B 13 23.86 -17.42 24.07
CA THR B 13 23.32 -17.31 25.42
C THR B 13 22.94 -15.86 25.73
N SER B 14 21.74 -15.67 26.27
CA SER B 14 21.27 -14.34 26.63
C SER B 14 20.06 -14.44 27.56
N ASP B 15 19.99 -13.54 28.53
CA ASP B 15 18.96 -13.60 29.56
C ASP B 15 17.61 -13.18 28.99
N GLU B 16 16.80 -14.16 28.60
CA GLU B 16 15.47 -13.91 28.05
C GLU B 16 14.55 -13.31 29.12
N VAL B 17 14.86 -13.59 30.38
CA VAL B 17 14.03 -13.13 31.49
C VAL B 17 14.32 -11.68 31.83
N ALA B 18 15.61 -11.31 31.79
CA ALA B 18 16.01 -9.93 31.96
C ALA B 18 15.52 -9.08 30.79
N ILE B 19 15.37 -9.72 29.64
CA ILE B 19 14.92 -9.02 28.43
C ILE B 19 13.41 -8.81 28.47
N LYS B 20 12.67 -9.86 28.82
CA LYS B 20 11.21 -9.79 28.89
C LYS B 20 10.78 -8.81 29.98
N ASP B 21 11.53 -8.76 31.07
CA ASP B 21 11.15 -7.96 32.24
C ASP B 21 11.50 -6.49 32.03
N ALA B 22 12.39 -6.22 31.08
CA ALA B 22 12.74 -4.86 30.74
C ALA B 22 11.69 -4.24 29.82
N HIS B 23 11.05 -5.09 29.02
CA HIS B 23 10.01 -4.64 28.10
C HIS B 23 8.67 -4.53 28.83
N GLU B 24 8.72 -4.45 30.15
CA GLU B 24 7.52 -4.22 30.96
C GLU B 24 7.02 -2.79 30.82
N LYS B 25 7.82 -1.97 30.13
CA LYS B 25 7.29 -0.75 29.51
C LYS B 25 6.49 -1.11 28.26
N ASP B 26 5.83 -2.26 28.30
CA ASP B 26 4.77 -2.58 27.35
C ASP B 26 3.46 -1.96 27.80
N ASP B 27 3.38 -1.64 29.10
CA ASP B 27 2.37 -0.71 29.59
C ASP B 27 2.80 0.74 29.34
N PHE B 28 3.83 0.90 28.52
CA PHE B 28 4.18 2.22 28.00
C PHE B 28 4.09 2.25 26.49
N HIS B 29 3.08 1.56 25.95
CA HIS B 29 2.74 1.68 24.54
C HIS B 29 1.34 2.27 24.39
N HIS B 30 1.28 3.48 23.82
CA HIS B 30 0.12 4.36 24.00
C HIS B 30 -0.49 4.70 22.66
N LEU B 31 -0.04 4.01 21.60
CA LEU B 31 -0.15 4.51 20.25
C LEU B 31 -1.44 4.00 19.60
N SER B 32 -1.45 3.89 18.28
CA SER B 32 -2.58 3.33 17.55
C SER B 32 -2.49 1.81 17.50
N VAL B 33 -1.36 1.28 17.93
CA VAL B 33 -1.03 -0.13 17.72
C VAL B 33 -0.17 -0.65 18.86
N VAL B 34 -0.37 -1.91 19.22
CA VAL B 34 0.41 -2.54 20.29
C VAL B 34 1.30 -3.65 19.76
N PRO B 35 2.51 -3.78 20.32
CA PRO B 35 3.45 -4.83 19.96
C PRO B 35 3.02 -6.19 20.49
N ARG B 36 3.16 -7.22 19.66
CA ARG B 36 3.01 -8.60 20.12
C ARG B 36 4.30 -9.38 19.93
N VAL B 37 5.26 -9.15 20.83
CA VAL B 37 6.62 -9.64 20.65
C VAL B 37 6.71 -11.13 20.95
N GLU B 38 7.56 -11.83 20.21
CA GLU B 38 7.80 -13.25 20.44
C GLU B 38 9.28 -13.56 20.34
N LEU B 39 9.90 -13.89 21.47
CA LEU B 39 11.31 -14.24 21.51
C LEU B 39 11.54 -15.57 20.80
N VAL B 40 12.32 -15.52 19.72
CA VAL B 40 12.88 -16.73 19.13
C VAL B 40 14.37 -16.84 19.47
N ALA B 41 14.82 -18.06 19.75
CA ALA B 41 16.25 -18.34 19.84
C ALA B 41 16.75 -18.94 18.54
N MET B 42 18.04 -18.72 18.26
CA MET B 42 18.69 -19.34 17.10
C MET B 42 20.11 -19.76 17.45
N ASN B 43 20.51 -20.92 16.96
CA ASN B 43 21.78 -21.53 17.37
C ASN B 43 22.89 -21.21 16.37
N GLU B 44 22.52 -21.05 15.11
CA GLU B 44 23.51 -20.94 14.03
C GLU B 44 23.31 -19.63 13.26
N THR B 45 24.39 -19.13 12.66
CA THR B 45 24.36 -17.83 11.98
C THR B 45 24.96 -17.92 10.58
N ASP B 46 24.95 -19.10 10.00
CA ASP B 46 25.14 -19.25 8.56
C ASP B 46 23.93 -18.72 7.79
N PRO B 47 24.07 -18.63 6.46
CA PRO B 47 23.04 -17.99 5.62
C PRO B 47 21.74 -18.77 5.61
N LYS B 48 21.85 -20.10 5.54
CA LYS B 48 20.67 -20.96 5.42
C LYS B 48 19.87 -20.96 6.71
N SER B 49 20.58 -21.14 7.83
CA SER B 49 19.95 -21.11 9.15
C SER B 49 19.21 -19.81 9.36
N ILE B 50 19.87 -18.70 9.05
CA ILE B 50 19.30 -17.38 9.29
C ILE B 50 18.11 -17.11 8.37
N ILE B 51 18.24 -17.53 7.10
CA ILE B 51 17.19 -17.27 6.12
C ILE B 51 15.95 -18.09 6.42
N THR B 52 16.14 -19.38 6.68
CA THR B 52 15.02 -20.29 6.88
C THR B 52 14.32 -20.01 8.21
N ARG B 53 15.07 -19.51 9.18
CA ARG B 53 14.53 -19.19 10.49
C ARG B 53 13.58 -18.01 10.41
N ILE B 54 14.03 -16.95 9.75
CA ILE B 54 13.23 -15.74 9.60
C ILE B 54 12.03 -15.99 8.69
N CYS B 55 12.19 -16.93 7.77
CA CYS B 55 11.19 -17.16 6.76
C CYS B 55 10.14 -18.15 7.25
N ASP B 56 10.52 -18.97 8.22
CA ASP B 56 9.57 -19.81 8.93
C ASP B 56 8.76 -18.99 9.92
N LEU B 57 9.42 -18.06 10.59
CA LEU B 57 8.74 -17.08 11.43
C LEU B 57 7.65 -16.36 10.65
N MET B 58 8.01 -15.93 9.43
CA MET B 58 7.15 -15.02 8.68
C MET B 58 5.93 -15.78 8.14
N SER B 59 6.04 -17.10 8.06
CA SER B 59 4.98 -17.93 7.48
C SER B 59 4.10 -18.55 8.57
N ASP B 60 4.69 -18.79 9.74
CA ASP B 60 3.97 -19.39 10.85
C ASP B 60 3.18 -18.33 11.61
N ARG B 61 3.70 -17.11 11.63
CA ARG B 61 3.02 -15.99 12.30
C ARG B 61 3.03 -14.75 11.40
N LYS B 62 2.42 -13.68 11.88
CA LYS B 62 2.30 -12.45 11.09
C LYS B 62 3.28 -11.38 11.60
N ILE B 63 4.48 -11.38 11.05
CA ILE B 63 5.53 -10.49 11.53
C ILE B 63 5.48 -9.15 10.79
N GLN B 64 5.55 -8.07 11.55
CA GLN B 64 5.64 -6.73 10.98
C GLN B 64 7.09 -6.27 10.90
N GLY B 65 7.90 -6.75 11.84
CA GLY B 65 9.31 -6.38 11.89
C GLY B 65 10.13 -7.35 12.72
N VAL B 66 11.45 -7.28 12.57
CA VAL B 66 12.34 -8.20 13.25
C VAL B 66 13.39 -7.43 14.04
N VAL B 67 13.63 -7.84 15.27
CA VAL B 67 14.72 -7.31 16.07
C VAL B 67 15.78 -8.39 16.31
N PHE B 68 16.98 -8.16 15.80
CA PHE B 68 18.01 -9.19 15.75
C PHE B 68 19.18 -8.82 16.65
N ALA B 69 19.50 -9.71 17.59
CA ALA B 69 20.76 -9.61 18.34
C ALA B 69 21.52 -10.93 18.24
N ASP B 70 22.85 -10.83 18.21
CA ASP B 70 23.70 -12.01 18.28
C ASP B 70 24.98 -11.75 19.06
N ASP B 71 25.70 -12.81 19.40
CA ASP B 71 26.81 -12.73 20.34
C ASP B 71 28.14 -13.00 19.65
N THR B 72 28.21 -12.70 18.36
CA THR B 72 29.33 -13.12 17.52
C THR B 72 30.07 -11.92 16.96
N ASP B 73 31.18 -12.19 16.29
CA ASP B 73 31.97 -11.14 15.66
C ASP B 73 31.80 -11.18 14.14
N GLN B 74 30.66 -11.70 13.69
CA GLN B 74 30.48 -12.07 12.28
C GLN B 74 29.73 -10.97 11.53
N GLU B 75 30.46 -10.13 10.83
CA GLU B 75 29.89 -8.95 10.18
C GLU B 75 29.02 -9.37 8.98
N ALA B 76 29.18 -10.61 8.55
CA ALA B 76 28.41 -11.13 7.42
C ALA B 76 26.93 -11.28 7.77
N ILE B 77 26.63 -11.25 9.07
CA ILE B 77 25.25 -11.35 9.52
C ILE B 77 24.45 -10.11 9.13
N ALA B 78 25.05 -8.94 9.28
CA ALA B 78 24.48 -7.71 8.76
C ALA B 78 24.14 -7.87 7.28
N GLN B 79 25.07 -8.43 6.52
CA GLN B 79 24.91 -8.52 5.08
C GLN B 79 23.78 -9.46 4.71
N ILE B 80 23.66 -10.56 5.45
CA ILE B 80 22.60 -11.53 5.21
C ILE B 80 21.24 -10.94 5.55
N LEU B 81 21.19 -10.22 6.66
CA LEU B 81 19.95 -9.61 7.13
C LEU B 81 19.45 -8.56 6.13
N ASP B 82 20.38 -7.75 5.62
CA ASP B 82 20.03 -6.71 4.66
C ASP B 82 19.47 -7.32 3.38
N PHE B 83 20.04 -8.46 2.98
CA PHE B 83 19.56 -9.18 1.81
C PHE B 83 18.13 -9.67 2.04
N ILE B 84 17.90 -10.25 3.22
CA ILE B 84 16.58 -10.77 3.57
C ILE B 84 15.58 -9.62 3.66
N SER B 85 16.01 -8.52 4.25
CA SER B 85 15.12 -7.38 4.49
C SER B 85 14.69 -6.75 3.16
N ALA B 86 15.58 -6.78 2.18
CA ALA B 86 15.32 -6.15 0.89
C ALA B 86 14.48 -7.04 -0.01
N GLN B 87 14.72 -8.35 0.08
CA GLN B 87 13.95 -9.32 -0.70
C GLN B 87 12.50 -9.38 -0.25
N THR B 88 12.30 -9.42 1.07
CA THR B 88 10.97 -9.65 1.62
C THR B 88 10.31 -8.33 2.01
N LEU B 89 11.07 -7.24 1.92
CA LEU B 89 10.62 -5.94 2.39
C LEU B 89 10.04 -6.03 3.79
N THR B 90 10.76 -6.69 4.69
CA THR B 90 10.49 -6.61 6.12
C THR B 90 11.54 -5.75 6.81
N PRO B 91 11.10 -4.90 7.74
CA PRO B 91 12.04 -4.18 8.62
C PRO B 91 12.84 -5.13 9.50
N ILE B 92 14.16 -4.92 9.53
CA ILE B 92 15.03 -5.65 10.43
C ILE B 92 15.97 -4.67 11.13
N LEU B 93 16.04 -4.78 12.45
CA LEU B 93 17.01 -4.01 13.22
C LEU B 93 18.10 -4.93 13.76
N GLY B 94 19.34 -4.67 13.35
CA GLY B 94 20.50 -5.27 13.99
C GLY B 94 20.98 -4.43 15.16
N ILE B 95 20.75 -4.94 16.37
CA ILE B 95 20.89 -4.12 17.57
C ILE B 95 22.16 -4.49 18.35
N HIS B 96 22.70 -5.68 18.09
CA HIS B 96 23.82 -6.20 18.87
C HIS B 96 24.60 -7.24 18.08
N GLY B 97 25.92 -7.20 18.21
CA GLY B 97 26.77 -8.27 17.67
C GLY B 97 27.14 -8.02 16.22
N GLY B 98 27.33 -9.10 15.48
CA GLY B 98 27.64 -9.02 14.06
C GLY B 98 26.57 -8.28 13.29
N SER B 99 25.32 -8.38 13.76
CA SER B 99 24.19 -7.82 13.04
C SER B 99 24.28 -6.30 13.05
N SER B 100 25.10 -5.76 13.95
CA SER B 100 25.16 -4.32 14.16
C SER B 100 26.47 -3.76 13.63
N MET B 101 27.31 -4.63 13.09
CA MET B 101 28.58 -4.21 12.51
C MET B 101 28.34 -3.53 11.16
N ILE B 102 28.90 -2.34 11.01
CA ILE B 102 28.60 -1.48 9.86
C ILE B 102 28.45 -2.29 8.57
N MET B 103 27.28 -2.16 7.95
CA MET B 103 27.12 -2.52 6.55
C MET B 103 27.03 -1.27 5.67
N ALA B 104 27.98 -1.12 4.75
CA ALA B 104 27.95 -0.03 3.79
C ALA B 104 27.14 -0.42 2.57
N ASP B 105 26.50 0.56 1.94
CA ASP B 105 25.85 0.36 0.66
C ASP B 105 24.74 -0.69 0.78
N LYS B 106 23.83 -0.46 1.73
CA LYS B 106 22.63 -1.30 1.86
C LYS B 106 21.78 -1.19 0.61
N ASP B 107 21.06 -2.28 0.29
CA ASP B 107 20.18 -2.29 -0.87
C ASP B 107 19.29 -1.06 -0.87
N GLU B 108 18.86 -0.64 -2.06
CA GLU B 108 17.93 0.48 -2.18
C GLU B 108 16.59 0.12 -1.54
N SER B 109 16.21 -1.15 -1.63
CA SER B 109 14.93 -1.61 -1.09
C SER B 109 15.07 -1.98 0.38
N SER B 110 16.28 -1.85 0.92
CA SER B 110 16.55 -2.29 2.28
C SER B 110 15.64 -1.58 3.27
N MET B 111 15.10 -2.35 4.23
CA MET B 111 14.58 -1.77 5.45
C MET B 111 15.37 -2.26 6.65
N PHE B 112 16.70 -2.26 6.52
CA PHE B 112 17.57 -2.80 7.55
C PHE B 112 18.36 -1.68 8.22
N PHE B 113 18.21 -1.55 9.52
CA PHE B 113 18.86 -0.48 10.28
C PHE B 113 19.68 -1.06 11.43
N GLN B 114 20.75 -0.37 11.78
CA GLN B 114 21.73 -0.92 12.71
C GLN B 114 21.96 0.04 13.88
N PHE B 115 22.06 -0.52 15.08
CA PHE B 115 22.54 0.22 16.24
C PHE B 115 24.05 0.37 16.18
N GLY B 116 24.53 1.57 15.87
CA GLY B 116 25.95 1.85 15.90
C GLY B 116 26.30 3.06 15.06
N PRO B 117 27.55 3.51 15.13
CA PRO B 117 28.02 4.67 14.39
C PRO B 117 28.25 4.35 12.91
N SER B 118 28.03 5.35 12.05
CA SER B 118 28.37 5.23 10.64
C SER B 118 29.86 5.04 10.46
N ILE B 119 30.26 4.63 9.26
CA ILE B 119 31.66 4.53 8.89
C ILE B 119 32.32 5.90 8.91
N GLU B 120 31.56 6.92 8.52
CA GLU B 120 32.10 8.26 8.37
C GLU B 120 32.28 8.92 9.72
N GLN B 121 31.48 8.51 10.70
CA GLN B 121 31.52 9.11 12.02
C GLN B 121 32.67 8.56 12.83
N GLN B 122 32.94 7.27 12.67
CA GLN B 122 34.09 6.63 13.31
C GLN B 122 35.40 7.19 12.74
N ALA B 123 35.39 7.53 11.46
CA ALA B 123 36.56 8.14 10.83
C ALA B 123 36.79 9.54 11.37
N SER B 124 35.72 10.28 11.58
CA SER B 124 35.82 11.64 12.10
C SER B 124 36.24 11.62 13.57
N VAL B 125 35.77 10.62 14.30
CA VAL B 125 36.14 10.44 15.69
C VAL B 125 37.62 10.07 15.80
N MET B 126 38.11 9.33 14.82
CA MET B 126 39.49 8.88 14.81
C MET B 126 40.44 10.05 14.56
N LEU B 127 39.94 11.07 13.86
CA LEU B 127 40.73 12.25 13.57
C LEU B 127 40.70 13.22 14.76
N ASN B 128 39.63 13.16 15.54
CA ASN B 128 39.50 13.97 16.74
C ASN B 128 40.44 13.47 17.84
N ILE B 129 40.60 12.15 17.91
CA ILE B 129 41.57 11.56 18.81
C ILE B 129 42.99 12.03 18.45
N MET B 130 43.26 12.11 17.15
CA MET B 130 44.58 12.45 16.66
C MET B 130 44.87 13.94 16.84
N GLU B 131 43.85 14.77 16.62
CA GLU B 131 43.97 16.20 16.82
C GLU B 131 44.30 16.52 18.27
N GLU B 132 43.69 15.79 19.19
CA GLU B 132 43.84 16.04 20.63
C GLU B 132 45.30 15.85 21.06
N TYR B 133 45.91 14.78 20.56
CA TYR B 133 47.25 14.42 20.97
C TYR B 133 48.28 14.84 19.92
N ASP B 134 47.84 15.66 18.98
CA ASP B 134 48.72 16.24 17.97
C ASP B 134 49.45 15.17 17.17
N TRP B 135 48.75 14.07 16.90
CA TRP B 135 49.24 13.07 15.97
C TRP B 135 48.79 13.37 14.55
N TYR B 136 49.52 14.25 13.87
CA TYR B 136 49.05 14.84 12.63
C TYR B 136 49.56 14.07 11.42
N ILE B 137 50.51 13.18 11.66
CA ILE B 137 51.12 12.42 10.57
C ILE B 137 50.74 10.94 10.69
N PHE B 138 50.13 10.41 9.64
CA PHE B 138 49.47 9.11 9.71
C PHE B 138 49.33 8.47 8.34
N SER B 139 48.97 7.20 8.32
CA SER B 139 48.68 6.49 7.08
C SER B 139 47.47 5.59 7.24
N ILE B 140 46.88 5.18 6.12
CA ILE B 140 45.67 4.35 6.15
C ILE B 140 45.96 2.96 5.58
N VAL B 141 45.35 1.95 6.19
CA VAL B 141 45.37 0.61 5.64
C VAL B 141 43.97 0.00 5.67
N THR B 142 43.48 -0.42 4.51
CA THR B 142 42.16 -1.04 4.42
C THR B 142 42.21 -2.30 3.57
N THR B 143 41.23 -3.15 3.74
CA THR B 143 40.95 -4.20 2.76
C THR B 143 39.83 -3.76 1.82
N TYR B 144 39.23 -4.73 1.15
CA TYR B 144 38.13 -4.45 0.24
C TYR B 144 36.79 -4.55 0.95
N PHE B 145 36.83 -4.75 2.26
CA PHE B 145 35.61 -4.74 3.07
C PHE B 145 34.76 -3.53 2.73
N PRO B 146 33.47 -3.76 2.46
CA PRO B 146 32.59 -2.68 2.03
C PRO B 146 32.61 -1.51 3.00
N GLY B 147 32.84 -0.31 2.47
CA GLY B 147 32.91 0.89 3.29
C GLY B 147 34.25 1.57 3.17
N TYR B 148 35.25 0.84 2.68
CA TYR B 148 36.63 1.27 2.79
C TYR B 148 36.87 2.53 1.95
N GLN B 149 36.07 2.71 0.91
CA GLN B 149 36.11 3.92 0.11
C GLN B 149 35.51 5.10 0.89
N ASP B 150 34.37 4.84 1.52
CA ASP B 150 33.70 5.86 2.34
C ASP B 150 34.59 6.29 3.50
N PHE B 151 35.37 5.34 4.02
CA PHE B 151 36.32 5.63 5.10
C PHE B 151 37.45 6.52 4.59
N VAL B 152 38.10 6.10 3.52
CA VAL B 152 39.26 6.81 3.01
C VAL B 152 38.89 8.21 2.53
N ASN B 153 37.68 8.35 2.00
CA ASN B 153 37.25 9.62 1.42
C ASN B 153 36.86 10.60 2.51
N LYS B 154 36.24 10.09 3.58
CA LYS B 154 35.91 10.91 4.73
C LYS B 154 37.16 11.50 5.36
N ILE B 155 38.19 10.69 5.52
CA ILE B 155 39.48 11.18 5.96
C ILE B 155 40.00 12.27 5.02
N ARG B 156 40.06 11.96 3.73
CA ARG B 156 40.64 12.87 2.74
C ARG B 156 39.89 14.19 2.73
N SER B 157 38.57 14.10 2.74
CA SER B 157 37.72 15.28 2.66
C SER B 157 37.92 16.18 3.88
N THR B 158 38.14 15.56 5.03
CA THR B 158 38.25 16.29 6.29
C THR B 158 39.55 17.09 6.34
N ILE B 159 40.63 16.47 5.90
CA ILE B 159 41.97 17.01 6.13
C ILE B 159 42.38 17.92 4.98
N GLU B 160 41.57 17.96 3.93
CA GLU B 160 41.77 18.92 2.86
C GLU B 160 41.16 20.27 3.22
N ASN B 161 40.19 20.26 4.14
CA ASN B 161 39.43 21.45 4.46
C ASN B 161 39.96 22.12 5.73
N SER B 162 41.15 21.71 6.17
CA SER B 162 41.58 21.95 7.54
C SER B 162 42.76 22.92 7.59
N PHE B 163 42.70 23.88 8.49
CA PHE B 163 43.85 24.74 8.79
C PHE B 163 44.83 24.02 9.70
N VAL B 164 44.70 22.69 9.78
CA VAL B 164 45.58 21.87 10.60
C VAL B 164 46.57 21.13 9.72
N GLY B 165 47.76 20.88 10.24
CA GLY B 165 48.88 20.40 9.43
C GLY B 165 48.89 18.90 9.28
N TRP B 166 47.75 18.34 8.87
CA TRP B 166 47.67 16.91 8.58
C TRP B 166 48.67 16.52 7.51
N GLU B 167 49.14 15.28 7.57
CA GLU B 167 50.00 14.74 6.52
C GLU B 167 49.72 13.25 6.34
N LEU B 168 48.81 12.95 5.41
CA LEU B 168 48.48 11.57 5.07
C LEU B 168 49.53 10.98 4.15
N GLU B 169 50.35 10.07 4.68
CA GLU B 169 51.61 9.70 4.05
C GLU B 169 51.39 8.62 3.00
N GLU B 170 50.44 7.74 3.25
CA GLU B 170 50.33 6.49 2.50
C GLU B 170 48.97 5.84 2.73
N VAL B 171 48.36 5.37 1.64
CA VAL B 171 47.14 4.57 1.74
C VAL B 171 47.34 3.21 1.07
N LEU B 172 47.23 2.15 1.87
CA LEU B 172 47.40 0.79 1.36
C LEU B 172 46.05 0.11 1.18
N LEU B 173 45.93 -0.66 0.11
CA LEU B 173 44.74 -1.49 -0.10
C LEU B 173 45.14 -2.95 -0.21
N LEU B 174 44.65 -3.77 0.72
CA LEU B 174 45.13 -5.14 0.85
C LEU B 174 44.08 -6.12 0.32
N ASP B 175 44.48 -6.90 -0.67
CA ASP B 175 43.59 -7.91 -1.25
C ASP B 175 43.70 -9.21 -0.49
N MET B 176 42.72 -9.49 0.35
CA MET B 176 42.71 -10.71 1.14
C MET B 176 41.67 -11.70 0.61
N SER B 177 41.22 -11.46 -0.62
CA SER B 177 40.45 -12.47 -1.34
C SER B 177 41.36 -13.46 -2.04
N LEU B 178 42.65 -13.15 -2.08
CA LEU B 178 43.66 -14.09 -2.50
C LEU B 178 44.52 -14.54 -1.33
N ASP B 179 45.19 -15.67 -1.47
CA ASP B 179 46.13 -16.16 -0.46
C ASP B 179 47.37 -15.29 -0.43
N ASP B 180 48.10 -15.36 0.68
CA ASP B 180 49.31 -14.58 0.85
C ASP B 180 50.56 -15.47 0.86
N GLY B 181 50.66 -16.33 -0.14
CA GLY B 181 51.83 -17.19 -0.31
C GLY B 181 52.90 -16.54 -1.15
N ASP B 182 52.63 -15.32 -1.61
CA ASP B 182 53.63 -14.54 -2.33
C ASP B 182 54.11 -13.36 -1.49
N SER B 183 53.79 -13.39 -0.20
CA SER B 183 54.26 -12.38 0.73
C SER B 183 53.98 -10.98 0.18
N LYS B 184 52.79 -10.80 -0.40
CA LYS B 184 52.43 -9.54 -1.03
C LYS B 184 52.07 -8.50 0.02
N ILE B 185 51.23 -8.90 0.97
CA ILE B 185 50.77 -7.98 2.02
C ILE B 185 51.93 -7.53 2.89
N GLN B 186 52.88 -8.44 3.15
CA GLN B 186 54.08 -8.09 3.88
C GLN B 186 54.86 -7.00 3.17
N ASN B 187 54.92 -7.08 1.84
CA ASN B 187 55.70 -6.14 1.05
C ASN B 187 54.98 -4.82 0.90
N GLN B 188 53.66 -4.83 1.12
CA GLN B 188 52.88 -3.60 1.15
C GLN B 188 53.04 -2.91 2.49
N LEU B 189 52.94 -3.68 3.58
CA LEU B 189 53.02 -3.13 4.92
C LEU B 189 54.40 -2.54 5.18
N LYS B 190 55.40 -3.03 4.45
CA LYS B 190 56.78 -2.65 4.67
C LYS B 190 57.00 -1.20 4.29
N LYS B 191 55.98 -0.56 3.74
CA LYS B 191 56.10 0.78 3.17
C LYS B 191 55.55 1.83 4.14
N LEU B 192 55.12 1.38 5.31
CA LEU B 192 54.53 2.27 6.31
C LEU B 192 55.61 2.90 7.17
N GLN B 193 55.67 4.23 7.18
CA GLN B 193 56.63 4.95 8.01
C GLN B 193 55.92 5.65 9.16
N SER B 194 54.64 5.96 8.96
CA SER B 194 53.91 6.84 9.86
C SER B 194 53.82 6.20 11.25
N PRO B 195 53.78 7.03 12.29
CA PRO B 195 53.64 6.55 13.66
C PRO B 195 52.18 6.25 14.02
N ILE B 196 51.24 6.85 13.29
CA ILE B 196 49.84 6.51 13.42
C ILE B 196 49.36 5.75 12.18
N ILE B 197 48.55 4.72 12.38
CA ILE B 197 48.05 3.91 11.28
C ILE B 197 46.58 3.58 11.49
N LEU B 198 45.73 4.13 10.63
CA LEU B 198 44.30 3.83 10.66
C LEU B 198 44.01 2.58 9.84
N LEU B 199 43.39 1.59 10.47
CA LEU B 199 43.14 0.30 9.82
C LEU B 199 41.66 0.04 9.72
N TYR B 200 41.17 -0.08 8.48
CA TYR B 200 39.76 -0.38 8.23
C TYR B 200 39.61 -1.77 7.61
N CYS B 201 39.07 -2.70 8.37
CA CYS B 201 38.89 -4.08 7.92
C CYS B 201 37.95 -4.81 8.88
N THR B 202 37.80 -6.11 8.68
CA THR B 202 37.05 -6.95 9.62
C THR B 202 37.97 -7.47 10.71
N LYS B 203 37.37 -8.07 11.73
CA LYS B 203 38.12 -8.56 12.88
C LYS B 203 39.04 -9.71 12.46
N GLU B 204 38.53 -10.58 11.60
CA GLU B 204 39.30 -11.74 11.15
C GLU B 204 40.44 -11.32 10.23
N GLU B 205 40.22 -10.22 9.51
CA GLU B 205 41.26 -9.67 8.64
C GLU B 205 42.35 -8.97 9.45
N ALA B 206 41.93 -8.24 10.47
CA ALA B 206 42.88 -7.55 11.35
C ALA B 206 43.79 -8.57 12.04
N THR B 207 43.22 -9.69 12.45
CA THR B 207 44.00 -10.75 13.08
C THR B 207 45.24 -11.08 12.25
N TYR B 208 45.02 -11.27 10.95
CA TYR B 208 46.10 -11.67 10.05
C TYR B 208 47.04 -10.50 9.78
N ILE B 209 46.46 -9.32 9.56
CA ILE B 209 47.25 -8.15 9.19
C ILE B 209 48.20 -7.77 10.31
N PHE B 210 47.71 -7.89 11.55
CA PHE B 210 48.54 -7.60 12.72
C PHE B 210 49.65 -8.64 12.85
N GLU B 211 49.33 -9.90 12.56
CA GLU B 211 50.32 -10.96 12.62
C GLU B 211 51.48 -10.69 11.67
N VAL B 212 51.16 -10.15 10.50
CA VAL B 212 52.17 -9.79 9.52
C VAL B 212 52.88 -8.51 9.90
N ALA B 213 52.10 -7.51 10.30
CA ALA B 213 52.65 -6.25 10.77
C ALA B 213 53.69 -6.48 11.86
N ASN B 214 53.40 -7.41 12.77
CA ASN B 214 54.30 -7.70 13.89
C ASN B 214 55.65 -8.18 13.36
N SER B 215 55.61 -9.02 12.33
CA SER B 215 56.79 -9.74 11.89
C SER B 215 57.69 -8.86 11.02
N VAL B 216 57.21 -7.66 10.71
CA VAL B 216 58.05 -6.64 10.10
C VAL B 216 58.13 -5.40 10.99
N GLY B 217 57.70 -5.54 12.23
CA GLY B 217 58.11 -4.63 13.30
C GLY B 217 57.31 -3.34 13.29
N LEU B 218 55.99 -3.47 13.23
CA LEU B 218 55.11 -2.31 13.05
C LEU B 218 54.05 -2.26 14.15
N THR B 219 54.25 -3.05 15.20
CA THR B 219 53.25 -3.19 16.25
C THR B 219 53.72 -2.56 17.55
N GLY B 220 55.03 -2.40 17.69
CA GLY B 220 55.63 -2.05 18.97
C GLY B 220 55.34 -0.61 19.36
N TYR B 221 56.17 -0.06 20.25
CA TYR B 221 56.18 1.37 20.49
C TYR B 221 56.62 2.12 19.24
N GLY B 222 56.16 3.36 19.10
CA GLY B 222 56.45 4.16 17.91
C GLY B 222 55.45 3.92 16.80
N TYR B 223 54.67 2.86 16.92
CA TYR B 223 53.53 2.63 16.03
C TYR B 223 52.23 2.52 16.81
N THR B 224 51.27 3.38 16.49
CA THR B 224 49.94 3.31 17.07
C THR B 224 48.90 3.00 16.00
N TRP B 225 48.15 1.93 16.21
CA TRP B 225 47.05 1.56 15.31
C TRP B 225 45.70 1.96 15.90
N ILE B 226 44.89 2.63 15.10
CA ILE B 226 43.51 2.89 15.47
C ILE B 226 42.55 2.16 14.52
N VAL B 227 41.63 1.39 15.11
CA VAL B 227 40.69 0.61 14.32
C VAL B 227 39.25 0.94 14.71
N PRO B 228 38.30 0.61 13.83
CA PRO B 228 36.89 0.91 14.10
C PRO B 228 36.19 -0.20 14.88
N SER B 229 34.93 0.01 15.22
CA SER B 229 34.26 -0.77 16.25
C SER B 229 34.32 -2.26 15.96
N LEU B 230 34.22 -2.63 14.68
CA LEU B 230 33.95 -4.01 14.30
C LEU B 230 35.21 -4.88 14.40
N VAL B 231 36.38 -4.23 14.46
CA VAL B 231 37.63 -4.96 14.64
C VAL B 231 37.83 -5.36 16.10
N ALA B 232 37.57 -4.43 17.01
CA ALA B 232 37.47 -4.76 18.42
C ALA B 232 36.36 -5.77 18.64
N GLY B 233 35.22 -5.51 18.02
CA GLY B 233 34.08 -6.43 18.08
C GLY B 233 33.68 -6.72 19.52
N ASP B 234 33.38 -7.99 19.78
CA ASP B 234 33.25 -8.48 21.15
C ASP B 234 34.54 -8.31 21.92
N THR B 235 34.51 -7.46 22.95
CA THR B 235 35.72 -7.05 23.65
C THR B 235 36.19 -8.14 24.62
N ASP B 236 35.32 -9.08 24.93
CA ASP B 236 35.69 -10.24 25.74
C ASP B 236 36.37 -11.30 24.87
N THR B 237 36.51 -11.02 23.59
CA THR B 237 37.26 -11.90 22.69
C THR B 237 38.40 -11.14 22.02
N VAL B 238 39.61 -11.36 22.53
CA VAL B 238 40.77 -10.62 22.07
C VAL B 238 41.78 -11.57 21.44
N PRO B 239 41.89 -11.54 20.10
CA PRO B 239 42.89 -12.34 19.39
C PRO B 239 44.30 -12.03 19.89
N SER B 240 45.13 -13.07 19.97
CA SER B 240 46.47 -12.93 20.52
C SER B 240 47.35 -12.06 19.62
N GLU B 241 46.88 -11.81 18.41
CA GLU B 241 47.68 -11.16 17.39
C GLU B 241 47.49 -9.64 17.47
N PHE B 242 46.39 -9.23 18.08
CA PHE B 242 46.18 -7.81 18.39
C PHE B 242 47.32 -7.28 19.23
N PRO B 243 47.95 -6.19 18.77
CA PRO B 243 48.96 -5.48 19.56
C PRO B 243 48.36 -4.84 20.80
N THR B 244 49.09 -4.89 21.92
CA THR B 244 48.85 -3.97 23.02
C THR B 244 49.02 -2.54 22.55
N GLY B 245 48.15 -1.66 23.01
CA GLY B 245 48.20 -0.26 22.64
C GLY B 245 47.26 0.06 21.49
N LEU B 246 46.63 -0.98 20.94
CA LEU B 246 45.61 -0.81 19.93
C LEU B 246 44.49 0.08 20.45
N ILE B 247 44.24 1.19 19.76
CA ILE B 247 43.09 2.04 20.07
C ILE B 247 41.90 1.64 19.19
N SER B 248 40.71 1.79 19.74
CA SER B 248 39.49 1.53 18.99
C SER B 248 38.36 2.45 19.46
N VAL B 249 37.65 3.03 18.49
CA VAL B 249 36.25 3.40 18.69
C VAL B 249 35.40 2.16 18.89
N SER B 250 34.30 2.30 19.63
CA SER B 250 33.52 1.15 20.07
C SER B 250 32.09 1.53 20.41
N TYR B 251 31.18 0.58 20.23
CA TYR B 251 29.80 0.74 20.68
C TYR B 251 29.32 -0.51 21.39
N ASP B 252 30.24 -1.42 21.69
CA ASP B 252 29.91 -2.75 22.15
C ASP B 252 29.36 -2.72 23.59
N GLU B 253 28.04 -2.64 23.71
CA GLU B 253 27.37 -2.83 24.99
C GLU B 253 28.25 -2.40 26.15
N TRP B 254 28.45 -1.09 26.28
CA TRP B 254 29.11 -0.55 27.46
C TRP B 254 28.10 0.00 28.45
N ASP B 255 27.33 1.02 28.03
CA ASP B 255 26.33 1.61 28.89
C ASP B 255 24.92 1.40 28.34
N TYR B 256 24.84 0.68 27.22
CA TYR B 256 23.58 0.51 26.49
C TYR B 256 23.31 -0.98 26.27
N GLY B 257 22.75 -1.63 27.28
CA GLY B 257 22.76 -3.08 27.36
C GLY B 257 21.67 -3.71 26.52
N LEU B 258 21.68 -5.03 26.43
CA LEU B 258 20.87 -5.74 25.44
C LEU B 258 19.38 -5.56 25.73
N PRO B 259 18.97 -5.80 26.99
CA PRO B 259 17.58 -5.63 27.38
C PRO B 259 17.05 -4.23 27.05
N ALA B 260 17.91 -3.22 27.17
CA ALA B 260 17.56 -1.86 26.81
C ALA B 260 17.34 -1.75 25.30
N ARG B 261 18.14 -2.49 24.54
CA ARG B 261 18.20 -2.34 23.10
C ARG B 261 17.00 -3.02 22.44
N VAL B 262 16.69 -4.22 22.89
CA VAL B 262 15.49 -4.92 22.45
C VAL B 262 14.27 -4.07 22.75
N ARG B 263 14.32 -3.32 23.85
CA ARG B 263 13.24 -2.42 24.22
C ARG B 263 13.08 -1.31 23.17
N ASP B 264 14.21 -0.73 22.77
CA ASP B 264 14.20 0.38 21.82
C ASP B 264 13.88 -0.11 20.42
N GLY B 265 14.31 -1.34 20.11
CA GLY B 265 13.95 -1.97 18.84
C GLY B 265 12.46 -2.18 18.72
N ILE B 266 11.86 -2.81 19.72
CA ILE B 266 10.42 -3.00 19.75
C ILE B 266 9.70 -1.66 19.70
N ALA B 267 10.32 -0.64 20.28
CA ALA B 267 9.73 0.69 20.32
C ALA B 267 9.74 1.33 18.94
N ILE B 268 10.87 1.23 18.26
CA ILE B 268 11.05 1.87 16.96
C ILE B 268 10.08 1.29 15.93
N ILE B 269 9.91 -0.03 15.97
CA ILE B 269 9.07 -0.72 15.01
C ILE B 269 7.60 -0.46 15.29
N THR B 270 7.27 -0.28 16.56
CA THR B 270 5.89 -0.10 16.98
C THR B 270 5.43 1.34 16.74
N THR B 271 6.21 2.30 17.24
CA THR B 271 6.00 3.70 16.92
C THR B 271 5.82 3.88 15.42
N ALA B 272 6.80 3.42 14.65
CA ALA B 272 6.77 3.56 13.20
C ALA B 272 5.41 3.15 12.64
N ALA B 273 5.03 1.90 12.92
CA ALA B 273 3.78 1.36 12.41
C ALA B 273 2.61 2.26 12.77
N SER B 274 2.61 2.74 14.01
CA SER B 274 1.54 3.58 14.51
C SER B 274 1.47 4.88 13.70
N ASP B 275 2.63 5.45 13.41
CA ASP B 275 2.69 6.73 12.72
C ASP B 275 2.12 6.62 11.32
N MET B 276 2.27 5.44 10.71
CA MET B 276 1.85 5.23 9.33
C MET B 276 0.36 4.87 9.25
N LEU B 277 -0.09 4.03 10.18
CA LEU B 277 -1.51 3.74 10.32
C LEU B 277 -2.27 5.01 10.66
N SER B 278 -1.68 5.85 11.50
CA SER B 278 -2.26 7.15 11.84
C SER B 278 -2.64 7.92 10.58
N GLU B 279 -1.80 7.82 9.56
CA GLU B 279 -1.70 8.87 8.55
C GLU B 279 -2.06 8.34 7.16
N HIS B 280 -2.31 7.03 7.06
CA HIS B 280 -2.72 6.43 5.81
C HIS B 280 -3.82 5.39 6.02
N SER B 281 -4.24 5.22 7.27
CA SER B 281 -5.29 4.26 7.60
C SER B 281 -4.94 2.87 7.08
N PHE B 282 -3.65 2.59 6.94
CA PHE B 282 -3.19 1.22 6.72
C PHE B 282 -1.70 1.11 7.04
N ILE B 283 -1.26 -0.10 7.37
CA ILE B 283 0.16 -0.46 7.33
C ILE B 283 0.39 -1.68 6.44
N PRO B 284 1.61 -1.84 5.94
CA PRO B 284 1.92 -2.93 5.02
C PRO B 284 1.64 -4.29 5.63
N GLU B 285 0.95 -5.16 4.89
CA GLU B 285 0.68 -6.52 5.33
C GLU B 285 1.96 -7.35 5.31
N PRO B 286 2.36 -7.85 6.49
CA PRO B 286 3.42 -8.85 6.60
C PRO B 286 3.34 -9.89 5.48
N LYS B 287 4.49 -10.23 4.91
CA LYS B 287 4.56 -11.21 3.84
C LYS B 287 4.20 -12.60 4.37
N SER B 288 3.27 -13.26 3.69
CA SER B 288 2.87 -14.62 4.05
C SER B 288 4.04 -15.59 3.93
N SER B 289 4.87 -15.38 2.91
CA SER B 289 6.06 -16.19 2.71
C SER B 289 7.13 -15.41 1.96
N CYS B 290 8.34 -15.97 1.90
CA CYS B 290 9.42 -15.36 1.15
C CYS B 290 9.74 -16.20 -0.09
N TYR B 291 9.01 -17.30 -0.25
CA TYR B 291 9.17 -18.18 -1.40
C TYR B 291 8.24 -17.78 -2.53
N ASN B 292 7.59 -16.63 -2.39
CA ASN B 292 6.61 -16.17 -3.37
C ASN B 292 6.70 -14.66 -3.56
N THR B 293 7.92 -14.14 -3.56
CA THR B 293 8.13 -12.70 -3.56
C THR B 293 8.39 -12.19 -4.98
N HIS B 294 8.48 -13.12 -5.92
CA HIS B 294 8.52 -12.76 -7.34
C HIS B 294 7.15 -12.33 -7.84
N GLU B 295 6.11 -12.96 -7.29
CA GLU B 295 4.73 -12.64 -7.66
C GLU B 295 4.30 -11.32 -7.02
N LYS B 296 4.42 -11.23 -5.70
CA LYS B 296 3.76 -10.18 -4.95
C LYS B 296 4.63 -8.92 -4.90
N ARG B 297 5.38 -8.69 -5.97
CA ARG B 297 6.31 -7.55 -6.02
C ARG B 297 5.56 -6.23 -6.04
N ILE B 298 4.56 -6.12 -6.92
CA ILE B 298 3.90 -4.84 -7.17
C ILE B 298 3.00 -4.46 -5.99
N TYR B 299 2.86 -5.38 -5.05
CA TYR B 299 1.93 -5.19 -3.94
C TYR B 299 2.67 -4.77 -2.68
N GLN B 300 3.99 -4.63 -2.78
CA GLN B 300 4.84 -4.40 -1.62
C GLN B 300 5.66 -3.13 -1.79
N SER B 301 6.04 -2.53 -0.67
CA SER B 301 6.73 -1.24 -0.70
C SER B 301 7.66 -1.12 0.50
N ASN B 302 8.62 -0.20 0.40
CA ASN B 302 9.41 0.18 1.56
C ASN B 302 8.88 1.46 2.19
N MET B 303 7.55 1.60 2.18
CA MET B 303 6.91 2.84 2.60
C MET B 303 7.15 3.13 4.06
N LEU B 304 7.29 2.07 4.86
CA LEU B 304 7.37 2.20 6.31
C LEU B 304 8.69 2.84 6.74
N ASN B 305 9.58 3.05 5.78
CA ASN B 305 10.94 3.50 6.07
C ASN B 305 10.95 4.94 6.57
N ARG B 306 10.13 5.79 5.94
CA ARG B 306 10.09 7.21 6.30
C ARG B 306 9.92 7.36 7.80
N TYR B 307 9.21 6.42 8.41
CA TYR B 307 8.81 6.54 9.81
C TYR B 307 9.78 5.80 10.72
N LEU B 308 10.42 4.77 10.20
CA LEU B 308 11.34 3.96 10.99
C LEU B 308 12.56 4.78 11.41
N ILE B 309 12.82 5.86 10.69
CA ILE B 309 14.07 6.59 10.82
C ILE B 309 13.88 7.90 11.58
N ASN B 310 12.68 8.07 12.15
CA ASN B 310 12.31 9.35 12.75
C ASN B 310 11.51 9.11 14.03
N VAL B 311 11.91 8.09 14.79
CA VAL B 311 11.24 7.76 16.04
C VAL B 311 11.93 8.44 17.23
N THR B 312 11.14 9.14 18.02
CA THR B 312 11.57 9.56 19.36
C THR B 312 10.78 8.82 20.43
N PHE B 313 11.47 8.32 21.44
CA PHE B 313 10.86 7.46 22.45
C PHE B 313 11.48 7.71 23.83
N GLU B 314 10.62 7.99 24.80
CA GLU B 314 11.07 8.22 26.17
C GLU B 314 12.07 9.36 26.22
N GLY B 315 11.91 10.33 25.32
CA GLY B 315 12.68 11.58 25.38
C GLY B 315 14.06 11.45 24.77
N ARG B 316 14.29 10.34 24.07
CA ARG B 316 15.52 10.17 23.30
C ARG B 316 15.23 10.17 21.80
N ASP B 317 16.13 10.76 21.03
CA ASP B 317 16.03 10.74 19.58
C ASP B 317 16.66 9.48 19.01
N LEU B 318 15.82 8.53 18.61
CA LEU B 318 16.29 7.25 18.12
C LEU B 318 16.32 7.22 16.58
N SER B 319 16.41 8.40 15.99
CA SER B 319 16.42 8.53 14.53
C SER B 319 17.51 7.64 13.93
N PHE B 320 17.27 7.20 12.70
CA PHE B 320 18.32 6.57 11.90
C PHE B 320 18.74 7.49 10.75
N SER B 321 19.80 7.12 10.06
CA SER B 321 20.19 7.78 8.83
C SER B 321 19.59 7.09 7.61
N GLU B 322 19.58 7.77 6.47
CA GLU B 322 19.24 7.14 5.21
C GLU B 322 20.14 5.94 4.94
N ASP B 323 21.40 6.03 5.38
CA ASP B 323 22.38 4.97 5.16
C ASP B 323 22.16 3.81 6.13
N GLY B 324 21.37 4.06 7.18
CA GLY B 324 20.84 2.99 8.00
C GLY B 324 21.63 2.79 9.29
N TYR B 325 22.32 3.85 9.73
CA TYR B 325 22.99 3.84 11.01
C TYR B 325 22.25 4.71 12.02
N GLN B 326 22.56 4.53 13.29
CA GLN B 326 22.08 5.42 14.34
C GLN B 326 22.66 6.83 14.16
N MET B 327 21.84 7.83 14.40
CA MET B 327 22.22 9.22 14.15
C MET B 327 23.14 9.73 15.26
N HIS B 328 22.73 9.51 16.51
CA HIS B 328 23.47 10.01 17.65
C HIS B 328 23.79 8.88 18.62
N PRO B 329 24.79 8.06 18.29
CA PRO B 329 25.32 7.05 19.19
C PRO B 329 26.26 7.63 20.24
N LYS B 330 26.16 7.14 21.46
CA LYS B 330 27.20 7.34 22.46
C LYS B 330 28.34 6.35 22.24
N LEU B 331 29.53 6.87 21.97
CA LEU B 331 30.68 6.03 21.63
C LEU B 331 31.69 6.00 22.76
N VAL B 332 32.47 4.92 22.81
CA VAL B 332 33.52 4.78 23.81
C VAL B 332 34.85 4.47 23.14
N ILE B 333 35.86 5.29 23.42
CA ILE B 333 37.21 5.01 22.94
C ILE B 333 37.91 4.06 23.91
N ILE B 334 38.28 2.89 23.41
CA ILE B 334 38.89 1.86 24.24
C ILE B 334 40.34 1.63 23.87
N LEU B 335 41.11 1.09 24.80
CA LEU B 335 42.54 0.88 24.60
C LEU B 335 42.94 -0.49 25.13
N LEU B 336 43.55 -1.30 24.28
CA LEU B 336 43.96 -2.64 24.66
C LEU B 336 45.24 -2.58 25.51
N ASN B 337 45.12 -2.96 26.78
CA ASN B 337 46.19 -2.71 27.75
C ASN B 337 47.10 -3.93 27.87
N LYS B 338 48.07 -3.85 28.77
CA LYS B 338 49.17 -4.82 28.84
C LYS B 338 48.66 -6.19 29.24
N GLU B 339 47.52 -6.23 29.94
CA GLU B 339 46.94 -7.48 30.39
C GLU B 339 45.88 -7.97 29.41
N ARG B 340 45.92 -7.44 28.19
CA ARG B 340 45.12 -7.98 27.09
C ARG B 340 43.63 -7.76 27.34
N LYS B 341 43.31 -6.71 28.09
CA LYS B 341 41.92 -6.34 28.33
C LYS B 341 41.64 -4.95 27.78
N TRP B 342 40.46 -4.78 27.18
CA TRP B 342 40.07 -3.50 26.62
C TRP B 342 39.67 -2.51 27.71
N GLU B 343 40.21 -1.30 27.63
CA GLU B 343 40.10 -0.34 28.72
C GLU B 343 39.54 0.98 28.18
N ARG B 344 38.52 1.50 28.86
CA ARG B 344 37.95 2.79 28.51
C ARG B 344 38.92 3.93 28.77
N VAL B 345 39.06 4.82 27.81
CA VAL B 345 40.01 5.92 27.91
C VAL B 345 39.47 7.20 27.31
N GLY B 346 38.19 7.19 26.94
CA GLY B 346 37.56 8.34 26.32
C GLY B 346 36.10 8.11 25.95
N LYS B 347 35.33 9.19 25.92
CA LYS B 347 33.94 9.13 25.46
C LYS B 347 33.72 10.14 24.34
N TRP B 348 32.83 9.79 23.42
CA TRP B 348 32.39 10.73 22.39
C TRP B 348 30.87 10.91 22.44
N LYS B 349 30.44 12.14 22.65
CA LYS B 349 29.01 12.45 22.81
C LYS B 349 28.71 13.88 22.41
N ASP B 350 27.88 14.05 21.38
CA ASP B 350 27.44 15.37 20.97
C ASP B 350 28.60 16.14 20.32
N LYS B 351 29.27 15.49 19.37
CA LYS B 351 30.28 16.16 18.57
C LYS B 351 31.50 16.52 19.41
N SER B 352 31.42 16.24 20.71
CA SER B 352 32.52 16.54 21.62
C SER B 352 33.24 15.25 22.04
N LEU B 353 34.57 15.26 21.95
CA LEU B 353 35.38 14.16 22.43
C LEU B 353 36.04 14.52 23.75
N GLN B 354 35.72 13.75 24.79
CA GLN B 354 36.31 13.98 26.12
C GLN B 354 37.19 12.79 26.51
N MET B 355 38.50 12.98 26.41
CA MET B 355 39.46 11.91 26.67
C MET B 355 39.86 11.91 28.14
N LYS B 356 40.35 10.77 28.62
CA LYS B 356 40.64 10.60 30.03
C LYS B 356 42.02 11.15 30.35
N TYR B 357 43.03 10.70 29.59
CA TYR B 357 44.39 11.15 29.80
C TYR B 357 44.69 12.36 28.92
N TYR B 358 45.56 13.24 29.42
CA TYR B 358 46.09 14.32 28.63
C TYR B 358 47.40 13.91 27.97
N VAL B 359 48.24 13.21 28.73
CA VAL B 359 49.42 12.55 28.16
C VAL B 359 49.13 11.07 27.93
N TRP B 360 49.30 10.62 26.70
CA TRP B 360 48.81 9.31 26.28
C TRP B 360 49.56 8.20 27.02
N PRO B 361 48.80 7.21 27.51
CA PRO B 361 49.35 6.16 28.37
C PRO B 361 50.35 5.27 27.62
N ARG B 362 51.23 4.62 28.37
CA ARG B 362 52.26 3.76 27.79
C ARG B 362 51.99 2.29 28.14
N MET B 363 51.89 1.46 27.11
CA MET B 363 51.76 0.02 27.29
C MET B 363 53.06 -0.69 26.91
N ASP C 1 -55.15 -27.56 7.57
CA ASP C 1 -53.90 -26.78 7.28
C ASP C 1 -54.22 -25.30 7.17
N PRO C 2 -53.60 -24.47 8.03
CA PRO C 2 -53.59 -23.02 7.88
C PRO C 2 -52.48 -22.56 6.95
N LYS C 3 -52.40 -21.26 6.72
CA LYS C 3 -51.33 -20.68 5.91
C LYS C 3 -50.17 -20.25 6.79
N ILE C 4 -48.97 -20.72 6.45
CA ILE C 4 -47.78 -20.45 7.26
C ILE C 4 -47.15 -19.13 6.83
N VAL C 5 -46.95 -18.24 7.80
CA VAL C 5 -46.31 -16.96 7.54
C VAL C 5 -45.06 -16.79 8.39
N ASN C 6 -43.90 -16.67 7.73
CA ASN C 6 -42.62 -16.66 8.41
C ASN C 6 -42.26 -15.25 8.86
N ILE C 7 -41.84 -15.11 10.11
CA ILE C 7 -41.09 -13.94 10.55
C ILE C 7 -39.61 -14.26 10.66
N GLY C 8 -38.77 -13.28 10.35
CA GLY C 8 -37.32 -13.47 10.39
C GLY C 8 -36.68 -12.72 11.55
N ALA C 9 -35.45 -13.11 11.87
CA ALA C 9 -34.71 -12.45 12.95
C ALA C 9 -33.20 -12.66 12.78
N VAL C 10 -32.45 -11.56 12.86
CA VAL C 10 -31.01 -11.64 13.01
C VAL C 10 -30.61 -11.18 14.41
N LEU C 11 -30.11 -12.11 15.21
CA LEU C 11 -29.99 -11.90 16.65
C LEU C 11 -28.59 -12.25 17.15
N SER C 12 -28.36 -12.04 18.43
CA SER C 12 -27.00 -11.98 18.98
C SER C 12 -26.45 -13.38 19.25
N THR C 13 -27.26 -14.21 19.89
CA THR C 13 -26.79 -15.51 20.37
C THR C 13 -27.82 -16.59 20.08
N LYS C 14 -27.42 -17.85 20.27
CA LYS C 14 -28.34 -18.97 20.14
C LYS C 14 -29.47 -18.84 21.16
N LYS C 15 -29.15 -18.28 22.32
CA LYS C 15 -30.13 -18.14 23.40
C LYS C 15 -31.23 -17.16 23.01
N HIS C 16 -30.86 -16.14 22.24
CA HIS C 16 -31.81 -15.13 21.80
C HIS C 16 -32.64 -15.63 20.63
N GLU C 17 -32.05 -16.49 19.80
CA GLU C 17 -32.80 -17.21 18.79
C GLU C 17 -33.92 -18.03 19.43
N GLN C 18 -33.62 -18.61 20.59
CA GLN C 18 -34.57 -19.47 21.29
C GLN C 18 -35.68 -18.64 21.93
N ILE C 19 -35.34 -17.44 22.37
CA ILE C 19 -36.32 -16.51 22.91
C ILE C 19 -37.24 -15.99 21.81
N PHE C 20 -36.67 -15.77 20.64
CA PHE C 20 -37.46 -15.42 19.46
C PHE C 20 -38.45 -16.53 19.13
N ARG C 21 -37.94 -17.75 18.96
CA ARG C 21 -38.81 -18.90 18.70
C ARG C 21 -39.90 -18.98 19.75
N GLU C 22 -39.55 -18.59 20.98
CA GLU C 22 -40.47 -18.72 22.11
C GLU C 22 -41.58 -17.68 22.03
N ALA C 23 -41.23 -16.51 21.49
CA ALA C 23 -42.17 -15.40 21.42
C ALA C 23 -43.17 -15.61 20.29
N VAL C 24 -42.73 -16.29 19.24
CA VAL C 24 -43.59 -16.56 18.09
C VAL C 24 -44.61 -17.65 18.42
N ASN C 25 -44.18 -18.66 19.16
CA ASN C 25 -45.09 -19.70 19.65
C ASN C 25 -46.10 -19.10 20.61
N GLN C 26 -45.67 -18.04 21.30
CA GLN C 26 -46.53 -17.34 22.26
C GLN C 26 -47.57 -16.49 21.52
N ALA C 27 -47.19 -16.01 20.33
CA ALA C 27 -48.09 -15.24 19.49
C ALA C 27 -49.13 -16.14 18.86
N ASN C 28 -48.75 -17.39 18.57
CA ASN C 28 -49.65 -18.33 17.94
C ASN C 28 -50.68 -18.85 18.94
N LYS C 29 -50.25 -19.04 20.18
CA LYS C 29 -51.16 -19.41 21.26
C LYS C 29 -52.14 -18.28 21.54
N ARG C 30 -51.63 -17.05 21.55
CA ARG C 30 -52.41 -15.89 21.93
C ARG C 30 -53.46 -15.55 20.86
N HIS C 31 -53.07 -15.70 19.59
CA HIS C 31 -53.91 -15.25 18.49
C HIS C 31 -54.80 -16.39 18.00
N PHE C 32 -55.80 -16.04 17.19
CA PHE C 32 -56.60 -17.02 16.47
C PHE C 32 -55.90 -17.42 15.17
N THR C 33 -55.54 -18.69 15.08
CA THR C 33 -54.57 -19.13 14.07
C THR C 33 -55.12 -20.31 13.27
N ARG C 34 -56.38 -20.20 12.86
CA ARG C 34 -56.96 -21.14 11.90
C ARG C 34 -56.69 -20.68 10.47
N LYS C 35 -56.60 -19.36 10.29
CA LYS C 35 -56.35 -18.79 8.97
C LYS C 35 -54.85 -18.72 8.68
N ILE C 36 -54.15 -17.87 9.42
CA ILE C 36 -52.70 -17.75 9.28
C ILE C 36 -52.01 -18.20 10.57
N GLN C 37 -50.78 -18.70 10.43
CA GLN C 37 -50.02 -19.18 11.57
C GLN C 37 -48.53 -18.87 11.38
N LEU C 38 -47.94 -18.23 12.38
CA LEU C 38 -46.60 -17.67 12.23
C LEU C 38 -45.53 -18.74 12.41
N GLN C 39 -44.40 -18.57 11.73
CA GLN C 39 -43.27 -19.47 11.88
C GLN C 39 -41.98 -18.66 12.02
N ALA C 40 -41.16 -19.04 12.99
CA ALA C 40 -39.95 -18.30 13.31
C ALA C 40 -38.78 -18.79 12.45
N THR C 41 -38.14 -17.86 11.75
CA THR C 41 -36.88 -18.15 11.08
C THR C 41 -35.82 -17.14 11.51
N SER C 42 -34.67 -17.64 11.95
CA SER C 42 -33.67 -16.81 12.62
C SER C 42 -32.27 -17.25 12.24
N VAL C 43 -31.36 -16.28 12.19
CA VAL C 43 -29.93 -16.56 12.27
C VAL C 43 -29.25 -15.57 13.22
N THR C 44 -27.97 -15.80 13.48
CA THR C 44 -27.15 -14.84 14.20
C THR C 44 -26.35 -13.99 13.21
N HIS C 45 -25.74 -12.92 13.71
CA HIS C 45 -24.93 -12.05 12.88
C HIS C 45 -23.76 -12.80 12.26
N ARG C 46 -23.44 -12.47 11.01
CA ARG C 46 -22.24 -12.96 10.36
C ARG C 46 -21.08 -12.00 10.59
N PRO C 47 -19.84 -12.50 10.50
CA PRO C 47 -18.67 -11.77 10.96
C PRO C 47 -18.43 -10.46 10.22
N ASN C 48 -18.90 -10.38 8.98
CA ASN C 48 -18.77 -9.16 8.20
C ASN C 48 -20.04 -8.89 7.37
N ALA C 49 -20.03 -7.76 6.66
CA ALA C 49 -21.28 -7.12 6.25
C ALA C 49 -21.79 -7.73 4.95
N ILE C 50 -20.88 -8.27 4.14
CA ILE C 50 -21.27 -8.94 2.91
C ILE C 50 -21.82 -10.34 3.20
N GLN C 51 -21.16 -11.04 4.12
CA GLN C 51 -21.65 -12.33 4.58
C GLN C 51 -23.04 -12.20 5.17
N MET C 52 -23.32 -11.05 5.78
CA MET C 52 -24.58 -10.82 6.46
C MET C 52 -25.69 -10.56 5.45
N ALA C 53 -25.37 -9.79 4.41
CA ALA C 53 -26.31 -9.54 3.32
C ALA C 53 -26.69 -10.85 2.64
N LEU C 54 -25.70 -11.68 2.37
CA LEU C 54 -25.94 -12.96 1.72
C LEU C 54 -26.81 -13.86 2.60
N SER C 55 -26.58 -13.80 3.91
CA SER C 55 -27.30 -14.67 4.84
C SER C 55 -28.78 -14.30 4.90
N VAL C 56 -29.05 -13.00 4.82
CA VAL C 56 -30.43 -12.52 4.74
C VAL C 56 -31.13 -13.11 3.53
N CYS C 57 -30.43 -13.17 2.40
CA CYS C 57 -31.00 -13.71 1.17
C CYS C 57 -31.19 -15.22 1.27
N GLU C 58 -30.16 -15.93 1.71
CA GLU C 58 -30.14 -17.38 1.64
C GLU C 58 -30.94 -18.00 2.78
N ASP C 59 -30.94 -17.35 3.93
CA ASP C 59 -31.43 -17.97 5.16
C ASP C 59 -32.79 -17.43 5.56
N LEU C 60 -33.06 -16.17 5.21
CA LEU C 60 -34.27 -15.48 5.67
C LEU C 60 -35.27 -15.26 4.54
N ILE C 61 -34.89 -14.44 3.57
CA ILE C 61 -35.77 -14.10 2.46
C ILE C 61 -36.11 -15.33 1.63
N SER C 62 -35.28 -16.36 1.74
CA SER C 62 -35.52 -17.61 1.02
C SER C 62 -36.72 -18.35 1.61
N SER C 63 -37.05 -18.03 2.86
CA SER C 63 -38.20 -18.62 3.52
C SER C 63 -39.38 -17.65 3.51
N GLN C 64 -39.34 -16.70 2.60
CA GLN C 64 -40.45 -15.76 2.40
C GLN C 64 -40.82 -15.10 3.73
N VAL C 65 -39.89 -14.32 4.27
CA VAL C 65 -40.11 -13.62 5.52
C VAL C 65 -40.90 -12.33 5.28
N TYR C 66 -41.86 -12.07 6.16
CA TYR C 66 -42.71 -10.88 6.05
C TYR C 66 -42.08 -9.70 6.77
N ALA C 67 -41.22 -9.99 7.73
CA ALA C 67 -40.51 -8.96 8.49
C ALA C 67 -39.30 -9.54 9.20
N ILE C 68 -38.32 -8.69 9.47
CA ILE C 68 -37.04 -9.13 10.03
C ILE C 68 -36.67 -8.30 11.26
N LEU C 69 -36.63 -8.95 12.41
CA LEU C 69 -36.10 -8.32 13.62
C LEU C 69 -34.58 -8.39 13.63
N VAL C 70 -33.96 -7.32 14.13
CA VAL C 70 -32.51 -7.22 14.12
C VAL C 70 -31.99 -6.55 15.39
N SER C 71 -31.02 -7.19 16.04
CA SER C 71 -30.37 -6.62 17.21
C SER C 71 -29.00 -6.04 16.86
N HIS C 72 -28.50 -5.17 17.71
CA HIS C 72 -27.07 -4.86 17.76
C HIS C 72 -26.32 -5.97 18.50
N PRO C 73 -25.20 -6.45 17.91
CA PRO C 73 -24.49 -7.61 18.41
C PRO C 73 -23.50 -7.26 19.53
N PRO C 74 -22.51 -8.12 19.76
CA PRO C 74 -21.29 -7.76 20.49
C PRO C 74 -20.29 -7.03 19.60
N ALA C 75 -19.00 -7.17 19.91
CA ALA C 75 -17.96 -6.59 19.08
C ALA C 75 -16.58 -6.93 19.64
N HIS C 79 -18.57 -3.39 15.59
CA HIS C 79 -18.30 -2.97 14.22
C HIS C 79 -19.37 -3.48 13.25
N LEU C 80 -20.29 -4.29 13.77
CA LEU C 80 -21.31 -4.91 12.94
C LEU C 80 -22.68 -4.31 13.23
N THR C 81 -23.24 -3.59 12.26
CA THR C 81 -24.50 -2.90 12.45
C THR C 81 -25.64 -3.64 11.76
N PRO C 82 -26.88 -3.16 11.96
CA PRO C 82 -28.07 -3.72 11.30
C PRO C 82 -28.11 -3.39 9.81
N THR C 83 -27.13 -2.63 9.33
CA THR C 83 -27.28 -1.88 8.11
C THR C 83 -27.42 -2.79 6.89
N PRO C 84 -26.62 -3.87 6.84
CA PRO C 84 -26.67 -4.79 5.71
C PRO C 84 -28.00 -5.54 5.63
N ILE C 85 -28.66 -5.68 6.78
CA ILE C 85 -29.98 -6.31 6.83
C ILE C 85 -31.06 -5.35 6.34
N SER C 86 -30.96 -4.10 6.77
CA SER C 86 -31.90 -3.07 6.34
C SER C 86 -31.76 -2.79 4.85
N TYR C 87 -30.53 -2.81 4.36
CA TYR C 87 -30.27 -2.59 2.95
C TYR C 87 -30.97 -3.65 2.09
N THR C 88 -30.67 -4.91 2.35
CA THR C 88 -31.14 -6.01 1.51
C THR C 88 -32.64 -6.19 1.65
N ALA C 89 -33.14 -6.11 2.88
CA ALA C 89 -34.57 -6.21 3.13
C ALA C 89 -35.32 -5.05 2.49
N GLY C 90 -34.68 -3.88 2.45
CA GLY C 90 -35.30 -2.68 1.93
C GLY C 90 -35.35 -2.68 0.42
N PHE C 91 -34.40 -3.37 -0.21
CA PHE C 91 -34.48 -3.67 -1.63
C PHE C 91 -35.86 -4.19 -1.99
N TYR C 92 -36.41 -5.05 -1.13
CA TYR C 92 -37.67 -5.72 -1.42
C TYR C 92 -38.82 -5.06 -0.65
N ARG C 93 -38.49 -4.05 0.13
CA ARG C 93 -39.48 -3.35 0.95
C ARG C 93 -40.07 -4.28 2.01
N ILE C 94 -39.30 -5.29 2.40
CA ILE C 94 -39.55 -6.03 3.63
C ILE C 94 -39.13 -5.21 4.85
N PRO C 95 -40.08 -4.93 5.75
CA PRO C 95 -39.83 -4.16 6.97
C PRO C 95 -38.85 -4.88 7.88
N VAL C 96 -37.94 -4.11 8.49
CA VAL C 96 -37.12 -4.62 9.58
C VAL C 96 -37.35 -3.84 10.87
N ILE C 97 -37.32 -4.55 11.99
CA ILE C 97 -37.56 -3.95 13.29
C ILE C 97 -36.28 -3.97 14.13
N GLY C 98 -35.61 -2.83 14.21
CA GLY C 98 -34.43 -2.70 15.06
C GLY C 98 -34.79 -2.78 16.54
N LEU C 99 -34.00 -3.54 17.28
CA LEU C 99 -34.38 -3.93 18.64
C LEU C 99 -33.66 -3.05 19.67
N THR C 100 -32.44 -2.64 19.36
CA THR C 100 -31.55 -2.05 20.36
C THR C 100 -30.70 -0.94 19.77
N THR C 101 -30.77 -0.75 18.46
CA THR C 101 -29.96 0.25 17.77
C THR C 101 -30.56 1.63 17.94
N ARG C 102 -29.70 2.62 18.19
CA ARG C 102 -30.15 3.90 18.73
C ARG C 102 -29.49 5.08 18.03
N MET C 103 -28.59 4.79 17.09
CA MET C 103 -28.04 5.81 16.22
C MET C 103 -29.15 6.43 15.39
N SER C 104 -29.10 7.75 15.24
CA SER C 104 -30.20 8.50 14.66
C SER C 104 -30.25 8.35 13.15
N ILE C 105 -29.16 7.87 12.56
CA ILE C 105 -29.08 7.69 11.12
C ILE C 105 -30.17 6.74 10.63
N TYR C 106 -30.64 5.88 11.53
CA TYR C 106 -31.64 4.88 11.17
C TYR C 106 -33.05 5.48 11.20
N SER C 107 -33.13 6.80 11.29
CA SER C 107 -34.40 7.51 11.17
C SER C 107 -34.55 8.08 9.77
N ASP C 108 -33.41 8.29 9.11
CA ASP C 108 -33.39 8.83 7.75
C ASP C 108 -33.81 7.76 6.75
N LYS C 109 -34.91 8.00 6.05
CA LYS C 109 -35.55 6.94 5.28
C LYS C 109 -35.22 7.05 3.79
N SER C 110 -34.31 7.97 3.45
CA SER C 110 -33.53 7.85 2.23
C SER C 110 -32.59 6.66 2.32
N ILE C 111 -32.18 6.34 3.55
CA ILE C 111 -31.16 5.32 3.77
C ILE C 111 -31.82 4.03 4.25
N HIS C 112 -32.79 4.15 5.13
CA HIS C 112 -33.47 3.00 5.71
C HIS C 112 -34.98 3.10 5.51
N LEU C 113 -35.46 2.51 4.42
CA LEU C 113 -36.85 2.67 3.99
C LEU C 113 -37.80 2.04 5.01
N SER C 114 -37.70 0.72 5.11
CA SER C 114 -38.66 -0.05 5.89
C SER C 114 -38.06 -0.40 7.24
N PHE C 115 -37.68 0.62 7.99
CA PHE C 115 -37.04 0.44 9.28
C PHE C 115 -37.88 1.05 10.40
N LEU C 116 -38.39 0.21 11.29
CA LEU C 116 -38.83 0.65 12.60
C LEU C 116 -37.92 0.10 13.70
N ARG C 117 -38.05 0.66 14.90
CA ARG C 117 -37.29 0.17 16.04
C ARG C 117 -38.04 0.43 17.35
N THR C 118 -37.87 -0.48 18.31
CA THR C 118 -38.60 -0.40 19.57
C THR C 118 -37.79 0.37 20.62
N VAL C 119 -36.67 0.94 20.19
CA VAL C 119 -35.97 1.93 21.01
C VAL C 119 -35.86 3.25 20.26
N PRO C 120 -35.84 4.36 20.99
CA PRO C 120 -35.67 5.69 20.42
C PRO C 120 -34.21 6.00 20.09
N PRO C 121 -33.99 6.83 19.06
CA PRO C 121 -32.66 7.33 18.74
C PRO C 121 -32.10 8.23 19.83
N TYR C 122 -30.79 8.28 19.96
CA TYR C 122 -30.14 9.09 21.00
C TYR C 122 -30.64 10.53 20.95
N SER C 123 -31.02 10.98 19.77
CA SER C 123 -31.38 12.38 19.56
C SER C 123 -32.65 12.72 20.34
N HIS C 124 -33.45 11.70 20.64
CA HIS C 124 -34.73 11.90 21.31
C HIS C 124 -34.54 12.23 22.79
N GLN C 125 -33.31 12.03 23.27
CA GLN C 125 -32.97 12.40 24.64
C GLN C 125 -33.21 13.89 24.86
N ALA C 126 -33.29 14.65 23.77
CA ALA C 126 -33.54 16.09 23.86
C ALA C 126 -34.92 16.35 24.45
N LEU C 127 -35.83 15.39 24.31
CA LEU C 127 -37.12 15.46 24.97
C LEU C 127 -36.96 15.59 26.47
N VAL C 128 -35.94 14.92 27.00
CA VAL C 128 -35.73 14.85 28.44
C VAL C 128 -34.99 16.09 28.93
N TRP C 129 -33.89 16.43 28.25
CA TRP C 129 -33.18 17.68 28.49
C TRP C 129 -34.18 18.83 28.62
N PHE C 130 -35.01 18.99 27.59
CA PHE C 130 -36.00 20.05 27.56
C PHE C 130 -36.82 20.08 28.85
N GLU C 131 -37.42 18.95 29.19
CA GLU C 131 -38.28 18.87 30.37
C GLU C 131 -37.48 19.12 31.64
N MET C 132 -36.19 18.81 31.59
CA MET C 132 -35.28 19.15 32.69
C MET C 132 -35.08 20.66 32.76
N MET C 133 -35.06 21.30 31.60
CA MET C 133 -34.81 22.73 31.53
C MET C 133 -36.00 23.52 32.08
N ARG C 134 -37.20 22.99 31.86
CA ARG C 134 -38.41 23.58 32.43
C ARG C 134 -38.47 23.30 33.92
N LEU C 135 -38.10 22.09 34.32
CA LEU C 135 -38.18 21.69 35.72
C LEU C 135 -37.26 22.54 36.58
N PHE C 136 -35.99 22.62 36.21
CA PHE C 136 -35.00 23.35 36.99
C PHE C 136 -34.78 24.75 36.43
N ASN C 137 -35.65 25.17 35.52
CA ASN C 137 -35.71 26.56 35.08
C ASN C 137 -34.35 27.03 34.57
N TRP C 138 -33.67 26.15 33.83
CA TRP C 138 -32.55 26.56 33.01
C TRP C 138 -33.05 27.17 31.70
N ASN C 139 -33.16 28.50 31.68
CA ASN C 139 -33.72 29.20 30.52
C ASN C 139 -32.62 29.54 29.52
N HIS C 140 -31.37 29.48 29.97
CA HIS C 140 -30.24 29.81 29.11
C HIS C 140 -29.16 28.72 29.20
N VAL C 141 -28.95 28.02 28.09
CA VAL C 141 -28.03 26.89 28.07
C VAL C 141 -27.04 27.01 26.92
N ILE C 142 -25.85 26.44 27.11
CA ILE C 142 -24.91 26.21 26.02
C ILE C 142 -25.02 24.77 25.54
N LEU C 143 -25.15 24.59 24.23
CA LEU C 143 -25.17 23.26 23.64
C LEU C 143 -23.87 22.97 22.89
N ILE C 144 -23.12 21.99 23.38
CA ILE C 144 -21.95 21.48 22.66
C ILE C 144 -22.26 20.16 21.98
N VAL C 145 -21.80 20.01 20.75
CA VAL C 145 -22.27 18.94 19.87
C VAL C 145 -21.17 18.52 18.91
N SER C 146 -20.99 17.22 18.73
CA SER C 146 -20.04 16.70 17.76
C SER C 146 -20.52 16.96 16.34
N ASP C 147 -19.63 17.47 15.50
CA ASP C 147 -19.96 17.76 14.11
C ASP C 147 -20.02 16.48 13.29
N ASP C 148 -20.85 15.54 13.74
CA ASP C 148 -21.25 14.41 12.92
C ASP C 148 -22.76 14.26 12.94
N HIS C 149 -23.26 13.21 12.29
CA HIS C 149 -24.70 13.06 12.08
C HIS C 149 -25.44 13.08 13.40
N GLU C 150 -24.96 12.29 14.36
CA GLU C 150 -25.66 12.09 15.62
C GLU C 150 -25.70 13.38 16.43
N GLY C 151 -24.58 14.09 16.47
CA GLY C 151 -24.49 15.35 17.19
C GLY C 151 -25.45 16.38 16.62
N ARG C 152 -25.47 16.48 15.30
CA ARG C 152 -26.34 17.45 14.62
C ARG C 152 -27.80 17.01 14.72
N ALA C 153 -28.03 15.72 14.79
CA ALA C 153 -29.38 15.18 14.99
C ALA C 153 -29.96 15.67 16.31
N ALA C 154 -29.12 15.72 17.33
CA ALA C 154 -29.56 16.07 18.68
C ALA C 154 -29.78 17.58 18.78
N GLN C 155 -28.98 18.34 18.04
CA GLN C 155 -29.16 19.78 17.96
C GLN C 155 -30.45 20.13 17.23
N LYS C 156 -30.66 19.49 16.08
CA LYS C 156 -31.89 19.67 15.32
C LYS C 156 -33.10 19.45 16.23
N LYS C 157 -33.05 18.38 17.01
CA LYS C 157 -34.21 17.95 17.79
C LYS C 157 -34.50 18.92 18.92
N LEU C 158 -33.45 19.35 19.61
CA LEU C 158 -33.60 20.25 20.74
C LEU C 158 -34.04 21.63 20.29
N GLU C 159 -33.48 22.10 19.17
CA GLU C 159 -33.80 23.42 18.65
C GLU C 159 -35.26 23.46 18.18
N THR C 160 -35.75 22.33 17.68
CA THR C 160 -37.14 22.20 17.30
C THR C 160 -38.05 22.34 18.52
N LEU C 161 -37.61 21.76 19.64
CA LEU C 161 -38.39 21.79 20.88
C LEU C 161 -38.38 23.18 21.50
N LEU C 162 -37.30 23.92 21.27
CA LEU C 162 -37.18 25.28 21.79
C LEU C 162 -37.92 26.26 20.88
N GLU C 163 -37.87 26.02 19.58
CA GLU C 163 -38.63 26.80 18.62
C GLU C 163 -39.90 26.05 18.20
N GLY C 187 -40.00 31.06 26.54
CA GLY C 187 -39.52 29.78 27.05
C GLY C 187 -38.03 29.78 27.31
N PRO C 188 -37.42 28.60 27.37
CA PRO C 188 -35.96 28.46 27.44
C PRO C 188 -35.30 28.65 26.09
N LYS C 189 -34.04 29.05 26.09
CA LYS C 189 -33.31 29.29 24.85
C LYS C 189 -31.88 28.78 24.94
N ALA C 190 -31.31 28.40 23.80
CA ALA C 190 -29.89 28.08 23.71
C ALA C 190 -29.08 29.30 23.30
N ASP C 191 -28.25 29.79 24.21
CA ASP C 191 -27.53 31.05 23.99
C ASP C 191 -26.55 30.91 22.84
N LYS C 192 -25.94 29.74 22.73
CA LYS C 192 -25.05 29.44 21.61
C LYS C 192 -24.98 27.93 21.39
N VAL C 193 -24.72 27.53 20.15
CA VAL C 193 -24.41 26.14 19.85
C VAL C 193 -22.98 26.04 19.31
N LEU C 194 -22.17 25.22 19.97
CA LEU C 194 -20.79 25.03 19.58
C LEU C 194 -20.58 23.61 19.05
N GLN C 195 -19.81 23.50 17.98
CA GLN C 195 -19.53 22.19 17.39
C GLN C 195 -18.02 21.95 17.35
N PHE C 196 -17.62 20.70 17.51
CA PHE C 196 -16.22 20.31 17.38
C PHE C 196 -16.07 19.13 16.44
N GLU C 197 -14.90 19.02 15.82
CA GLU C 197 -14.60 17.92 14.90
C GLU C 197 -14.33 16.64 15.70
N PRO C 198 -15.15 15.61 15.49
CA PRO C 198 -14.96 14.31 16.10
C PRO C 198 -13.54 13.77 15.93
N GLY C 199 -12.88 13.45 17.04
CA GLY C 199 -11.51 12.97 17.01
C GLY C 199 -10.56 13.91 17.74
N THR C 200 -10.96 15.16 17.86
CA THR C 200 -10.06 16.20 18.37
C THR C 200 -9.79 16.03 19.85
N LYS C 201 -8.56 16.32 20.27
CA LYS C 201 -8.18 16.25 21.67
C LYS C 201 -7.94 17.64 22.23
N ASN C 202 -7.48 18.55 21.38
CA ASN C 202 -7.23 19.92 21.79
C ASN C 202 -8.52 20.74 21.72
N LEU C 203 -9.42 20.54 22.68
CA LEU C 203 -10.72 21.19 22.68
C LEU C 203 -10.69 22.44 23.56
N THR C 204 -9.49 22.89 23.90
CA THR C 204 -9.33 24.10 24.70
C THR C 204 -9.91 25.30 23.97
N ALA C 205 -9.78 25.31 22.66
CA ALA C 205 -10.35 26.39 21.84
C ALA C 205 -11.86 26.44 22.00
N LEU C 206 -12.52 25.30 21.84
CA LEU C 206 -13.97 25.23 21.89
C LEU C 206 -14.49 25.65 23.26
N LEU C 207 -13.83 25.17 24.32
CA LEU C 207 -14.36 25.28 25.66
C LEU C 207 -14.10 26.66 26.24
N LEU C 208 -13.06 27.33 25.74
CA LEU C 208 -12.77 28.71 26.11
C LEU C 208 -13.78 29.65 25.46
N GLU C 209 -14.35 29.23 24.33
CA GLU C 209 -15.46 29.94 23.72
C GLU C 209 -16.72 29.84 24.58
N ALA C 210 -16.93 28.67 25.18
CA ALA C 210 -18.12 28.41 25.97
C ALA C 210 -17.97 29.01 27.37
N LYS C 211 -16.74 29.12 27.84
CA LYS C 211 -16.46 29.72 29.13
C LYS C 211 -16.75 31.22 29.11
N GLU C 212 -16.68 31.80 27.92
CA GLU C 212 -16.90 33.23 27.74
C GLU C 212 -18.33 33.61 28.10
N LEU C 213 -19.27 32.74 27.75
CA LEU C 213 -20.69 33.03 27.91
C LEU C 213 -21.13 32.87 29.36
N GLU C 214 -22.14 33.64 29.76
CA GLU C 214 -22.48 33.75 31.18
C GLU C 214 -23.39 32.61 31.61
N ALA C 215 -24.10 32.02 30.65
CA ALA C 215 -24.84 30.78 30.89
C ALA C 215 -23.90 29.69 31.40
N ARG C 216 -24.31 29.01 32.47
CA ARG C 216 -23.45 28.05 33.15
C ARG C 216 -24.00 26.64 33.04
N VAL C 217 -25.03 26.46 32.22
CA VAL C 217 -25.57 25.13 31.95
C VAL C 217 -25.15 24.63 30.57
N ILE C 218 -24.44 23.51 30.54
CA ILE C 218 -23.86 23.00 29.30
C ILE C 218 -24.45 21.63 28.96
N ILE C 219 -25.04 21.52 27.78
CA ILE C 219 -25.52 20.24 27.28
C ILE C 219 -24.55 19.67 26.24
N LEU C 220 -24.28 18.37 26.34
CA LEU C 220 -23.29 17.72 25.49
C LEU C 220 -23.94 16.57 24.72
N SER C 221 -23.79 16.61 23.39
CA SER C 221 -23.97 15.41 22.57
C SER C 221 -22.65 15.00 21.93
N ALA C 222 -22.15 13.83 22.31
CA ALA C 222 -20.88 13.33 21.81
C ALA C 222 -20.79 11.83 22.01
N SER C 223 -19.89 11.19 21.27
CA SER C 223 -19.59 9.78 21.47
C SER C 223 -18.88 9.57 22.80
N GLU C 224 -18.59 8.32 23.10
CA GLU C 224 -17.87 7.96 24.32
C GLU C 224 -16.51 8.66 24.38
N ASP C 225 -15.74 8.57 23.30
CA ASP C 225 -14.36 9.00 23.30
C ASP C 225 -14.27 10.52 23.21
N ASP C 226 -15.22 11.12 22.51
CA ASP C 226 -15.22 12.56 22.27
C ASP C 226 -15.67 13.32 23.51
N ALA C 227 -16.64 12.75 24.23
CA ALA C 227 -17.07 13.31 25.51
C ALA C 227 -15.91 13.31 26.51
N THR C 228 -15.12 12.25 26.50
CA THR C 228 -13.93 12.18 27.34
C THR C 228 -13.01 13.36 27.07
N ALA C 229 -12.80 13.67 25.79
CA ALA C 229 -11.90 14.75 25.41
C ALA C 229 -12.44 16.09 25.90
N VAL C 230 -13.75 16.24 25.86
CA VAL C 230 -14.40 17.44 26.36
C VAL C 230 -14.25 17.54 27.87
N TYR C 231 -14.47 16.42 28.56
CA TYR C 231 -14.42 16.40 30.02
C TYR C 231 -13.03 16.80 30.51
N LYS C 232 -11.99 16.33 29.81
CA LYS C 232 -10.62 16.61 30.20
C LYS C 232 -10.29 18.09 30.03
N SER C 233 -10.58 18.61 28.84
CA SER C 233 -10.29 20.01 28.55
C SER C 233 -11.10 20.92 29.47
N ALA C 234 -12.33 20.52 29.76
CA ALA C 234 -13.19 21.26 30.68
C ALA C 234 -12.55 21.34 32.05
N ALA C 235 -11.94 20.24 32.48
CA ALA C 235 -11.33 20.17 33.81
C ALA C 235 -10.14 21.09 33.91
N MET C 236 -9.30 21.10 32.87
CA MET C 236 -8.14 21.97 32.82
C MET C 236 -8.56 23.43 32.95
N LEU C 237 -9.64 23.80 32.28
CA LEU C 237 -10.11 25.17 32.28
C LEU C 237 -11.07 25.42 33.45
N ASP C 238 -11.10 24.47 34.38
CA ASP C 238 -11.83 24.65 35.63
C ASP C 238 -13.28 24.99 35.39
N MET C 239 -13.94 24.22 34.53
CA MET C 239 -15.33 24.45 34.17
C MET C 239 -16.21 23.34 34.70
N THR C 240 -15.66 22.52 35.59
CA THR C 240 -16.37 21.36 36.12
C THR C 240 -16.75 21.57 37.58
N GLY C 241 -16.47 22.76 38.09
CA GLY C 241 -16.64 23.04 39.51
C GLY C 241 -17.99 23.68 39.81
N ALA C 242 -18.06 24.40 40.92
CA ALA C 242 -19.32 25.00 41.37
C ALA C 242 -19.79 26.06 40.39
N GLY C 243 -21.10 26.20 40.24
CA GLY C 243 -21.68 27.20 39.36
C GLY C 243 -21.99 26.66 37.98
N TYR C 244 -21.26 25.61 37.59
CA TYR C 244 -21.49 24.97 36.31
C TYR C 244 -22.44 23.79 36.45
N VAL C 245 -23.27 23.57 35.44
CA VAL C 245 -24.09 22.35 35.36
C VAL C 245 -23.79 21.61 34.06
N TRP C 246 -23.70 20.29 34.15
CA TRP C 246 -23.47 19.46 32.96
C TRP C 246 -24.62 18.49 32.76
N LEU C 247 -25.07 18.39 31.51
CA LEU C 247 -26.28 17.66 31.19
C LEU C 247 -26.12 16.92 29.87
N VAL C 248 -26.10 15.60 29.96
CA VAL C 248 -25.64 14.76 28.85
C VAL C 248 -26.59 13.58 28.67
N GLY C 249 -26.20 12.64 27.81
CA GLY C 249 -27.05 11.52 27.47
C GLY C 249 -26.50 10.22 28.03
N GLU C 250 -26.68 9.14 27.27
CA GLU C 250 -26.28 7.81 27.73
C GLU C 250 -24.84 7.51 27.29
N ARG C 251 -24.48 7.93 26.09
CA ARG C 251 -23.16 7.66 25.55
C ARG C 251 -22.09 8.38 26.38
N GLU C 252 -22.46 9.54 26.91
CA GLU C 252 -21.49 10.47 27.47
C GLU C 252 -21.26 10.14 28.94
N ILE C 253 -21.88 9.05 29.40
CA ILE C 253 -21.56 8.49 30.72
C ILE C 253 -21.42 6.98 30.64
N SER C 254 -20.90 6.50 29.51
CA SER C 254 -20.70 5.08 29.30
C SER C 254 -19.21 4.77 29.15
N GLY C 255 -18.81 3.56 29.52
CA GLY C 255 -17.42 3.15 29.40
C GLY C 255 -16.46 4.22 29.88
N SER C 256 -15.54 4.62 29.01
CA SER C 256 -14.39 5.40 29.42
C SER C 256 -14.80 6.83 29.81
N ALA C 257 -15.96 7.25 29.32
CA ALA C 257 -16.42 8.62 29.53
C ALA C 257 -16.58 8.90 31.02
N LEU C 258 -16.90 7.87 31.78
CA LEU C 258 -17.25 8.03 33.18
C LEU C 258 -16.01 8.33 34.02
N ARG C 259 -14.85 7.86 33.56
CA ARG C 259 -13.62 7.96 34.33
C ARG C 259 -13.22 9.42 34.52
N TYR C 260 -13.52 10.24 33.52
CA TYR C 260 -13.03 11.62 33.49
C TYR C 260 -14.20 12.60 33.56
N ALA C 261 -15.42 12.06 33.59
CA ALA C 261 -16.61 12.88 33.75
C ALA C 261 -16.55 13.67 35.05
N PRO C 262 -16.94 14.95 34.99
CA PRO C 262 -16.98 15.79 36.19
C PRO C 262 -18.04 15.32 37.18
N ASP C 263 -17.73 15.41 38.47
CA ASP C 263 -18.65 14.98 39.50
C ASP C 263 -19.90 15.86 39.51
N GLY C 264 -21.05 15.23 39.65
CA GLY C 264 -22.31 15.96 39.68
C GLY C 264 -22.95 16.08 38.31
N ILE C 265 -22.28 15.54 37.29
CA ILE C 265 -22.86 15.45 35.96
C ILE C 265 -24.22 14.77 36.03
N ILE C 266 -25.13 15.19 35.14
CA ILE C 266 -26.41 14.51 34.98
C ILE C 266 -26.52 13.87 33.60
N GLY C 267 -26.82 12.59 33.58
CA GLY C 267 -26.97 11.85 32.33
C GLY C 267 -28.26 11.06 32.28
N LEU C 268 -28.38 10.21 31.28
CA LEU C 268 -29.62 9.46 31.06
C LEU C 268 -29.31 8.00 30.80
N GLN C 269 -30.31 7.16 31.04
CA GLN C 269 -30.19 5.74 30.70
C GLN C 269 -31.56 5.20 30.27
N LEU C 270 -31.67 4.86 28.99
CA LEU C 270 -32.88 4.25 28.47
C LEU C 270 -33.17 2.96 29.23
N ILE C 271 -34.32 2.93 29.91
CA ILE C 271 -34.73 1.75 30.65
C ILE C 271 -35.04 0.59 29.71
N ASN C 272 -34.40 -0.55 29.95
CA ASN C 272 -34.56 -1.72 29.10
C ASN C 272 -33.90 -1.51 27.75
N GLY C 273 -33.03 -0.52 27.67
CA GLY C 273 -32.44 -0.11 26.41
C GLY C 273 -31.54 -1.17 25.81
N LYS C 274 -31.02 -2.05 26.67
CA LYS C 274 -30.04 -3.05 26.25
C LYS C 274 -30.55 -4.45 26.57
N ASN C 275 -31.81 -4.54 26.99
CA ASN C 275 -32.45 -5.84 27.18
C ASN C 275 -32.98 -6.40 25.86
N GLU C 276 -32.16 -7.19 25.19
CA GLU C 276 -32.52 -7.76 23.90
C GLU C 276 -33.71 -8.72 24.04
N SER C 277 -33.75 -9.44 25.16
CA SER C 277 -34.80 -10.43 25.38
C SER C 277 -36.16 -9.76 25.46
N ALA C 278 -36.20 -8.61 26.13
CA ALA C 278 -37.46 -7.90 26.34
C ALA C 278 -37.97 -7.32 25.03
N HIS C 279 -37.04 -6.85 24.20
CA HIS C 279 -37.40 -6.14 22.98
C HIS C 279 -37.75 -7.13 21.88
N ILE C 280 -37.11 -8.28 21.89
CA ILE C 280 -37.54 -9.41 21.07
C ILE C 280 -38.99 -9.73 21.37
N SER C 281 -39.33 -9.75 22.65
CA SER C 281 -40.64 -10.21 23.10
C SER C 281 -41.72 -9.20 22.72
N ASP C 282 -41.33 -7.93 22.64
CA ASP C 282 -42.28 -6.87 22.31
C ASP C 282 -42.37 -6.67 20.80
N ALA C 283 -41.23 -6.70 20.13
CA ALA C 283 -41.20 -6.60 18.67
C ALA C 283 -42.07 -7.67 18.04
N VAL C 284 -41.95 -8.90 18.55
CA VAL C 284 -42.71 -10.02 18.00
C VAL C 284 -44.21 -9.80 18.22
N ALA C 285 -44.56 -9.17 19.34
CA ALA C 285 -45.95 -8.99 19.71
C ALA C 285 -46.65 -8.03 18.77
N VAL C 286 -45.96 -6.95 18.39
CA VAL C 286 -46.54 -5.95 17.51
C VAL C 286 -46.51 -6.42 16.06
N VAL C 287 -45.46 -7.16 15.69
CA VAL C 287 -45.34 -7.70 14.35
C VAL C 287 -46.43 -8.74 14.09
N ALA C 288 -46.66 -9.58 15.09
CA ALA C 288 -47.69 -10.61 15.00
C ALA C 288 -49.07 -9.96 14.91
N GLN C 289 -49.28 -8.93 15.72
CA GLN C 289 -50.53 -8.16 15.68
C GLN C 289 -50.74 -7.55 14.31
N ALA C 290 -49.67 -7.00 13.74
CA ALA C 290 -49.75 -6.31 12.47
C ALA C 290 -50.00 -7.29 11.33
N ILE C 291 -49.48 -8.50 11.47
CA ILE C 291 -49.63 -9.52 10.44
C ILE C 291 -51.10 -9.96 10.34
N HIS C 292 -51.74 -10.15 11.49
CA HIS C 292 -53.13 -10.57 11.54
C HIS C 292 -54.05 -9.43 11.09
N GLU C 293 -53.62 -8.20 11.35
CA GLU C 293 -54.35 -7.03 10.88
C GLU C 293 -54.20 -6.86 9.37
N LEU C 294 -53.05 -7.28 8.84
CA LEU C 294 -52.79 -7.21 7.40
C LEU C 294 -53.74 -8.12 6.65
N PHE C 295 -53.98 -9.30 7.19
CA PHE C 295 -54.57 -10.40 6.43
C PHE C 295 -56.09 -10.37 6.52
N GLU C 296 -56.63 -9.31 7.10
CA GLU C 296 -58.04 -8.99 6.96
C GLU C 296 -58.25 -7.80 6.03
N MET C 297 -57.21 -7.49 5.25
CA MET C 297 -57.38 -6.71 4.03
C MET C 297 -57.22 -7.62 2.81
N GLU C 298 -57.56 -7.10 1.64
CA GLU C 298 -57.65 -7.91 0.44
C GLU C 298 -56.36 -7.83 -0.37
N ASN C 299 -56.15 -8.81 -1.25
CA ASN C 299 -55.08 -8.74 -2.24
C ASN C 299 -53.72 -8.58 -1.56
N ILE C 300 -53.53 -9.31 -0.46
CA ILE C 300 -52.21 -9.47 0.12
C ILE C 300 -51.39 -10.46 -0.70
N THR C 301 -50.24 -10.01 -1.20
CA THR C 301 -49.31 -10.89 -1.89
C THR C 301 -48.25 -11.40 -0.94
N ASP C 302 -47.65 -12.54 -1.29
CA ASP C 302 -46.51 -13.05 -0.54
C ASP C 302 -45.23 -12.33 -0.93
N PRO C 303 -44.30 -12.19 0.02
CA PRO C 303 -42.94 -11.76 -0.30
C PRO C 303 -42.26 -12.70 -1.29
N PRO C 304 -41.16 -12.24 -1.92
CA PRO C 304 -40.36 -13.10 -2.77
C PRO C 304 -39.76 -14.27 -2.00
N ARG C 305 -39.87 -15.47 -2.56
CA ARG C 305 -39.07 -16.60 -2.11
C ARG C 305 -37.66 -16.51 -2.69
N GLY C 306 -36.74 -15.97 -1.89
CA GLY C 306 -35.33 -15.94 -2.27
C GLY C 306 -34.97 -14.67 -3.01
N CYS C 307 -33.68 -14.43 -3.18
CA CYS C 307 -33.19 -13.21 -3.80
C CYS C 307 -32.93 -13.41 -5.29
N VAL C 308 -32.54 -14.62 -5.66
CA VAL C 308 -32.06 -14.90 -7.02
C VAL C 308 -33.21 -14.79 -8.01
N GLY C 309 -33.09 -13.86 -8.95
CA GLY C 309 -34.05 -13.73 -10.05
C GLY C 309 -35.18 -12.79 -9.72
N ASN C 310 -35.22 -12.33 -8.47
CA ASN C 310 -36.27 -11.43 -8.02
C ASN C 310 -35.73 -10.01 -7.83
N THR C 311 -36.27 -9.07 -8.59
CA THR C 311 -35.73 -7.72 -8.64
C THR C 311 -36.81 -6.70 -8.31
N ASN C 312 -38.07 -7.13 -8.37
CA ASN C 312 -39.19 -6.26 -8.04
C ASN C 312 -39.39 -6.20 -6.53
N ILE C 313 -39.87 -5.06 -6.05
CA ILE C 313 -40.23 -4.92 -4.65
C ILE C 313 -41.41 -5.81 -4.32
N TRP C 314 -41.50 -6.24 -3.06
CA TRP C 314 -42.70 -6.87 -2.54
C TRP C 314 -43.86 -5.89 -2.55
N LYS C 315 -44.88 -6.18 -3.36
CA LYS C 315 -45.89 -5.19 -3.71
C LYS C 315 -46.71 -4.77 -2.49
N THR C 316 -46.83 -5.69 -1.52
CA THR C 316 -47.62 -5.44 -0.33
C THR C 316 -46.76 -4.88 0.80
N GLY C 317 -45.46 -4.78 0.55
CA GLY C 317 -44.52 -4.35 1.58
C GLY C 317 -44.89 -2.99 2.16
N PRO C 318 -45.12 -2.01 1.27
CA PRO C 318 -45.40 -0.65 1.72
C PRO C 318 -46.67 -0.56 2.54
N LEU C 319 -47.62 -1.45 2.26
CA LEU C 319 -48.86 -1.51 3.03
C LEU C 319 -48.59 -2.07 4.42
N PHE C 320 -47.78 -3.11 4.48
CA PHE C 320 -47.44 -3.74 5.75
C PHE C 320 -46.68 -2.76 6.64
N LYS C 321 -45.86 -1.92 6.03
CA LYS C 321 -45.12 -0.91 6.78
C LYS C 321 -46.08 0.10 7.40
N ARG C 322 -47.08 0.51 6.64
CA ARG C 322 -48.08 1.46 7.12
C ARG C 322 -48.83 0.87 8.31
N VAL C 323 -49.18 -0.41 8.22
CA VAL C 323 -49.86 -1.11 9.30
C VAL C 323 -48.96 -1.19 10.53
N LEU C 324 -47.68 -1.47 10.31
CA LEU C 324 -46.72 -1.60 11.39
C LEU C 324 -46.59 -0.27 12.13
N MET C 325 -46.59 0.82 11.39
CA MET C 325 -46.25 2.12 11.94
C MET C 325 -47.37 2.63 12.84
N SER C 326 -48.58 2.17 12.57
CA SER C 326 -49.75 2.63 13.31
C SER C 326 -50.15 1.60 14.35
N SER C 327 -49.31 0.59 14.54
CA SER C 327 -49.57 -0.48 15.51
C SER C 327 -49.38 0.04 16.93
N LYS C 328 -50.31 -0.31 17.80
CA LYS C 328 -50.20 0.04 19.22
C LYS C 328 -50.22 -1.22 20.09
N TYR C 329 -49.14 -1.42 20.85
CA TYR C 329 -49.11 -2.47 21.86
C TYR C 329 -48.87 -1.88 23.25
N PRO C 330 -49.92 -1.79 24.07
CA PRO C 330 -49.89 -1.08 25.34
C PRO C 330 -49.29 -1.92 26.46
N ASP C 331 -49.52 -3.23 26.42
CA ASP C 331 -49.14 -4.11 27.52
C ASP C 331 -47.79 -4.77 27.26
N GLY C 332 -46.79 -3.94 26.94
CA GLY C 332 -45.49 -4.46 26.50
C GLY C 332 -44.50 -4.52 27.64
N VAL C 333 -43.58 -5.48 27.58
CA VAL C 333 -42.60 -5.66 28.63
C VAL C 333 -41.79 -4.40 28.84
N THR C 334 -41.55 -3.66 27.76
CA THR C 334 -40.71 -2.47 27.81
C THR C 334 -41.55 -1.22 28.00
N GLY C 335 -42.86 -1.41 28.13
CA GLY C 335 -43.78 -0.28 28.26
C GLY C 335 -44.76 -0.20 27.11
N ARG C 336 -45.12 1.03 26.72
CA ARG C 336 -46.14 1.25 25.70
C ARG C 336 -45.51 1.41 24.32
N ILE C 337 -45.84 0.49 23.41
CA ILE C 337 -45.25 0.48 22.08
C ILE C 337 -46.09 1.31 21.11
N GLU C 338 -45.58 2.49 20.76
CA GLU C 338 -46.03 3.19 19.55
C GLU C 338 -44.83 3.64 18.73
N PHE C 339 -45.08 3.95 17.46
CA PHE C 339 -44.04 4.49 16.59
C PHE C 339 -44.47 5.86 16.06
N ASN C 340 -43.52 6.80 16.03
CA ASN C 340 -43.76 8.11 15.44
C ASN C 340 -43.58 8.06 13.93
N GLU C 341 -43.44 9.23 13.30
CA GLU C 341 -43.49 9.34 11.85
C GLU C 341 -42.21 8.84 11.20
N ASP C 342 -41.16 8.69 12.02
CA ASP C 342 -39.88 8.21 11.53
C ASP C 342 -39.73 6.72 11.81
N GLY C 343 -40.79 6.11 12.35
CA GLY C 343 -40.76 4.71 12.73
C GLY C 343 -39.99 4.49 14.01
N ASP C 344 -39.70 5.59 14.71
CA ASP C 344 -38.97 5.53 15.96
C ASP C 344 -39.91 5.33 17.15
N ARG C 345 -39.43 4.62 18.16
CA ARG C 345 -40.22 4.34 19.35
C ARG C 345 -40.66 5.63 20.03
N LYS C 346 -41.93 5.67 20.42
CA LYS C 346 -42.44 6.75 21.26
C LYS C 346 -42.66 6.27 22.69
N PHE C 347 -42.66 7.21 23.63
CA PHE C 347 -43.00 6.91 25.02
C PHE C 347 -41.93 6.06 25.69
N ALA C 348 -40.69 6.20 25.23
CA ALA C 348 -39.56 5.59 25.92
C ALA C 348 -39.42 6.16 27.33
N GLN C 349 -38.80 5.38 28.21
CA GLN C 349 -38.59 5.82 29.59
C GLN C 349 -37.12 5.84 29.94
N TYR C 350 -36.69 6.91 30.61
CA TYR C 350 -35.28 7.10 30.92
C TYR C 350 -35.05 7.17 32.43
N SER C 351 -33.99 6.52 32.91
CA SER C 351 -33.40 6.87 34.18
C SER C 351 -32.66 8.19 34.07
N ILE C 352 -32.90 9.09 35.03
CA ILE C 352 -32.05 10.27 35.19
C ILE C 352 -30.96 10.01 36.22
N MET C 353 -29.71 10.05 35.78
CA MET C 353 -28.60 9.59 36.58
C MET C 353 -27.72 10.77 37.00
N ASN C 354 -27.06 10.63 38.14
CA ASN C 354 -26.27 11.71 38.71
C ASN C 354 -25.01 11.15 39.38
N LEU C 355 -23.86 11.64 38.95
CA LEU C 355 -22.58 11.12 39.45
C LEU C 355 -22.26 11.70 40.82
N GLN C 356 -22.34 10.84 41.84
CA GLN C 356 -22.18 11.28 43.22
C GLN C 356 -21.06 10.51 43.91
N ASN C 357 -20.09 11.25 44.43
CA ASN C 357 -18.80 10.68 44.79
C ASN C 357 -18.25 9.87 43.62
N ARG C 358 -18.37 8.55 43.72
CA ARG C 358 -17.90 7.65 42.68
C ARG C 358 -18.97 6.62 42.34
N LYS C 359 -20.24 7.04 42.43
CA LYS C 359 -21.34 6.20 41.96
C LYS C 359 -22.27 6.99 41.04
N LEU C 360 -22.66 6.38 39.93
CA LEU C 360 -23.87 6.77 39.22
C LEU C 360 -25.11 6.39 40.04
N VAL C 361 -25.83 7.41 40.52
CA VAL C 361 -27.05 7.17 41.28
C VAL C 361 -28.26 7.78 40.58
N GLN C 362 -29.35 7.03 40.54
CA GLN C 362 -30.56 7.45 39.83
C GLN C 362 -31.38 8.40 40.71
N VAL C 363 -31.68 9.58 40.17
CA VAL C 363 -32.34 10.63 40.94
C VAL C 363 -33.76 10.86 40.43
N GLY C 364 -34.15 10.13 39.39
CA GLY C 364 -35.49 10.24 38.85
C GLY C 364 -35.66 9.39 37.60
N ILE C 365 -36.87 9.39 37.06
CA ILE C 365 -37.11 8.85 35.72
C ILE C 365 -37.98 9.79 34.89
N PHE C 366 -37.68 9.86 33.60
CA PHE C 366 -38.64 10.33 32.61
C PHE C 366 -39.53 9.18 32.15
N ASN C 367 -40.82 9.29 32.43
CA ASN C 367 -41.72 8.14 32.32
C ASN C 367 -42.44 8.14 30.98
N GLY C 368 -42.04 9.04 30.09
CA GLY C 368 -42.60 9.08 28.74
C GLY C 368 -43.17 10.44 28.41
N SER C 369 -43.69 11.12 29.42
CA SER C 369 -44.21 12.48 29.25
C SER C 369 -43.81 13.37 30.41
N TYR C 370 -43.41 12.76 31.52
CA TYR C 370 -43.27 13.48 32.79
C TYR C 370 -41.99 13.06 33.51
N ILE C 371 -41.35 14.02 34.18
CA ILE C 371 -40.22 13.71 35.05
C ILE C 371 -40.70 13.42 36.46
N ILE C 372 -40.27 12.27 36.99
CA ILE C 372 -40.65 11.87 38.35
C ILE C 372 -39.40 11.75 39.23
N GLN C 373 -39.21 12.71 40.11
CA GLN C 373 -38.07 12.70 41.02
C GLN C 373 -38.29 11.69 42.15
N ASN C 374 -37.29 10.85 42.38
CA ASN C 374 -37.31 9.95 43.54
C ASN C 374 -36.75 10.66 44.77
N ASP C 375 -36.55 9.89 45.84
CA ASP C 375 -36.24 10.47 47.14
C ASP C 375 -34.78 10.90 47.22
N ARG C 376 -33.96 10.37 46.32
CA ARG C 376 -32.51 10.56 46.39
C ARG C 376 -32.13 11.96 45.88
N LYS C 377 -31.40 12.70 46.71
CA LYS C 377 -31.15 14.11 46.46
C LYS C 377 -30.02 14.30 45.46
N ILE C 378 -30.19 15.26 44.56
CA ILE C 378 -29.19 15.54 43.53
C ILE C 378 -28.00 16.29 44.14
N ILE C 379 -26.80 15.90 43.73
CA ILE C 379 -25.60 16.65 44.07
C ILE C 379 -24.97 17.27 42.82
N TRP C 380 -24.90 18.60 42.80
CA TRP C 380 -24.42 19.31 41.63
C TRP C 380 -22.91 19.49 41.67
N PRO C 381 -22.32 19.95 40.57
CA PRO C 381 -20.87 20.08 40.48
C PRO C 381 -20.31 21.08 41.49
N GLY C 382 -19.38 20.62 42.32
CA GLY C 382 -19.04 21.32 43.55
C GLY C 382 -19.57 20.60 44.78
N GLY C 383 -20.88 20.67 44.98
CA GLY C 383 -21.50 20.14 46.19
C GLY C 383 -22.47 21.13 46.80
N PRO D 1 6.19 -5.58 -18.69
CA PRO D 1 5.34 -4.89 -17.72
C PRO D 1 4.27 -5.80 -17.12
N PRO D 2 4.11 -5.74 -15.79
CA PRO D 2 3.27 -6.68 -15.06
C PRO D 2 1.78 -6.47 -15.33
N SER D 3 0.99 -7.52 -15.16
CA SER D 3 -0.43 -7.47 -15.49
C SER D 3 -1.27 -7.21 -14.25
N ILE D 4 -2.29 -6.36 -14.38
CA ILE D 4 -3.38 -6.28 -13.42
C ILE D 4 -4.67 -6.82 -14.01
N GLY D 5 -5.44 -7.54 -13.20
CA GLY D 5 -6.72 -8.09 -13.64
C GLY D 5 -7.82 -7.05 -13.61
N ILE D 6 -8.62 -7.02 -14.67
CA ILE D 6 -9.81 -6.17 -14.71
C ILE D 6 -11.02 -6.95 -15.22
N ALA D 7 -12.00 -7.14 -14.34
CA ALA D 7 -13.24 -7.81 -14.73
C ALA D 7 -14.23 -6.81 -15.30
N VAL D 8 -14.68 -7.07 -16.52
CA VAL D 8 -15.77 -6.30 -17.11
C VAL D 8 -17.04 -7.12 -17.10
N ILE D 9 -18.03 -6.68 -16.32
CA ILE D 9 -19.25 -7.45 -16.13
C ILE D 9 -20.39 -6.89 -16.96
N LEU D 10 -20.96 -7.74 -17.81
CA LEU D 10 -22.01 -7.33 -18.73
C LEU D 10 -23.31 -8.06 -18.40
N VAL D 11 -24.32 -7.29 -18.01
CA VAL D 11 -25.65 -7.85 -17.79
C VAL D 11 -26.55 -7.62 -19.01
N GLY D 12 -27.14 -8.70 -19.51
CA GLY D 12 -28.07 -8.61 -20.62
C GLY D 12 -27.37 -8.50 -21.96
N THR D 13 -28.15 -8.46 -23.03
CA THR D 13 -27.61 -8.55 -24.39
C THR D 13 -26.49 -7.54 -24.59
N SER D 14 -25.36 -8.02 -25.11
CA SER D 14 -24.23 -7.16 -25.42
C SER D 14 -23.29 -7.84 -26.41
N ASP D 15 -22.87 -7.11 -27.44
CA ASP D 15 -21.90 -7.61 -28.39
C ASP D 15 -20.50 -7.66 -27.76
N GLU D 16 -20.12 -8.84 -27.28
CA GLU D 16 -18.82 -9.01 -26.64
C GLU D 16 -17.69 -8.87 -27.65
N VAL D 17 -18.01 -9.06 -28.92
CA VAL D 17 -17.02 -8.99 -29.98
C VAL D 17 -16.78 -7.53 -30.39
N ALA D 18 -17.85 -6.75 -30.41
CA ALA D 18 -17.74 -5.32 -30.69
C ALA D 18 -17.04 -4.61 -29.53
N ILE D 19 -17.11 -5.21 -28.35
CA ILE D 19 -16.50 -4.64 -27.15
C ILE D 19 -15.02 -4.99 -27.09
N LYS D 20 -14.70 -6.26 -27.34
CA LYS D 20 -13.32 -6.73 -27.29
C LYS D 20 -12.50 -6.12 -28.42
N ASP D 21 -13.15 -5.83 -29.54
CA ASP D 21 -12.47 -5.36 -30.74
C ASP D 21 -12.23 -3.85 -30.66
N ALA D 22 -13.00 -3.18 -29.80
CA ALA D 22 -12.75 -1.77 -29.51
C ALA D 22 -11.64 -1.62 -28.48
N HIS D 23 -11.54 -2.59 -27.58
CA HIS D 23 -10.49 -2.60 -26.56
C HIS D 23 -9.12 -2.77 -27.21
N GLU D 24 -9.12 -3.13 -28.50
CA GLU D 24 -7.90 -3.53 -29.19
C GLU D 24 -6.82 -2.44 -29.15
N LYS D 25 -7.24 -1.23 -28.79
CA LYS D 25 -6.29 -0.19 -28.40
C LYS D 25 -5.64 -0.54 -27.07
N ASP D 26 -5.46 -1.83 -26.82
CA ASP D 26 -4.59 -2.31 -25.76
C ASP D 26 -3.14 -2.38 -26.24
N ASP D 27 -2.95 -2.28 -27.55
CA ASP D 27 -1.66 -1.90 -28.11
C ASP D 27 -1.44 -0.39 -27.98
N PHE D 28 -2.37 0.28 -27.32
CA PHE D 28 -2.19 1.68 -26.94
C PHE D 28 -2.17 1.82 -25.42
N HIS D 29 -1.48 0.91 -24.76
CA HIS D 29 -1.19 1.05 -23.33
C HIS D 29 0.32 1.06 -23.08
N HIS D 30 0.82 2.16 -22.56
CA HIS D 30 2.22 2.54 -22.72
C HIS D 30 2.90 2.62 -21.36
N LEU D 31 2.18 2.19 -20.33
CA LEU D 31 2.41 2.71 -18.98
C LEU D 31 3.35 1.82 -18.19
N SER D 32 3.18 1.79 -16.88
CA SER D 32 3.97 0.94 -16.00
C SER D 32 3.27 -0.40 -15.78
N VAL D 33 2.10 -0.55 -16.40
CA VAL D 33 1.26 -1.72 -16.16
C VAL D 33 0.34 -1.97 -17.35
N VAL D 34 0.01 -3.24 -17.58
CA VAL D 34 -0.95 -3.60 -18.62
C VAL D 34 -2.18 -4.28 -18.03
N PRO D 35 -3.36 -4.03 -18.62
CA PRO D 35 -4.59 -4.71 -18.25
C PRO D 35 -4.64 -6.15 -18.73
N ARG D 36 -5.15 -7.05 -17.88
CA ARG D 36 -5.53 -8.39 -18.32
C ARG D 36 -7.03 -8.58 -18.21
N VAL D 37 -7.75 -8.24 -19.28
CA VAL D 37 -9.19 -8.05 -19.21
C VAL D 37 -9.92 -9.39 -19.30
N GLU D 38 -11.03 -9.51 -18.57
CA GLU D 38 -11.83 -10.73 -18.61
C GLU D 38 -13.32 -10.40 -18.58
N LEU D 39 -13.98 -10.59 -19.72
CA LEU D 39 -15.42 -10.35 -19.83
C LEU D 39 -16.19 -11.42 -19.07
N VAL D 40 -16.90 -10.99 -18.02
CA VAL D 40 -17.81 -11.87 -17.31
C VAL D 40 -19.25 -11.51 -17.65
N ALA D 41 -20.07 -12.53 -17.92
CA ALA D 41 -21.49 -12.33 -18.18
C ALA D 41 -22.32 -12.64 -16.94
N MET D 42 -23.45 -11.96 -16.81
CA MET D 42 -24.37 -12.18 -15.71
C MET D 42 -25.80 -11.99 -16.20
N ASN D 43 -26.69 -12.90 -15.81
CA ASN D 43 -28.09 -12.82 -16.21
C ASN D 43 -28.91 -11.99 -15.22
N GLU D 44 -28.56 -12.08 -13.94
CA GLU D 44 -29.43 -11.58 -12.87
C GLU D 44 -28.81 -10.39 -12.15
N THR D 45 -29.66 -9.51 -11.63
CA THR D 45 -29.20 -8.27 -11.02
C THR D 45 -29.86 -8.03 -9.66
N ASP D 46 -30.25 -9.12 -9.00
CA ASP D 46 -30.55 -9.07 -7.57
C ASP D 46 -29.27 -8.96 -6.75
N PRO D 47 -29.41 -8.73 -5.43
CA PRO D 47 -28.26 -8.49 -4.56
C PRO D 47 -27.35 -9.72 -4.44
N LYS D 48 -27.94 -10.90 -4.25
CA LYS D 48 -27.17 -12.12 -4.05
C LYS D 48 -26.38 -12.46 -5.30
N SER D 49 -27.05 -12.41 -6.44
CA SER D 49 -26.42 -12.72 -7.72
C SER D 49 -25.23 -11.80 -7.95
N ILE D 50 -25.43 -10.51 -7.72
CA ILE D 50 -24.40 -9.51 -7.99
C ILE D 50 -23.23 -9.68 -7.02
N ILE D 51 -23.55 -9.95 -5.77
CA ILE D 51 -22.54 -10.05 -4.73
C ILE D 51 -21.71 -11.32 -4.89
N THR D 52 -22.37 -12.44 -5.12
CA THR D 52 -21.69 -13.73 -5.21
C THR D 52 -20.85 -13.78 -6.50
N ARG D 53 -21.31 -13.10 -7.54
CA ARG D 53 -20.64 -13.14 -8.83
C ARG D 53 -19.34 -12.36 -8.77
N ILE D 54 -19.37 -11.21 -8.11
CA ILE D 54 -18.18 -10.38 -7.96
C ILE D 54 -17.21 -11.00 -6.95
N CYS D 55 -17.75 -11.67 -5.94
CA CYS D 55 -16.93 -12.24 -4.88
C CYS D 55 -16.28 -13.54 -5.34
N ASP D 56 -16.91 -14.21 -6.30
CA ASP D 56 -16.34 -15.40 -6.90
C ASP D 56 -15.26 -15.04 -7.91
N LEU D 57 -15.49 -13.94 -8.64
CA LEU D 57 -14.48 -13.39 -9.52
C LEU D 57 -13.22 -13.04 -8.75
N MET D 58 -13.39 -12.50 -7.55
CA MET D 58 -12.29 -11.95 -6.78
C MET D 58 -11.47 -13.06 -6.13
N SER D 59 -12.07 -14.23 -5.99
CA SER D 59 -11.41 -15.37 -5.36
C SER D 59 -10.82 -16.32 -6.41
N ASP D 60 -11.42 -16.33 -7.59
CA ASP D 60 -10.98 -17.22 -8.66
C ASP D 60 -9.89 -16.56 -9.50
N ARG D 61 -9.70 -15.26 -9.31
CA ARG D 61 -8.64 -14.52 -9.97
C ARG D 61 -8.23 -13.30 -9.15
N LYS D 62 -7.19 -12.61 -9.58
CA LYS D 62 -6.70 -11.43 -8.89
C LYS D 62 -7.20 -10.16 -9.57
N ILE D 63 -8.33 -9.64 -9.11
CA ILE D 63 -8.99 -8.53 -9.76
C ILE D 63 -8.64 -7.21 -9.09
N GLN D 64 -8.08 -6.28 -9.87
CA GLN D 64 -7.69 -4.98 -9.34
C GLN D 64 -8.87 -4.02 -9.33
N GLY D 65 -9.80 -4.22 -10.26
CA GLY D 65 -10.95 -3.35 -10.40
C GLY D 65 -12.03 -3.97 -11.24
N VAL D 66 -13.22 -3.38 -11.22
CA VAL D 66 -14.37 -3.91 -11.95
C VAL D 66 -15.00 -2.84 -12.83
N VAL D 67 -15.34 -3.22 -14.05
CA VAL D 67 -16.11 -2.35 -14.94
C VAL D 67 -17.48 -2.95 -15.21
N PHE D 68 -18.53 -2.24 -14.80
CA PHE D 68 -19.86 -2.81 -14.72
C PHE D 68 -20.81 -2.10 -15.69
N ALA D 69 -21.42 -2.87 -16.58
CA ALA D 69 -22.49 -2.37 -17.43
C ALA D 69 -23.69 -3.30 -17.37
N ASP D 70 -24.88 -2.73 -17.49
CA ASP D 70 -26.11 -3.53 -17.54
C ASP D 70 -27.16 -2.84 -18.39
N ASP D 71 -28.24 -3.57 -18.68
CA ASP D 71 -29.19 -3.16 -19.71
C ASP D 71 -30.55 -2.86 -19.08
N THR D 72 -30.54 -2.47 -17.81
CA THR D 72 -31.77 -2.40 -17.02
C THR D 72 -32.06 -0.98 -16.59
N ASP D 73 -33.20 -0.79 -15.92
CA ASP D 73 -33.56 0.51 -15.38
C ASP D 73 -33.50 0.48 -13.85
N GLN D 74 -32.65 -0.40 -13.31
CA GLN D 74 -32.66 -0.67 -11.88
C GLN D 74 -31.55 0.09 -11.17
N GLU D 75 -31.93 1.19 -10.51
CA GLU D 75 -30.95 2.12 -9.96
C GLU D 75 -30.37 1.58 -8.66
N ALA D 76 -30.92 0.48 -8.19
CA ALA D 76 -30.44 -0.17 -6.97
C ALA D 76 -29.15 -0.94 -7.23
N ILE D 77 -28.84 -1.17 -8.50
CA ILE D 77 -27.58 -1.80 -8.87
C ILE D 77 -26.41 -0.92 -8.46
N ALA D 78 -26.55 0.38 -8.68
CA ALA D 78 -25.52 1.34 -8.30
C ALA D 78 -25.31 1.30 -6.79
N GLN D 79 -26.39 1.11 -6.06
CA GLN D 79 -26.35 1.09 -4.60
C GLN D 79 -25.64 -0.16 -4.10
N ILE D 80 -25.90 -1.29 -4.75
CA ILE D 80 -25.23 -2.54 -4.42
C ILE D 80 -23.74 -2.45 -4.75
N LEU D 81 -23.43 -1.88 -5.91
CA LEU D 81 -22.05 -1.79 -6.36
C LEU D 81 -21.23 -0.93 -5.42
N ASP D 82 -21.87 0.05 -4.81
CA ASP D 82 -21.20 0.96 -3.89
C ASP D 82 -20.95 0.28 -2.55
N PHE D 83 -21.88 -0.58 -2.16
CA PHE D 83 -21.77 -1.33 -0.92
C PHE D 83 -20.68 -2.39 -1.02
N ILE D 84 -20.67 -3.11 -2.12
CA ILE D 84 -19.60 -4.07 -2.40
C ILE D 84 -18.24 -3.36 -2.46
N SER D 85 -18.21 -2.21 -3.13
CA SER D 85 -16.95 -1.52 -3.39
C SER D 85 -16.35 -1.02 -2.08
N ALA D 86 -17.21 -0.67 -1.13
CA ALA D 86 -16.77 -0.08 0.13
C ALA D 86 -16.33 -1.17 1.11
N GLN D 87 -17.01 -2.31 1.07
CA GLN D 87 -16.66 -3.43 1.93
C GLN D 87 -15.32 -4.05 1.50
N THR D 88 -15.13 -4.20 0.19
CA THR D 88 -13.99 -4.95 -0.34
C THR D 88 -12.86 -4.01 -0.73
N LEU D 89 -13.12 -2.72 -0.68
CA LEU D 89 -12.18 -1.72 -1.19
C LEU D 89 -11.64 -2.12 -2.56
N THR D 90 -12.55 -2.51 -3.45
CA THR D 90 -12.23 -2.66 -4.86
C THR D 90 -12.88 -1.53 -5.67
N PRO D 91 -12.13 -0.96 -6.62
CA PRO D 91 -12.70 0.01 -7.55
C PRO D 91 -13.78 -0.61 -8.43
N ILE D 92 -14.92 0.06 -8.52
CA ILE D 92 -15.98 -0.35 -9.45
C ILE D 92 -16.47 0.84 -10.25
N LEU D 93 -16.52 0.68 -11.57
CA LEU D 93 -17.07 1.70 -12.45
C LEU D 93 -18.42 1.27 -12.99
N GLY D 94 -19.47 2.03 -12.66
CA GLY D 94 -20.76 1.86 -13.29
C GLY D 94 -20.91 2.73 -14.52
N ILE D 95 -20.82 2.11 -15.70
CA ILE D 95 -20.60 2.85 -16.94
C ILE D 95 -21.88 2.93 -17.76
N HIS D 96 -22.81 2.01 -17.52
CA HIS D 96 -24.02 1.91 -18.33
C HIS D 96 -25.16 1.26 -17.54
N GLY D 97 -26.36 1.78 -17.73
CA GLY D 97 -27.57 1.13 -17.23
C GLY D 97 -27.93 1.61 -15.84
N GLY D 98 -28.46 0.70 -15.03
CA GLY D 98 -28.77 0.99 -13.64
C GLY D 98 -27.54 1.30 -12.79
N SER D 99 -26.40 0.73 -13.18
CA SER D 99 -25.17 0.94 -12.44
C SER D 99 -24.74 2.41 -12.49
N SER D 100 -25.23 3.12 -13.51
CA SER D 100 -24.72 4.46 -13.81
C SER D 100 -25.74 5.51 -13.39
N MET D 101 -26.87 5.06 -12.86
CA MET D 101 -27.91 5.97 -12.38
C MET D 101 -27.50 6.59 -11.05
N ILE D 102 -27.50 7.91 -10.99
CA ILE D 102 -26.82 8.63 -9.93
C ILE D 102 -27.07 7.96 -8.58
N MET D 103 -25.99 7.63 -7.87
CA MET D 103 -26.07 7.41 -6.44
C MET D 103 -25.52 8.63 -5.70
N ALA D 104 -26.36 9.20 -4.83
CA ALA D 104 -25.91 10.25 -3.92
C ALA D 104 -25.42 9.66 -2.61
N ASP D 105 -24.46 10.33 -1.98
CA ASP D 105 -23.99 9.95 -0.66
C ASP D 105 -23.36 8.56 -0.67
N LYS D 106 -22.40 8.36 -1.56
CA LYS D 106 -21.60 7.13 -1.56
C LYS D 106 -20.78 7.03 -0.27
N ASP D 107 -20.56 5.80 0.18
CA ASP D 107 -19.75 5.56 1.36
C ASP D 107 -18.47 6.39 1.32
N GLU D 108 -17.93 6.70 2.49
CA GLU D 108 -16.61 7.32 2.60
C GLU D 108 -15.53 6.42 1.98
N SER D 109 -15.63 5.12 2.25
CA SER D 109 -14.61 4.17 1.82
C SER D 109 -14.93 3.65 0.42
N SER D 110 -15.94 4.23 -0.20
CA SER D 110 -16.35 3.84 -1.54
C SER D 110 -15.21 4.08 -2.52
N MET D 111 -15.01 3.15 -3.44
CA MET D 111 -14.26 3.43 -4.65
C MET D 111 -15.14 3.20 -5.88
N PHE D 112 -16.36 3.73 -5.82
CA PHE D 112 -17.35 3.49 -6.84
C PHE D 112 -17.62 4.78 -7.62
N PHE D 113 -17.35 4.74 -8.92
CA PHE D 113 -17.51 5.91 -9.78
C PHE D 113 -18.46 5.59 -10.93
N GLN D 114 -19.17 6.62 -11.40
CA GLN D 114 -20.25 6.42 -12.37
C GLN D 114 -20.06 7.29 -13.60
N PHE D 115 -20.30 6.72 -14.77
CA PHE D 115 -20.45 7.51 -15.99
C PHE D 115 -21.82 8.18 -16.00
N GLY D 116 -21.84 9.48 -15.71
CA GLY D 116 -23.07 10.25 -15.78
C GLY D 116 -22.93 11.61 -15.13
N PRO D 117 -23.92 12.49 -15.34
CA PRO D 117 -23.91 13.83 -14.79
C PRO D 117 -24.31 13.84 -13.31
N SER D 118 -23.65 14.69 -12.53
CA SER D 118 -24.02 14.89 -11.14
C SER D 118 -25.51 15.18 -11.01
N ILE D 119 -26.05 14.98 -9.82
CA ILE D 119 -27.39 15.48 -9.47
C ILE D 119 -27.46 17.00 -9.60
N GLU D 120 -26.39 17.67 -9.18
CA GLU D 120 -26.38 19.13 -9.14
C GLU D 120 -26.23 19.71 -10.54
N GLN D 121 -25.58 18.96 -11.42
CA GLN D 121 -25.35 19.41 -12.80
C GLN D 121 -26.64 19.31 -13.60
N GLN D 122 -27.37 18.22 -13.39
CA GLN D 122 -28.66 18.04 -14.05
C GLN D 122 -29.65 19.11 -13.62
N ALA D 123 -29.52 19.55 -12.37
CA ALA D 123 -30.40 20.58 -11.84
C ALA D 123 -30.09 21.92 -12.49
N SER D 124 -28.80 22.20 -12.68
CA SER D 124 -28.39 23.47 -13.26
C SER D 124 -28.66 23.48 -14.76
N VAL D 125 -28.60 22.31 -15.37
CA VAL D 125 -28.95 22.15 -16.77
C VAL D 125 -30.45 22.38 -16.97
N MET D 126 -31.24 21.96 -15.99
CA MET D 126 -32.69 22.09 -16.08
C MET D 126 -33.13 23.55 -15.92
N LEU D 127 -32.33 24.33 -15.21
CA LEU D 127 -32.58 25.76 -15.06
C LEU D 127 -32.15 26.52 -16.31
N ASN D 128 -31.18 25.97 -17.03
CA ASN D 128 -30.72 26.57 -18.27
C ASN D 128 -31.75 26.38 -19.38
N ILE D 129 -32.36 25.19 -19.41
CA ILE D 129 -33.48 24.94 -20.30
C ILE D 129 -34.60 25.93 -20.03
N MET D 130 -34.83 26.23 -18.76
CA MET D 130 -35.94 27.07 -18.35
C MET D 130 -35.62 28.54 -18.66
N GLU D 131 -34.36 28.93 -18.44
CA GLU D 131 -33.93 30.29 -18.75
C GLU D 131 -34.14 30.59 -20.23
N GLU D 132 -33.89 29.59 -21.07
CA GLU D 132 -33.88 29.79 -22.51
C GLU D 132 -35.27 30.15 -23.01
N TYR D 133 -36.28 29.45 -22.49
CA TYR D 133 -37.66 29.69 -22.90
C TYR D 133 -38.43 30.46 -21.84
N ASP D 134 -37.69 31.18 -20.99
CA ASP D 134 -38.31 32.10 -20.03
C ASP D 134 -39.40 31.40 -19.22
N TRP D 135 -39.11 30.16 -18.80
CA TRP D 135 -39.97 29.46 -17.85
C TRP D 135 -39.49 29.71 -16.41
N TYR D 136 -39.89 30.86 -15.86
CA TYR D 136 -39.30 31.35 -14.62
C TYR D 136 -40.15 30.94 -13.42
N ILE D 137 -41.32 30.39 -13.68
CA ILE D 137 -42.24 30.01 -12.62
C ILE D 137 -42.52 28.52 -12.62
N PHE D 138 -42.15 27.85 -11.53
CA PHE D 138 -42.06 26.40 -11.53
C PHE D 138 -42.29 25.85 -10.12
N SER D 139 -42.51 24.53 -10.04
CA SER D 139 -42.52 23.85 -8.75
C SER D 139 -41.66 22.58 -8.81
N ILE D 140 -41.27 22.09 -7.64
CA ILE D 140 -40.47 20.87 -7.55
C ILE D 140 -41.28 19.75 -6.93
N VAL D 141 -41.10 18.54 -7.44
CA VAL D 141 -41.62 17.35 -6.79
C VAL D 141 -40.57 16.26 -6.73
N THR D 142 -40.33 15.76 -5.52
CA THR D 142 -39.38 14.66 -5.33
C THR D 142 -40.01 13.58 -4.47
N THR D 143 -39.46 12.38 -4.54
CA THR D 143 -39.65 11.38 -3.49
C THR D 143 -38.51 11.46 -2.48
N TYR D 144 -38.26 10.33 -1.81
CA TYR D 144 -37.18 10.26 -0.82
C TYR D 144 -35.92 9.64 -1.42
N PHE D 145 -35.97 9.33 -2.71
CA PHE D 145 -34.82 8.79 -3.41
C PHE D 145 -33.57 9.61 -3.09
N PRO D 146 -32.52 8.95 -2.60
CA PRO D 146 -31.29 9.63 -2.22
C PRO D 146 -30.87 10.67 -3.26
N GLY D 147 -30.64 11.89 -2.79
CA GLY D 147 -30.14 12.95 -3.65
C GLY D 147 -31.13 14.10 -3.73
N TYR D 148 -32.35 13.85 -3.25
CA TYR D 148 -33.46 14.77 -3.50
C TYR D 148 -33.24 16.09 -2.77
N GLN D 149 -32.45 16.06 -1.70
CA GLN D 149 -32.07 17.27 -0.98
C GLN D 149 -31.02 18.05 -1.77
N ASP D 150 -30.02 17.34 -2.27
CA ASP D 150 -29.00 17.96 -3.12
C ASP D 150 -29.66 18.61 -4.33
N PHE D 151 -30.71 17.98 -4.85
CA PHE D 151 -31.40 18.48 -6.03
C PHE D 151 -32.13 19.78 -5.69
N VAL D 152 -32.92 19.75 -4.62
CA VAL D 152 -33.74 20.90 -4.23
C VAL D 152 -32.87 22.08 -3.77
N ASN D 153 -31.79 21.78 -3.07
CA ASN D 153 -30.90 22.82 -2.57
C ASN D 153 -30.16 23.52 -3.71
N LYS D 154 -29.76 22.75 -4.72
CA LYS D 154 -29.04 23.29 -5.85
C LYS D 154 -29.93 24.28 -6.62
N ILE D 155 -31.20 23.92 -6.76
CA ILE D 155 -32.18 24.82 -7.36
C ILE D 155 -32.30 26.09 -6.54
N ARG D 156 -32.52 25.93 -5.23
CA ARG D 156 -32.78 27.04 -4.34
C ARG D 156 -31.58 27.98 -4.28
N SER D 157 -30.38 27.40 -4.16
CA SER D 157 -29.15 28.18 -4.11
C SER D 157 -28.98 28.99 -5.39
N THR D 158 -29.34 28.39 -6.52
CA THR D 158 -29.09 28.98 -7.81
C THR D 158 -29.96 30.22 -8.02
N ILE D 159 -31.21 30.13 -7.58
CA ILE D 159 -32.21 31.14 -7.92
C ILE D 159 -32.28 32.22 -6.86
N GLU D 160 -31.54 32.04 -5.77
CA GLU D 160 -31.32 33.11 -4.80
C GLU D 160 -30.27 34.08 -5.30
N ASN D 161 -29.30 33.57 -6.05
CA ASN D 161 -28.14 34.36 -6.45
C ASN D 161 -28.36 35.00 -7.81
N SER D 162 -29.63 35.12 -8.20
CA SER D 162 -29.97 35.45 -9.59
C SER D 162 -30.69 36.79 -9.66
N PHE D 163 -30.25 37.65 -10.57
CA PHE D 163 -30.99 38.86 -10.92
C PHE D 163 -32.13 38.53 -11.88
N VAL D 164 -32.46 37.25 -11.98
CA VAL D 164 -33.57 36.81 -12.82
C VAL D 164 -34.79 36.49 -11.96
N GLY D 165 -35.98 36.58 -12.56
CA GLY D 165 -37.22 36.65 -11.80
C GLY D 165 -37.80 35.28 -11.50
N TRP D 166 -36.96 34.38 -11.01
CA TRP D 166 -37.39 33.03 -10.65
C TRP D 166 -38.48 33.10 -9.57
N GLU D 167 -39.45 32.20 -9.67
CA GLU D 167 -40.47 32.06 -8.63
C GLU D 167 -40.79 30.60 -8.36
N LEU D 168 -40.11 30.02 -7.37
CA LEU D 168 -40.38 28.64 -6.96
C LEU D 168 -41.63 28.59 -6.10
N GLU D 169 -42.68 27.96 -6.63
CA GLU D 169 -44.02 28.09 -6.07
C GLU D 169 -44.27 27.06 -4.98
N GLU D 170 -43.82 25.83 -5.23
CA GLU D 170 -44.16 24.71 -4.35
C GLU D 170 -43.10 23.62 -4.42
N VAL D 171 -42.76 23.06 -3.27
CA VAL D 171 -41.94 21.84 -3.22
C VAL D 171 -42.71 20.73 -2.51
N LEU D 172 -42.98 19.65 -3.23
CA LEU D 172 -43.65 18.49 -2.64
C LEU D 172 -42.64 17.38 -2.34
N LEU D 173 -42.92 16.62 -1.29
CA LEU D 173 -42.13 15.45 -0.94
C LEU D 173 -43.03 14.24 -0.81
N LEU D 174 -42.83 13.26 -1.70
CA LEU D 174 -43.76 12.14 -1.80
C LEU D 174 -43.19 10.89 -1.14
N ASP D 175 -43.91 10.38 -0.14
CA ASP D 175 -43.48 9.18 0.56
C ASP D 175 -44.09 7.95 -0.10
N MET D 176 -43.29 7.26 -0.91
CA MET D 176 -43.75 6.07 -1.61
C MET D 176 -43.18 4.81 -0.95
N SER D 177 -42.70 4.97 0.29
CA SER D 177 -42.40 3.82 1.13
C SER D 177 -43.66 3.30 1.82
N LEU D 178 -44.74 4.07 1.72
CA LEU D 178 -46.06 3.61 2.12
C LEU D 178 -46.92 3.37 0.89
N ASP D 179 -47.99 2.59 1.07
CA ASP D 179 -48.97 2.39 0.01
C ASP D 179 -49.81 3.64 -0.17
N ASP D 180 -50.47 3.76 -1.32
CA ASP D 180 -51.28 4.93 -1.62
C ASP D 180 -52.76 4.56 -1.69
N GLY D 181 -53.23 3.83 -0.67
CA GLY D 181 -54.63 3.50 -0.57
C GLY D 181 -55.44 4.57 0.15
N ASP D 182 -54.75 5.60 0.62
CA ASP D 182 -55.41 6.74 1.24
C ASP D 182 -55.38 7.96 0.31
N SER D 183 -55.02 7.73 -0.94
CA SER D 183 -54.95 8.80 -1.93
C SER D 183 -54.21 10.01 -1.36
N LYS D 184 -53.03 9.77 -0.82
CA LYS D 184 -52.26 10.82 -0.17
C LYS D 184 -51.55 11.69 -1.20
N ILE D 185 -50.81 11.05 -2.10
CA ILE D 185 -49.98 11.78 -3.05
C ILE D 185 -50.85 12.44 -4.13
N GLN D 186 -52.06 11.92 -4.32
CA GLN D 186 -53.04 12.57 -5.16
C GLN D 186 -53.45 13.92 -4.58
N ASN D 187 -53.59 13.97 -3.26
CA ASN D 187 -53.98 15.20 -2.58
C ASN D 187 -52.83 16.19 -2.57
N GLN D 188 -51.59 15.68 -2.61
CA GLN D 188 -50.42 16.54 -2.64
C GLN D 188 -50.23 17.14 -4.03
N LEU D 189 -50.47 16.33 -5.06
CA LEU D 189 -50.27 16.77 -6.43
C LEU D 189 -51.30 17.83 -6.82
N LYS D 190 -52.44 17.80 -6.14
CA LYS D 190 -53.55 18.69 -6.46
C LYS D 190 -53.26 20.11 -6.00
N LYS D 191 -52.09 20.32 -5.40
CA LYS D 191 -51.72 21.61 -4.87
C LYS D 191 -50.81 22.37 -5.84
N LEU D 192 -50.48 21.72 -6.94
CA LEU D 192 -49.56 22.32 -7.93
C LEU D 192 -50.30 23.26 -8.86
N GLN D 193 -49.76 24.47 -9.02
CA GLN D 193 -50.32 25.46 -9.93
C GLN D 193 -49.40 25.69 -11.14
N SER D 194 -48.11 25.48 -10.92
CA SER D 194 -47.10 25.96 -11.86
C SER D 194 -47.23 25.25 -13.20
N PRO D 195 -46.84 25.92 -14.29
CA PRO D 195 -46.79 25.31 -15.61
C PRO D 195 -45.55 24.44 -15.82
N ILE D 196 -44.49 24.74 -15.08
CA ILE D 196 -43.29 23.91 -15.10
C ILE D 196 -43.17 23.12 -13.80
N ILE D 197 -42.85 21.83 -13.93
CA ILE D 197 -42.73 20.96 -12.77
C ILE D 197 -41.48 20.10 -12.88
N LEU D 198 -40.54 20.30 -11.97
CA LEU D 198 -39.33 19.49 -11.90
C LEU D 198 -39.56 18.28 -11.01
N LEU D 199 -39.36 17.09 -11.57
CA LEU D 199 -39.61 15.85 -10.84
C LEU D 199 -38.31 15.07 -10.63
N TYR D 200 -37.96 14.83 -9.37
CA TYR D 200 -36.80 14.03 -9.04
C TYR D 200 -37.20 12.75 -8.33
N CYS D 201 -37.00 11.62 -9.00
CA CYS D 201 -37.36 10.31 -8.46
C CYS D 201 -36.85 9.21 -9.39
N THR D 202 -37.23 7.97 -9.11
CA THR D 202 -36.80 6.84 -9.92
C THR D 202 -37.80 6.58 -11.05
N LYS D 203 -37.41 5.75 -12.00
CA LYS D 203 -38.23 5.49 -13.17
C LYS D 203 -39.55 4.84 -12.75
N GLU D 204 -39.45 3.83 -11.88
CA GLU D 204 -40.65 3.11 -11.43
C GLU D 204 -41.52 4.01 -10.57
N GLU D 205 -40.90 4.96 -9.87
CA GLU D 205 -41.65 5.91 -9.05
C GLU D 205 -42.35 6.93 -9.93
N ALA D 206 -41.64 7.45 -10.91
CA ALA D 206 -42.23 8.39 -11.87
C ALA D 206 -43.43 7.78 -12.55
N THR D 207 -43.32 6.50 -12.90
CA THR D 207 -44.39 5.81 -13.62
C THR D 207 -45.71 5.93 -12.88
N TYR D 208 -45.65 5.80 -11.55
CA TYR D 208 -46.85 5.88 -10.73
C TYR D 208 -47.29 7.32 -10.53
N ILE D 209 -46.32 8.20 -10.29
CA ILE D 209 -46.62 9.61 -10.05
C ILE D 209 -47.32 10.23 -11.27
N PHE D 210 -46.87 9.84 -12.45
CA PHE D 210 -47.45 10.35 -13.69
C PHE D 210 -48.88 9.82 -13.87
N GLU D 211 -49.09 8.56 -13.50
CA GLU D 211 -50.41 7.96 -13.56
C GLU D 211 -51.40 8.76 -12.70
N VAL D 212 -50.92 9.25 -11.57
CA VAL D 212 -51.76 9.99 -10.64
C VAL D 212 -51.91 11.45 -11.09
N ALA D 213 -50.80 12.03 -11.54
CA ALA D 213 -50.82 13.38 -12.11
C ALA D 213 -51.81 13.48 -13.26
N ASN D 214 -51.85 12.44 -14.09
CA ASN D 214 -52.77 12.40 -15.23
C ASN D 214 -54.21 12.40 -14.74
N SER D 215 -54.46 11.71 -13.63
CA SER D 215 -55.82 11.53 -13.12
C SER D 215 -56.38 12.83 -12.55
N VAL D 216 -55.49 13.77 -12.26
CA VAL D 216 -55.91 15.07 -11.74
C VAL D 216 -55.54 16.18 -12.72
N GLY D 217 -55.15 15.79 -13.92
CA GLY D 217 -55.13 16.71 -15.06
C GLY D 217 -53.92 17.63 -15.04
N LEU D 218 -52.72 17.04 -14.94
CA LEU D 218 -51.49 17.81 -14.81
C LEU D 218 -50.46 17.41 -15.85
N THR D 219 -50.91 16.72 -16.90
CA THR D 219 -50.00 16.08 -17.83
C THR D 219 -50.08 16.70 -19.22
N GLY D 220 -51.21 17.37 -19.50
CA GLY D 220 -51.52 17.80 -20.86
C GLY D 220 -50.72 19.01 -21.28
N TYR D 221 -51.24 19.75 -22.26
CA TYR D 221 -50.78 21.11 -22.54
C TYR D 221 -50.87 21.96 -21.28
N GLY D 222 -50.02 22.98 -21.21
CA GLY D 222 -50.06 23.93 -20.10
C GLY D 222 -49.30 23.44 -18.88
N TYR D 223 -48.96 22.16 -18.88
CA TYR D 223 -48.00 21.62 -17.92
C TYR D 223 -46.82 20.98 -18.63
N THR D 224 -45.61 21.40 -18.26
CA THR D 224 -44.39 20.74 -18.73
C THR D 224 -43.62 20.13 -17.57
N TRP D 225 -43.32 18.84 -17.67
CA TRP D 225 -42.50 18.15 -16.68
C TRP D 225 -41.07 17.97 -17.20
N ILE D 226 -40.11 18.33 -16.35
CA ILE D 226 -38.70 18.04 -16.62
C ILE D 226 -38.15 17.08 -15.60
N VAL D 227 -37.58 15.98 -16.07
CA VAL D 227 -37.03 14.95 -15.20
C VAL D 227 -35.56 14.69 -15.52
N PRO D 228 -34.84 14.05 -14.58
CA PRO D 228 -33.43 13.75 -14.76
C PRO D 228 -33.19 12.41 -15.44
N SER D 229 -31.91 12.10 -15.69
CA SER D 229 -31.55 11.07 -16.65
C SER D 229 -32.20 9.73 -16.31
N LEU D 230 -32.35 9.46 -15.02
CA LEU D 230 -32.63 8.11 -14.56
C LEU D 230 -34.12 7.79 -14.68
N VAL D 231 -34.93 8.83 -14.86
CA VAL D 231 -36.36 8.64 -15.08
C VAL D 231 -36.64 8.24 -16.53
N ALA D 232 -36.02 8.93 -17.46
CA ALA D 232 -35.97 8.48 -18.85
C ALA D 232 -35.33 7.10 -18.92
N GLY D 233 -34.17 6.95 -18.30
CA GLY D 233 -33.48 5.67 -18.25
C GLY D 233 -33.24 5.11 -19.64
N ASP D 234 -33.47 3.80 -19.78
CA ASP D 234 -33.46 3.17 -21.09
C ASP D 234 -34.56 3.73 -21.96
N THR D 235 -34.18 4.45 -23.01
CA THR D 235 -35.13 5.24 -23.79
C THR D 235 -35.96 4.35 -24.71
N ASP D 236 -35.47 3.13 -24.95
CA ASP D 236 -36.20 2.15 -25.75
C ASP D 236 -37.26 1.45 -24.89
N THR D 237 -37.37 1.87 -23.64
CA THR D 237 -38.44 1.40 -22.77
C THR D 237 -39.23 2.57 -22.20
N VAL D 238 -40.38 2.84 -22.79
CA VAL D 238 -41.16 4.02 -22.44
C VAL D 238 -42.50 3.62 -21.84
N PRO D 239 -42.65 3.78 -20.51
CA PRO D 239 -43.89 3.48 -19.82
C PRO D 239 -45.07 4.25 -20.42
N SER D 240 -46.20 3.57 -20.57
CA SER D 240 -47.35 4.17 -21.23
C SER D 240 -47.92 5.32 -20.41
N GLU D 241 -47.41 5.48 -19.19
CA GLU D 241 -47.94 6.47 -18.27
C GLU D 241 -47.19 7.79 -18.39
N PHE D 242 -45.99 7.73 -18.98
CA PHE D 242 -45.22 8.93 -19.26
C PHE D 242 -46.03 9.87 -20.15
N PRO D 243 -46.15 11.14 -19.74
CA PRO D 243 -46.76 12.17 -20.57
C PRO D 243 -45.96 12.48 -21.82
N THR D 244 -46.64 12.56 -22.96
CA THR D 244 -46.11 13.24 -24.13
C THR D 244 -45.70 14.67 -23.79
N GLY D 245 -44.52 15.08 -24.24
CA GLY D 245 -44.01 16.41 -23.95
C GLY D 245 -43.07 16.41 -22.76
N LEU D 246 -42.79 15.23 -22.24
CA LEU D 246 -41.83 15.07 -21.15
C LEU D 246 -40.44 15.46 -21.60
N ILE D 247 -39.84 16.43 -20.93
CA ILE D 247 -38.44 16.78 -21.15
C ILE D 247 -37.54 16.05 -20.17
N SER D 248 -36.37 15.64 -20.65
CA SER D 248 -35.38 14.98 -19.79
C SER D 248 -33.97 15.36 -20.22
N VAL D 249 -33.08 15.47 -19.24
CA VAL D 249 -31.64 15.29 -19.49
C VAL D 249 -31.31 13.81 -19.64
N SER D 250 -30.31 13.51 -20.46
CA SER D 250 -29.90 12.13 -20.69
C SER D 250 -28.40 12.03 -20.91
N TYR D 251 -27.79 11.00 -20.34
CA TYR D 251 -26.50 10.52 -20.80
C TYR D 251 -26.68 9.31 -21.71
N ASP D 252 -27.49 8.36 -21.24
CA ASP D 252 -27.82 7.15 -22.01
C ASP D 252 -27.16 7.14 -23.39
N GLU D 253 -26.19 6.25 -23.57
CA GLU D 253 -25.78 5.79 -24.89
C GLU D 253 -26.42 6.60 -26.02
N TRP D 254 -25.85 7.76 -26.31
CA TRP D 254 -26.21 8.50 -27.51
C TRP D 254 -25.05 8.59 -28.50
N ASP D 255 -24.04 9.39 -28.15
CA ASP D 255 -22.84 9.49 -28.98
C ASP D 255 -21.65 8.82 -28.29
N TYR D 256 -21.91 8.20 -27.14
CA TYR D 256 -20.85 7.59 -26.34
C TYR D 256 -21.23 6.16 -25.96
N GLY D 257 -20.94 5.22 -26.85
CA GLY D 257 -21.56 3.91 -26.80
C GLY D 257 -20.85 2.97 -25.83
N LEU D 258 -21.39 1.77 -25.68
CA LEU D 258 -20.90 0.83 -24.67
C LEU D 258 -19.45 0.45 -24.94
N PRO D 259 -19.15 -0.01 -26.15
CA PRO D 259 -17.79 -0.41 -26.49
C PRO D 259 -16.77 0.68 -26.22
N ALA D 260 -17.16 1.93 -26.45
CA ALA D 260 -16.31 3.07 -26.15
C ALA D 260 -16.04 3.14 -24.66
N ARG D 261 -17.04 2.76 -23.87
CA ARG D 261 -17.06 3.08 -22.45
C ARG D 261 -16.23 2.09 -21.65
N VAL D 262 -16.40 0.80 -21.94
CA VAL D 262 -15.57 -0.23 -21.32
C VAL D 262 -14.12 -0.04 -21.69
N ARG D 263 -13.88 0.58 -22.85
CA ARG D 263 -12.53 0.97 -23.25
C ARG D 263 -11.98 2.02 -22.29
N ASP D 264 -12.80 3.02 -21.98
CA ASP D 264 -12.38 4.12 -21.13
C ASP D 264 -12.35 3.69 -19.68
N GLY D 265 -13.25 2.77 -19.32
CA GLY D 265 -13.25 2.17 -17.99
C GLY D 265 -11.97 1.41 -17.70
N ILE D 266 -11.58 0.55 -18.63
CA ILE D 266 -10.35 -0.22 -18.49
C ILE D 266 -9.14 0.72 -18.47
N ALA D 267 -9.27 1.84 -19.16
CA ALA D 267 -8.17 2.81 -19.26
C ALA D 267 -8.01 3.55 -17.94
N ILE D 268 -9.13 3.85 -17.30
CA ILE D 268 -9.13 4.61 -16.05
C ILE D 268 -8.50 3.80 -14.92
N ILE D 269 -8.76 2.51 -14.91
CA ILE D 269 -8.30 1.63 -13.83
C ILE D 269 -6.82 1.29 -13.99
N THR D 270 -6.38 1.14 -15.24
CA THR D 270 -4.99 0.79 -15.50
C THR D 270 -4.09 2.02 -15.42
N THR D 271 -4.59 3.14 -15.91
CA THR D 271 -3.88 4.41 -15.78
C THR D 271 -3.71 4.77 -14.32
N ALA D 272 -4.78 4.60 -13.54
CA ALA D 272 -4.74 4.86 -12.10
C ALA D 272 -3.69 4.02 -11.41
N ALA D 273 -3.70 2.71 -11.70
CA ALA D 273 -2.75 1.80 -11.09
C ALA D 273 -1.32 2.15 -11.46
N SER D 274 -1.11 2.49 -12.73
CA SER D 274 0.22 2.83 -13.22
C SER D 274 0.73 4.09 -12.52
N ASP D 275 -0.17 5.05 -12.32
CA ASP D 275 0.21 6.33 -11.73
C ASP D 275 0.62 6.15 -10.27
N MET D 276 -0.01 5.18 -9.61
CA MET D 276 0.31 4.90 -8.20
C MET D 276 1.57 4.05 -8.11
N LEU D 277 1.69 3.05 -8.98
CA LEU D 277 2.85 2.17 -8.99
C LEU D 277 4.12 2.97 -9.25
N SER D 278 4.02 3.95 -10.14
CA SER D 278 5.21 4.67 -10.61
C SER D 278 5.55 5.80 -9.64
N GLU D 279 4.80 5.90 -8.55
CA GLU D 279 5.00 6.97 -7.58
C GLU D 279 5.12 6.44 -6.15
N HIS D 280 4.84 5.15 -5.97
CA HIS D 280 4.93 4.53 -4.65
C HIS D 280 5.55 3.14 -4.74
N SER D 281 5.85 2.70 -5.95
CA SER D 281 6.49 1.41 -6.16
C SER D 281 5.65 0.28 -5.58
N PHE D 282 4.35 0.51 -5.48
CA PHE D 282 3.40 -0.55 -5.13
C PHE D 282 1.97 -0.15 -5.49
N ILE D 283 1.12 -1.15 -5.68
CA ILE D 283 -0.33 -0.94 -5.71
C ILE D 283 -1.03 -1.88 -4.73
N PRO D 284 -2.29 -1.59 -4.41
CA PRO D 284 -3.08 -2.43 -3.52
C PRO D 284 -3.23 -3.86 -4.04
N GLU D 285 -2.93 -4.84 -3.19
CA GLU D 285 -3.17 -6.23 -3.54
C GLU D 285 -4.66 -6.54 -3.54
N PRO D 286 -5.19 -6.94 -4.71
CA PRO D 286 -6.57 -7.41 -4.82
C PRO D 286 -6.98 -8.29 -3.66
N LYS D 287 -8.21 -8.12 -3.18
CA LYS D 287 -8.72 -8.89 -2.05
C LYS D 287 -8.92 -10.34 -2.46
N SER D 288 -8.41 -11.26 -1.63
CA SER D 288 -8.52 -12.69 -1.91
C SER D 288 -9.98 -13.14 -1.85
N SER D 289 -10.74 -12.56 -0.94
CA SER D 289 -12.15 -12.91 -0.78
C SER D 289 -12.91 -11.81 -0.05
N CYS D 290 -14.24 -11.94 -0.02
CA CYS D 290 -15.08 -11.02 0.72
C CYS D 290 -15.44 -11.60 2.09
N TYR D 291 -15.14 -12.88 2.28
CA TYR D 291 -15.50 -13.57 3.51
C TYR D 291 -14.49 -13.30 4.62
N ASN D 292 -13.47 -12.51 4.30
CA ASN D 292 -12.32 -12.34 5.19
C ASN D 292 -11.85 -10.89 5.21
N THR D 293 -12.81 -9.97 5.11
CA THR D 293 -12.47 -8.55 5.01
C THR D 293 -12.58 -7.87 6.38
N HIS D 294 -13.07 -8.62 7.37
CA HIS D 294 -13.04 -8.17 8.76
C HIS D 294 -11.63 -8.25 9.32
N GLU D 295 -10.87 -9.25 8.89
CA GLU D 295 -9.50 -9.43 9.33
C GLU D 295 -8.59 -8.40 8.68
N LYS D 296 -8.55 -8.40 7.35
CA LYS D 296 -7.55 -7.65 6.60
C LYS D 296 -7.83 -6.16 6.63
N ARG D 297 -8.24 -5.67 7.79
CA ARG D 297 -8.79 -4.32 7.91
C ARG D 297 -7.69 -3.27 7.80
N ILE D 298 -6.68 -3.40 8.65
CA ILE D 298 -5.65 -2.37 8.78
C ILE D 298 -4.62 -2.47 7.66
N TYR D 299 -4.81 -3.45 6.78
CA TYR D 299 -3.86 -3.70 5.70
C TYR D 299 -4.36 -3.14 4.39
N GLN D 300 -5.58 -2.60 4.41
CA GLN D 300 -6.24 -2.12 3.20
C GLN D 300 -6.47 -0.61 3.28
N SER D 301 -6.56 0.03 2.13
CA SER D 301 -6.44 1.47 2.05
C SER D 301 -7.39 2.07 1.03
N ASN D 302 -7.73 3.34 1.24
CA ASN D 302 -8.49 4.12 0.26
C ASN D 302 -7.62 4.47 -0.94
N MET D 303 -6.32 4.58 -0.70
CA MET D 303 -5.39 5.06 -1.71
C MET D 303 -5.71 4.45 -3.07
N LEU D 304 -5.37 5.18 -4.13
CA LEU D 304 -5.75 4.78 -5.49
C LEU D 304 -6.88 5.66 -6.01
N ASN D 305 -7.81 6.01 -5.12
CA ASN D 305 -8.81 7.02 -5.42
C ASN D 305 -8.16 8.29 -5.93
N ARG D 306 -7.14 8.76 -5.21
CA ARG D 306 -6.35 9.92 -5.63
C ARG D 306 -6.14 9.92 -7.15
N TYR D 307 -5.93 8.74 -7.71
CA TYR D 307 -5.46 8.61 -9.09
C TYR D 307 -6.61 8.22 -10.01
N LEU D 308 -7.62 7.57 -9.45
CA LEU D 308 -8.75 7.10 -10.23
C LEU D 308 -9.59 8.27 -10.75
N ILE D 309 -9.42 9.43 -10.14
CA ILE D 309 -10.31 10.56 -10.40
C ILE D 309 -9.60 11.65 -11.17
N ASN D 310 -8.42 11.32 -11.71
CA ASN D 310 -7.54 12.32 -12.32
C ASN D 310 -6.93 11.80 -13.62
N VAL D 311 -7.65 10.92 -14.30
CA VAL D 311 -7.11 10.23 -15.47
C VAL D 311 -7.37 11.00 -16.75
N THR D 312 -6.31 11.25 -17.52
CA THR D 312 -6.45 11.71 -18.90
C THR D 312 -5.97 10.64 -19.86
N PHE D 313 -6.79 10.33 -20.86
CA PHE D 313 -6.49 9.25 -21.80
C PHE D 313 -6.94 9.61 -23.20
N GLU D 314 -6.03 9.46 -24.17
CA GLU D 314 -6.34 9.75 -25.56
C GLU D 314 -6.81 11.18 -25.72
N GLY D 315 -6.22 12.09 -24.96
CA GLY D 315 -6.44 13.52 -25.14
C GLY D 315 -7.64 14.01 -24.37
N ARG D 316 -8.33 13.10 -23.70
CA ARG D 316 -9.60 13.42 -23.05
C ARG D 316 -9.42 13.45 -21.54
N ASP D 317 -10.10 14.39 -20.88
CA ASP D 317 -10.13 14.46 -19.43
C ASP D 317 -11.24 13.57 -18.87
N LEU D 318 -10.87 12.35 -18.45
CA LEU D 318 -11.84 11.39 -17.95
C LEU D 318 -11.99 11.50 -16.43
N SER D 319 -11.60 12.65 -15.89
CA SER D 319 -11.59 12.86 -14.45
C SER D 319 -12.95 12.49 -13.85
N PHE D 320 -12.95 12.14 -12.56
CA PHE D 320 -14.18 12.03 -11.80
C PHE D 320 -14.26 13.14 -10.76
N SER D 321 -15.39 13.20 -10.05
CA SER D 321 -15.54 14.13 -8.93
C SER D 321 -15.38 13.39 -7.61
N GLU D 322 -15.21 14.16 -6.53
CA GLU D 322 -15.17 13.60 -5.20
C GLU D 322 -16.40 12.73 -4.93
N ASP D 323 -17.54 13.19 -5.44
CA ASP D 323 -18.82 12.54 -5.16
C ASP D 323 -19.07 11.40 -6.14
N GLY D 324 -18.17 11.23 -7.10
CA GLY D 324 -18.08 9.99 -7.86
C GLY D 324 -18.85 10.07 -9.17
N TYR D 325 -18.96 11.27 -9.72
CA TYR D 325 -19.57 11.47 -11.03
C TYR D 325 -18.52 11.88 -12.05
N GLN D 326 -18.86 11.75 -13.32
CA GLN D 326 -18.02 12.28 -14.39
C GLN D 326 -18.03 13.81 -14.37
N MET D 327 -16.86 14.41 -14.58
CA MET D 327 -16.70 15.84 -14.43
C MET D 327 -17.26 16.59 -15.63
N HIS D 328 -16.95 16.10 -16.82
CA HIS D 328 -17.31 16.80 -18.05
C HIS D 328 -18.03 15.88 -19.01
N PRO D 329 -19.27 15.49 -18.66
CA PRO D 329 -20.10 14.65 -19.51
C PRO D 329 -20.79 15.46 -20.60
N LYS D 330 -20.82 14.93 -21.81
CA LYS D 330 -21.64 15.50 -22.88
C LYS D 330 -23.10 15.06 -22.72
N LEU D 331 -23.97 16.03 -22.43
CA LEU D 331 -25.35 15.74 -22.06
C LEU D 331 -26.30 16.04 -23.21
N VAL D 332 -27.35 15.23 -23.33
CA VAL D 332 -28.32 15.38 -24.40
C VAL D 332 -29.71 15.63 -23.81
N ILE D 333 -30.32 16.74 -24.20
CA ILE D 333 -31.70 17.02 -23.81
C ILE D 333 -32.68 16.34 -24.77
N ILE D 334 -33.52 15.47 -24.23
CA ILE D 334 -34.42 14.67 -25.05
C ILE D 334 -35.87 15.01 -24.74
N LEU D 335 -36.76 14.68 -25.67
CA LEU D 335 -38.16 15.07 -25.57
C LEU D 335 -39.06 13.95 -26.08
N LEU D 336 -40.00 13.54 -25.23
CA LEU D 336 -40.91 12.45 -25.57
C LEU D 336 -42.04 12.95 -26.46
N ASN D 337 -42.05 12.50 -27.71
CA ASN D 337 -42.91 13.09 -28.72
C ASN D 337 -44.22 12.32 -28.84
N LYS D 338 -45.05 12.71 -29.80
CA LYS D 338 -46.42 12.23 -29.87
C LYS D 338 -46.46 10.78 -30.38
N GLU D 339 -45.36 10.35 -31.00
CA GLU D 339 -45.24 8.97 -31.45
C GLU D 339 -44.56 8.11 -30.39
N ARG D 340 -44.43 8.64 -29.18
CA ARG D 340 -44.00 7.86 -28.02
C ARG D 340 -42.54 7.45 -28.14
N LYS D 341 -41.78 8.23 -28.91
CA LYS D 341 -40.34 8.02 -29.02
C LYS D 341 -39.58 9.20 -28.42
N TRP D 342 -38.45 8.91 -27.79
CA TRP D 342 -37.59 9.97 -27.27
C TRP D 342 -36.76 10.59 -28.38
N GLU D 343 -36.85 11.91 -28.52
CA GLU D 343 -36.20 12.60 -29.62
C GLU D 343 -35.25 13.69 -29.11
N ARG D 344 -34.11 13.84 -29.78
CA ARG D 344 -33.09 14.79 -29.35
C ARG D 344 -33.48 16.21 -29.72
N VAL D 345 -33.19 17.15 -28.82
CA VAL D 345 -33.84 18.45 -28.84
C VAL D 345 -32.85 19.54 -28.41
N GLY D 346 -31.76 19.13 -27.76
CA GLY D 346 -30.70 20.05 -27.36
C GLY D 346 -29.44 19.34 -26.93
N LYS D 347 -28.33 20.07 -26.93
CA LYS D 347 -27.07 19.56 -26.40
C LYS D 347 -26.59 20.44 -25.26
N TRP D 348 -25.92 19.85 -24.27
CA TRP D 348 -25.20 20.60 -23.26
C TRP D 348 -23.72 20.24 -23.28
N LYS D 349 -22.87 21.23 -23.57
CA LYS D 349 -21.46 20.99 -23.85
C LYS D 349 -20.63 22.22 -23.46
N ASP D 350 -19.79 22.07 -22.45
CA ASP D 350 -18.90 23.15 -22.02
C ASP D 350 -19.71 24.28 -21.39
N LYS D 351 -20.55 23.93 -20.42
CA LYS D 351 -21.25 24.93 -19.61
C LYS D 351 -22.21 25.75 -20.48
N SER D 352 -22.24 25.44 -21.77
CA SER D 352 -23.15 26.11 -22.69
C SER D 352 -24.29 25.18 -23.09
N LEU D 353 -25.51 25.72 -23.14
CA LEU D 353 -26.65 24.99 -23.67
C LEU D 353 -27.04 25.51 -25.05
N GLN D 354 -27.00 24.63 -26.03
CA GLN D 354 -27.50 24.94 -27.37
C GLN D 354 -28.77 24.13 -27.65
N MET D 355 -29.91 24.82 -27.65
CA MET D 355 -31.20 24.18 -27.89
C MET D 355 -31.55 24.23 -29.37
N LYS D 356 -32.43 23.32 -29.79
CA LYS D 356 -32.78 23.19 -31.21
C LYS D 356 -33.87 24.19 -31.58
N TYR D 357 -34.95 24.19 -30.82
CA TYR D 357 -36.00 25.19 -30.98
C TYR D 357 -35.66 26.44 -30.17
N TYR D 358 -36.10 27.61 -30.66
CA TYR D 358 -36.10 28.81 -29.84
C TYR D 358 -37.52 29.26 -29.50
N VAL D 359 -38.50 28.70 -30.20
CA VAL D 359 -39.88 28.70 -29.72
C VAL D 359 -40.35 27.28 -29.46
N TRP D 360 -40.70 27.00 -28.20
CA TRP D 360 -40.87 25.63 -27.75
C TRP D 360 -42.14 25.02 -28.33
N PRO D 361 -42.03 23.82 -28.92
CA PRO D 361 -43.11 23.23 -29.70
C PRO D 361 -44.25 22.71 -28.83
N ARG D 362 -45.41 22.49 -29.43
CA ARG D 362 -46.56 21.96 -28.72
C ARG D 362 -46.85 20.52 -29.12
N MET D 363 -46.87 19.63 -28.12
CA MET D 363 -46.93 18.19 -28.39
C MET D 363 -48.37 17.69 -28.27
#